data_4JX6
#
_entry.id   4JX6
#
_cell.length_a   84.809
_cell.length_b   157.280
_cell.length_c   245.885
_cell.angle_alpha   90.00
_cell.angle_beta   90.00
_cell.angle_gamma   90.00
#
_symmetry.space_group_name_H-M   'P 21 21 21'
#
loop_
_entity.id
_entity.type
_entity.pdbx_description
1 polymer 'Pyruvate carboxylase'
2 non-polymer 'PYRUVIC ACID'
3 non-polymer 'ZINC ION'
4 non-polymer 'MAGNESIUM ION'
5 non-polymer GLYCEROL
6 water water
#
_entity_poly.entity_id   1
_entity_poly.type   'polypeptide(L)'
_entity_poly.pdbx_seq_one_letter_code
;MGSSHHHHHHHHDYDIPTSENLYFQGLLHQQVKRQDRATKLLTYLADVTVNGHPEAKDRPKPLENAARPVVPYANGNGVK
DGTKQLLDTLGPKKFGEWMRNEKRVLLTDTTMRDGHQSLLATRMRTYDIARIAGTYSHALPNLLSLECWGGATFDVSMRF
LTEDPWERLALIREGAPNLLLQMLLRGANGVGATNYPDNVVKYFVRQAAKGGIDLFRVFDCLNWVENMRVSMDAIAEENK
LCEAAICYTGDILNSARPKYDLKYYTNLAVELEKAGAHIIAV(KCX)DMAGLLKPAAAKVLFKALREATGLPIHFHTHDT
SGIAAATVLAAVEAGVDAVDAAMDALSGNTSQPCLGSIVEALSGSERDPGLDPAWIRRISFYWEAVRNQYAAFESDLKGP
ASEVYLHEMPGGQFTNLKEQARSLGLETRWHQVAQAYADANQMFGDIVKVTPSSKVVGDMALMMVSQDLTVADVVSPDRE
VSFPESVVSMLKGDLGQPPSGWPEALQKKALKGEKPYTVRPGSLLKEADLDAERKVIEKKLEREVSDFEFASYLMYPKVF
TDFALASDTYGPVSVLPTPAYFYGLADGEELFADIEKGKTLVIVNQAVSATDSQGMVTVFFELNGQPRRIKVPDRA
;
_entity_poly.pdbx_strand_id   A,B,C,D
#
loop_
_chem_comp.id
_chem_comp.type
_chem_comp.name
_chem_comp.formula
GOL non-polymer GLYCEROL 'C3 H8 O3'
MG non-polymer 'MAGNESIUM ION' 'Mg 2'
PYR non-polymer 'PYRUVIC ACID' 'C3 H4 O3'
ZN non-polymer 'ZINC ION' 'Zn 2'
#
# COMPACT_ATOMS: atom_id res chain seq x y z
N ASP A 36 37.98 15.14 11.70
CA ASP A 36 36.86 16.15 11.64
C ASP A 36 36.31 16.41 10.24
N ARG A 37 37.16 16.51 9.22
CA ARG A 37 36.65 16.55 7.85
C ARG A 37 35.87 15.26 7.55
N ALA A 38 36.48 14.10 7.85
CA ALA A 38 35.75 12.82 7.77
C ALA A 38 34.43 12.87 8.56
N THR A 39 34.47 13.39 9.78
CA THR A 39 33.26 13.47 10.58
C THR A 39 32.19 14.30 9.90
N LYS A 40 32.57 15.48 9.45
CA LYS A 40 31.65 16.39 8.79
C LYS A 40 31.05 15.79 7.51
N LEU A 41 31.90 15.16 6.69
CA LEU A 41 31.41 14.49 5.49
C LEU A 41 30.39 13.40 5.82
N LEU A 42 30.75 12.52 6.75
CA LEU A 42 29.83 11.46 7.17
C LEU A 42 28.50 12.08 7.61
N THR A 43 28.54 13.18 8.37
CA THR A 43 27.30 13.83 8.79
C THR A 43 26.46 14.29 7.60
N TYR A 44 27.10 14.88 6.59
CA TYR A 44 26.38 15.15 5.35
C TYR A 44 25.81 13.86 4.72
N LEU A 45 26.62 12.82 4.65
CA LEU A 45 26.16 11.59 4.00
C LEU A 45 24.97 10.99 4.74
N ALA A 46 25.06 10.97 6.07
CA ALA A 46 23.95 10.56 6.92
C ALA A 46 22.70 11.39 6.63
N ASP A 47 22.83 12.70 6.58
CA ASP A 47 21.67 13.57 6.35
C ASP A 47 20.95 13.27 5.04
N VAL A 48 21.70 13.21 3.96
CA VAL A 48 21.09 13.00 2.66
C VAL A 48 20.60 11.54 2.53
N THR A 49 21.34 10.61 3.12
CA THR A 49 20.89 9.21 3.13
C THR A 49 19.52 9.12 3.75
N VAL A 50 19.36 9.82 4.87
CA VAL A 50 18.13 9.79 5.63
C VAL A 50 17.06 10.71 5.10
N ASN A 51 17.39 11.94 4.67
CA ASN A 51 16.35 12.93 4.33
C ASN A 51 16.23 13.38 2.87
N GLY A 52 17.11 12.85 2.00
CA GLY A 52 17.15 13.24 0.58
C GLY A 52 17.90 14.53 0.33
N HIS A 53 18.14 14.88 -0.92
CA HIS A 53 18.59 16.23 -1.28
C HIS A 53 17.36 17.05 -1.65
N PRO A 54 17.22 18.27 -1.07
CA PRO A 54 16.02 19.07 -1.28
C PRO A 54 15.77 19.32 -2.77
N GLU A 55 16.84 19.42 -3.53
CA GLU A 55 16.74 19.72 -4.95
C GLU A 55 16.49 18.48 -5.81
N ALA A 56 16.40 17.31 -5.21
CA ALA A 56 16.35 16.09 -6.01
C ALA A 56 15.31 15.09 -5.56
N LYS A 57 14.76 15.30 -4.37
CA LYS A 57 14.04 14.18 -3.79
C LYS A 57 12.69 13.94 -4.45
N ASP A 58 12.16 14.95 -5.14
CA ASP A 58 10.83 14.80 -5.72
C ASP A 58 10.86 14.96 -7.23
N ARG A 59 12.00 14.64 -7.84
CA ARG A 59 12.21 14.73 -9.28
C ARG A 59 12.63 13.34 -9.75
N PRO A 60 12.66 13.09 -11.09
CA PRO A 60 13.07 11.74 -11.58
C PRO A 60 14.41 11.25 -11.02
N LYS A 61 14.58 9.97 -10.83
CA LYS A 61 15.89 9.43 -10.38
C LYS A 61 16.69 8.93 -11.59
N PRO A 62 18.03 8.86 -11.48
CA PRO A 62 18.76 8.24 -12.62
C PRO A 62 18.49 6.74 -12.74
N LEU A 63 18.71 6.18 -13.92
CA LEU A 63 18.51 4.71 -14.13
C LEU A 63 19.44 3.91 -13.20
N GLU A 64 18.85 3.06 -12.33
CA GLU A 64 19.58 2.14 -11.41
C GLU A 64 20.81 1.47 -12.06
N ASN A 65 20.69 1.20 -13.37
CA ASN A 65 21.80 0.87 -14.30
C ASN A 65 23.14 1.60 -13.99
N ALA A 66 23.20 2.89 -14.35
CA ALA A 66 24.19 3.88 -13.83
C ALA A 66 25.66 3.45 -13.83
N ALA A 67 26.23 3.41 -15.04
CA ALA A 67 27.67 3.31 -15.22
C ALA A 67 28.35 4.61 -14.76
N ARG A 68 29.22 4.52 -13.76
CA ARG A 68 30.06 5.66 -13.36
C ARG A 68 30.76 6.28 -14.58
N PRO A 69 30.75 7.61 -14.69
CA PRO A 69 31.50 8.21 -15.80
C PRO A 69 33.00 7.87 -15.68
N VAL A 70 33.63 7.49 -16.78
CA VAL A 70 35.01 6.99 -16.79
C VAL A 70 35.89 7.97 -17.58
N VAL A 71 36.91 8.52 -16.92
CA VAL A 71 37.81 9.44 -17.61
C VAL A 71 38.52 8.61 -18.68
N PRO A 72 38.56 9.11 -19.93
CA PRO A 72 39.24 8.38 -21.00
C PRO A 72 40.74 8.24 -20.78
N TYR A 73 41.26 7.05 -21.10
CA TYR A 73 42.70 6.73 -21.12
C TYR A 73 43.42 7.63 -22.14
N ALA A 74 44.57 8.21 -21.78
CA ALA A 74 45.28 9.12 -22.72
C ALA A 74 46.53 8.53 -23.36
N ASN A 75 46.76 8.90 -24.62
CA ASN A 75 47.98 8.56 -25.37
C ASN A 75 49.19 8.38 -24.44
N GLY A 76 49.58 9.45 -23.76
CA GLY A 76 50.71 9.41 -22.83
C GLY A 76 51.82 10.42 -23.12
N ASN A 77 51.64 11.23 -24.15
CA ASN A 77 52.54 12.34 -24.45
C ASN A 77 52.20 13.59 -23.62
N GLY A 78 53.18 14.49 -23.44
CA GLY A 78 52.98 15.76 -22.70
C GLY A 78 51.90 16.71 -23.24
N VAL A 79 51.77 17.87 -22.60
CA VAL A 79 50.82 18.90 -23.03
C VAL A 79 51.48 19.95 -23.92
N LYS A 80 50.95 20.09 -25.13
CA LYS A 80 51.42 21.08 -26.10
C LYS A 80 50.94 22.48 -25.65
N ASP A 81 51.83 23.47 -25.75
CA ASP A 81 51.49 24.86 -25.51
C ASP A 81 50.30 25.18 -26.37
N GLY A 82 49.26 25.75 -25.75
CA GLY A 82 48.12 26.27 -26.48
C GLY A 82 48.02 27.76 -26.22
N THR A 83 46.80 28.30 -26.28
CA THR A 83 46.56 29.75 -26.18
C THR A 83 46.93 30.43 -24.85
N LYS A 84 46.85 29.71 -23.73
CA LYS A 84 47.29 30.28 -22.45
C LYS A 84 48.79 30.68 -22.56
N GLN A 85 49.58 29.83 -23.20
CA GLN A 85 50.97 30.19 -23.44
C GLN A 85 51.11 31.44 -24.29
N LEU A 86 50.44 31.50 -25.44
CA LEU A 86 50.51 32.69 -26.30
C LEU A 86 50.12 33.98 -25.58
N LEU A 87 49.01 33.95 -24.84
CA LEU A 87 48.52 35.12 -24.12
C LEU A 87 49.54 35.63 -23.12
N ASP A 88 50.12 34.71 -22.37
CA ASP A 88 51.15 35.08 -21.42
C ASP A 88 52.33 35.79 -22.10
N THR A 89 52.80 35.25 -23.23
CA THR A 89 53.96 35.85 -23.86
C THR A 89 53.59 37.13 -24.65
N LEU A 90 52.46 37.15 -25.35
CA LEU A 90 52.10 38.30 -26.19
C LEU A 90 51.30 39.45 -25.54
N GLY A 91 50.49 39.15 -24.53
CA GLY A 91 49.62 40.16 -23.93
C GLY A 91 48.30 40.26 -24.68
N PRO A 92 47.25 40.78 -24.03
CA PRO A 92 45.93 40.75 -24.68
C PRO A 92 45.83 41.47 -26.06
N LYS A 93 46.34 42.69 -26.18
CA LYS A 93 46.25 43.45 -27.43
C LYS A 93 46.79 42.67 -28.65
N LYS A 94 48.03 42.19 -28.55
CA LYS A 94 48.65 41.43 -29.65
C LYS A 94 48.07 40.00 -29.83
N PHE A 95 47.54 39.40 -28.77
CA PHE A 95 46.90 38.10 -28.89
C PHE A 95 45.64 38.19 -29.75
N GLY A 96 44.85 39.25 -29.52
CA GLY A 96 43.77 39.62 -30.43
C GLY A 96 44.25 39.70 -31.88
N GLU A 97 45.40 40.33 -32.10
CA GLU A 97 46.02 40.38 -33.41
C GLU A 97 46.28 38.98 -33.94
N TRP A 98 46.91 38.12 -33.14
CA TRP A 98 47.13 36.74 -33.51
C TRP A 98 45.84 36.04 -33.87
N MET A 99 44.77 36.27 -33.12
CA MET A 99 43.45 35.71 -33.42
C MET A 99 42.99 36.09 -34.82
N ARG A 100 43.14 37.37 -35.16
CA ARG A 100 42.64 37.90 -36.42
C ARG A 100 43.39 37.29 -37.60
N ASN A 101 44.71 37.20 -37.48
CA ASN A 101 45.57 36.69 -38.54
C ASN A 101 45.47 35.19 -38.75
N GLU A 102 44.76 34.51 -37.86
CA GLU A 102 44.75 33.06 -37.87
C GLU A 102 43.73 32.54 -38.90
N LYS A 103 44.25 31.80 -39.89
CA LYS A 103 43.44 31.22 -40.98
C LYS A 103 42.40 30.18 -40.48
N ARG A 104 42.80 29.30 -39.57
CA ARG A 104 41.86 28.36 -38.98
C ARG A 104 40.80 29.10 -38.17
N VAL A 105 39.64 28.46 -38.03
CA VAL A 105 38.64 28.96 -37.11
C VAL A 105 38.96 28.46 -35.69
N LEU A 106 38.75 29.33 -34.71
CA LEU A 106 39.07 29.01 -33.33
C LEU A 106 37.78 28.70 -32.61
N LEU A 107 37.78 27.58 -31.88
CA LEU A 107 36.62 27.13 -31.09
C LEU A 107 36.74 27.45 -29.60
N THR A 108 35.61 27.75 -28.99
CA THR A 108 35.44 27.79 -27.55
C THR A 108 34.37 26.73 -27.24
N ASP A 109 34.70 25.90 -26.24
CA ASP A 109 33.82 24.87 -25.71
C ASP A 109 33.04 25.46 -24.51
N THR A 110 31.72 25.28 -24.53
CA THR A 110 30.82 25.91 -23.58
C THR A 110 30.18 24.87 -22.65
N THR A 111 30.56 23.61 -22.88
CA THR A 111 30.01 22.48 -22.14
C THR A 111 30.08 22.70 -20.64
N MET A 112 31.17 23.30 -20.18
CA MET A 112 31.45 23.43 -18.76
C MET A 112 30.67 24.57 -18.12
N ARG A 113 30.04 25.41 -18.94
CA ARG A 113 29.19 26.49 -18.44
C ARG A 113 27.86 26.54 -19.19
N ASP A 114 27.79 27.18 -20.35
CA ASP A 114 26.45 27.44 -20.95
C ASP A 114 25.65 26.15 -21.23
N GLY A 115 26.38 25.12 -21.70
CA GLY A 115 25.84 23.80 -21.95
C GLY A 115 24.89 23.35 -20.86
N HIS A 116 25.38 23.24 -19.63
CA HIS A 116 24.54 22.73 -18.56
C HIS A 116 23.68 23.79 -17.92
N GLN A 117 24.00 25.06 -18.13
CA GLN A 117 23.05 26.11 -17.77
C GLN A 117 21.76 25.97 -18.59
N SER A 118 21.84 25.54 -19.85
CA SER A 118 20.62 25.48 -20.62
C SER A 118 19.87 24.18 -20.50
N LEU A 119 20.55 23.14 -20.04
CA LEU A 119 19.99 21.82 -20.20
C LEU A 119 19.83 21.12 -18.85
N LEU A 120 20.61 21.49 -17.83
CA LEU A 120 20.54 20.85 -16.52
C LEU A 120 20.37 21.85 -15.35
N ALA A 121 19.71 22.98 -15.62
CA ALA A 121 19.54 24.07 -14.63
C ALA A 121 20.83 24.41 -13.90
N THR A 122 21.95 24.36 -14.63
CA THR A 122 23.26 24.75 -14.10
C THR A 122 23.74 23.89 -12.94
N ARG A 123 23.23 22.66 -12.86
CA ARG A 123 23.48 21.81 -11.67
C ARG A 123 24.73 20.96 -11.71
N MET A 124 25.46 21.02 -12.81
CA MET A 124 26.66 20.22 -12.97
C MET A 124 27.70 20.59 -11.88
N ARG A 125 28.36 19.55 -11.38
CA ARG A 125 29.18 19.60 -10.17
C ARG A 125 30.68 19.59 -10.50
N THR A 126 31.42 20.33 -9.68
CA THR A 126 32.86 20.41 -9.75
C THR A 126 33.52 19.06 -9.93
N TYR A 127 33.05 18.06 -9.18
CA TYR A 127 33.59 16.72 -9.27
C TYR A 127 33.69 16.31 -10.74
N ASP A 128 32.58 16.46 -11.47
CA ASP A 128 32.48 15.97 -12.85
C ASP A 128 33.21 16.83 -13.86
N ILE A 129 33.13 18.16 -13.67
CA ILE A 129 33.90 19.15 -14.45
C ILE A 129 35.44 19.02 -14.33
N ALA A 130 35.99 19.31 -13.13
CA ALA A 130 37.42 19.10 -12.87
C ALA A 130 38.04 17.82 -13.48
N ARG A 131 37.31 16.72 -13.48
CA ARG A 131 37.89 15.42 -13.77
C ARG A 131 38.29 15.26 -15.24
N ILE A 132 37.68 16.09 -16.09
CA ILE A 132 37.89 16.04 -17.51
C ILE A 132 38.86 17.17 -17.99
N ALA A 133 39.06 18.19 -17.13
CA ALA A 133 39.92 19.33 -17.53
C ALA A 133 41.25 18.91 -18.09
N GLY A 134 41.77 17.78 -17.61
CA GLY A 134 43.07 17.29 -18.06
C GLY A 134 42.99 16.65 -19.42
N THR A 135 41.85 16.07 -19.74
CA THR A 135 41.69 15.40 -21.04
C THR A 135 41.58 16.43 -22.18
N TYR A 136 40.87 17.53 -21.96
CA TYR A 136 40.87 18.61 -22.93
C TYR A 136 42.32 19.06 -23.17
N SER A 137 43.08 19.08 -22.09
CA SER A 137 44.42 19.60 -22.06
C SER A 137 45.39 18.74 -22.89
N HIS A 138 45.34 17.42 -22.71
CA HIS A 138 46.14 16.49 -23.51
C HIS A 138 45.59 16.28 -24.90
N ALA A 139 44.26 16.24 -25.03
CA ALA A 139 43.60 15.82 -26.27
C ALA A 139 43.22 16.93 -27.28
N LEU A 140 42.70 18.05 -26.82
CA LEU A 140 42.36 19.13 -27.73
C LEU A 140 43.22 20.37 -27.47
N PRO A 141 44.55 20.29 -27.70
CA PRO A 141 45.37 21.47 -27.39
C PRO A 141 45.08 22.72 -28.24
N ASN A 142 44.33 22.57 -29.34
CA ASN A 142 44.12 23.69 -30.25
C ASN A 142 42.98 24.60 -29.85
N LEU A 143 42.29 24.28 -28.75
CA LEU A 143 41.12 25.09 -28.33
C LEU A 143 41.52 26.50 -28.01
N LEU A 144 40.66 27.45 -28.30
CA LEU A 144 40.93 28.81 -27.87
C LEU A 144 40.67 28.89 -26.37
N SER A 145 39.49 28.44 -25.96
CA SER A 145 39.13 28.53 -24.57
C SER A 145 38.13 27.48 -24.09
N LEU A 146 38.09 27.30 -22.79
CA LEU A 146 36.99 26.65 -22.10
C LEU A 146 36.13 27.74 -21.46
N GLU A 147 34.86 27.83 -21.87
CA GLU A 147 33.92 28.69 -21.15
C GLU A 147 33.56 27.85 -19.97
N CYS A 148 33.96 28.32 -18.79
CA CYS A 148 33.74 27.52 -17.60
C CYS A 148 33.36 28.29 -16.36
N TRP A 149 32.98 29.54 -16.48
CA TRP A 149 32.77 30.27 -15.23
C TRP A 149 31.87 31.43 -15.49
N GLY A 150 31.38 32.04 -14.43
CA GLY A 150 30.34 33.07 -14.56
C GLY A 150 29.00 32.49 -14.96
N GLY A 151 28.16 33.27 -15.63
CA GLY A 151 26.83 32.81 -15.90
C GLY A 151 26.13 32.52 -14.57
N ALA A 152 25.31 31.48 -14.57
CA ALA A 152 24.54 31.11 -13.40
C ALA A 152 25.37 30.22 -12.47
N THR A 153 26.55 29.78 -12.92
CA THR A 153 27.40 28.91 -12.09
C THR A 153 27.81 29.52 -10.74
N PHE A 154 28.11 30.81 -10.67
CA PHE A 154 28.64 31.40 -9.44
C PHE A 154 27.59 31.28 -8.33
N ASP A 155 26.40 31.71 -8.65
CA ASP A 155 25.24 31.62 -7.82
C ASP A 155 24.95 30.18 -7.38
N VAL A 156 24.75 29.32 -8.38
CA VAL A 156 24.16 28.01 -8.21
C VAL A 156 25.12 27.05 -7.54
N SER A 157 26.41 27.21 -7.83
CA SER A 157 27.43 26.38 -7.24
C SER A 157 27.29 26.37 -5.73
N MET A 158 27.33 27.56 -5.09
CA MET A 158 27.13 27.69 -3.63
C MET A 158 25.71 27.30 -3.24
N ARG A 159 24.72 27.88 -3.90
CA ARG A 159 23.32 27.78 -3.46
C ARG A 159 22.69 26.39 -3.58
N PHE A 160 22.90 25.71 -4.71
CA PHE A 160 22.24 24.43 -4.94
C PHE A 160 23.18 23.26 -4.92
N LEU A 161 24.48 23.52 -4.94
CA LEU A 161 25.43 22.40 -4.86
C LEU A 161 26.37 22.44 -3.63
N THR A 162 26.16 23.40 -2.74
CA THR A 162 27.00 23.49 -1.54
C THR A 162 28.51 23.46 -1.88
N GLU A 163 28.92 24.12 -2.97
CA GLU A 163 30.31 24.13 -3.35
C GLU A 163 30.81 25.49 -3.83
N ASP A 164 32.13 25.69 -3.76
CA ASP A 164 32.78 27.00 -4.00
C ASP A 164 33.21 27.17 -5.45
N PRO A 165 32.74 28.25 -6.09
CA PRO A 165 33.09 28.51 -7.50
C PRO A 165 34.59 28.80 -7.69
N TRP A 166 35.22 29.41 -6.69
CA TRP A 166 36.66 29.68 -6.72
C TRP A 166 37.48 28.41 -6.77
N GLU A 167 37.14 27.46 -5.88
CA GLU A 167 37.70 26.11 -5.88
C GLU A 167 37.55 25.43 -7.26
N ARG A 168 36.37 25.60 -7.87
CA ARG A 168 36.12 24.93 -9.11
C ARG A 168 37.04 25.47 -10.20
N LEU A 169 37.05 26.78 -10.31
CA LEU A 169 37.94 27.45 -11.25
C LEU A 169 39.40 27.02 -10.96
N ALA A 170 39.82 27.09 -9.70
CA ALA A 170 41.17 26.66 -9.34
C ALA A 170 41.45 25.25 -9.85
N LEU A 171 40.48 24.33 -9.68
CA LEU A 171 40.72 22.96 -10.12
C LEU A 171 40.91 22.85 -11.64
N ILE A 172 40.02 23.53 -12.39
CA ILE A 172 40.10 23.58 -13.87
C ILE A 172 41.45 24.16 -14.30
N ARG A 173 41.84 25.28 -13.71
CA ARG A 173 43.16 25.89 -13.97
C ARG A 173 44.31 24.88 -13.95
N GLU A 174 44.35 24.04 -12.90
CA GLU A 174 45.45 23.11 -12.75
C GLU A 174 45.30 21.96 -13.74
N GLY A 175 44.07 21.69 -14.17
CA GLY A 175 43.83 20.61 -15.13
C GLY A 175 44.32 20.94 -16.53
N ALA A 176 44.12 22.19 -16.94
CA ALA A 176 44.31 22.62 -18.31
C ALA A 176 45.14 23.90 -18.37
N PRO A 177 46.41 23.81 -18.00
CA PRO A 177 47.35 24.93 -18.02
C PRO A 177 47.70 25.49 -19.41
N ASN A 178 47.19 24.89 -20.48
CA ASN A 178 47.56 25.36 -21.81
C ASN A 178 46.42 26.01 -22.60
N LEU A 179 45.24 26.02 -22.00
CA LEU A 179 44.07 26.61 -22.63
C LEU A 179 43.55 27.83 -21.86
N LEU A 180 43.02 28.81 -22.58
CA LEU A 180 42.42 29.96 -21.94
C LEU A 180 41.20 29.51 -21.21
N LEU A 181 41.04 29.97 -19.97
CA LEU A 181 39.79 29.79 -19.23
C LEU A 181 38.96 31.04 -19.39
N GLN A 182 37.69 30.86 -19.75
CA GLN A 182 36.81 31.97 -20.17
C GLN A 182 35.57 32.08 -19.29
N MET A 183 35.21 33.31 -18.94
CA MET A 183 34.01 33.55 -18.17
C MET A 183 33.01 34.47 -18.92
N LEU A 184 31.80 34.51 -18.42
CA LEU A 184 30.83 35.44 -18.92
C LEU A 184 30.63 36.44 -17.78
N LEU A 185 30.86 37.71 -18.09
CA LEU A 185 30.82 38.78 -17.09
C LEU A 185 29.74 39.75 -17.43
N ARG A 186 28.90 40.05 -16.44
CA ARG A 186 27.81 41.00 -16.62
C ARG A 186 28.36 42.38 -16.33
N GLY A 187 28.42 43.22 -17.37
CA GLY A 187 29.10 44.50 -17.26
C GLY A 187 28.75 45.36 -16.05
N ALA A 188 27.47 45.46 -15.73
CA ALA A 188 27.05 46.29 -14.61
C ALA A 188 26.99 45.50 -13.31
N ASN A 189 27.04 44.18 -13.42
CA ASN A 189 26.71 43.29 -12.30
C ASN A 189 27.91 42.50 -11.75
N GLY A 190 28.90 42.30 -12.62
CA GLY A 190 29.90 41.29 -12.38
C GLY A 190 29.23 39.95 -12.58
N VAL A 191 28.92 39.28 -11.47
CA VAL A 191 28.20 38.01 -11.50
C VAL A 191 26.95 38.12 -10.63
N GLY A 192 26.80 39.26 -9.92
CA GLY A 192 25.67 39.51 -9.00
C GLY A 192 24.26 39.58 -9.64
N ALA A 193 23.26 39.85 -8.80
CA ALA A 193 21.89 39.88 -9.26
C ALA A 193 21.43 41.31 -9.37
N THR A 194 22.25 42.23 -8.90
CA THR A 194 21.83 43.64 -8.90
C THR A 194 22.93 44.54 -9.46
N ASN A 195 22.81 45.86 -9.22
CA ASN A 195 23.86 46.79 -9.57
C ASN A 195 24.76 46.95 -8.34
N TYR A 196 26.03 47.29 -8.57
CA TYR A 196 27.00 47.48 -7.49
C TYR A 196 27.84 48.74 -7.72
N PRO A 197 28.34 49.36 -6.63
CA PRO A 197 29.25 50.47 -6.88
C PRO A 197 30.47 49.98 -7.70
N ASP A 198 31.08 50.89 -8.45
CA ASP A 198 32.17 50.55 -9.34
C ASP A 198 33.42 49.95 -8.64
N ASN A 199 33.72 50.38 -7.41
CA ASN A 199 34.82 49.75 -6.68
C ASN A 199 34.59 48.24 -6.51
N VAL A 200 33.36 47.86 -6.17
CA VAL A 200 32.97 46.46 -6.01
C VAL A 200 33.09 45.67 -7.34
N VAL A 201 32.66 46.27 -8.44
CA VAL A 201 32.81 45.65 -9.74
C VAL A 201 34.30 45.45 -10.10
N LYS A 202 35.10 46.49 -9.92
CA LYS A 202 36.55 46.45 -10.20
C LYS A 202 37.22 45.45 -9.27
N TYR A 203 36.70 45.35 -8.05
CA TYR A 203 37.23 44.41 -7.07
C TYR A 203 36.94 42.97 -7.47
N PHE A 204 35.70 42.69 -7.87
CA PHE A 204 35.39 41.34 -8.25
C PHE A 204 36.30 40.95 -9.43
N VAL A 205 36.46 41.86 -10.38
CA VAL A 205 37.22 41.55 -11.59
C VAL A 205 38.67 41.29 -11.22
N ARG A 206 39.20 42.04 -10.24
CA ARG A 206 40.56 41.76 -9.74
C ARG A 206 40.67 40.30 -9.26
N GLN A 207 39.69 39.84 -8.47
CA GLN A 207 39.71 38.48 -7.92
C GLN A 207 39.55 37.38 -8.98
N ALA A 208 38.57 37.56 -9.89
CA ALA A 208 38.39 36.66 -11.03
C ALA A 208 39.66 36.41 -11.88
N ALA A 209 40.43 37.48 -12.12
CA ALA A 209 41.68 37.41 -12.88
C ALA A 209 42.75 36.65 -12.10
N LYS A 210 42.80 36.90 -10.79
CA LYS A 210 43.77 36.27 -9.92
C LYS A 210 43.44 34.78 -9.77
N GLY A 211 42.14 34.46 -9.73
CA GLY A 211 41.69 33.09 -9.60
C GLY A 211 41.89 32.22 -10.83
N GLY A 212 42.14 32.83 -11.98
CA GLY A 212 42.49 32.05 -13.15
C GLY A 212 41.73 32.31 -14.44
N ILE A 213 40.91 33.36 -14.49
CA ILE A 213 40.25 33.75 -15.76
C ILE A 213 41.20 34.48 -16.73
N ASP A 214 41.27 34.03 -17.97
CA ASP A 214 42.07 34.72 -18.99
C ASP A 214 41.21 35.57 -19.94
N LEU A 215 40.00 35.08 -20.26
CA LEU A 215 39.14 35.72 -21.26
C LEU A 215 37.79 36.10 -20.68
N PHE A 216 37.49 37.40 -20.63
CA PHE A 216 36.20 37.89 -20.11
C PHE A 216 35.26 38.30 -21.23
N ARG A 217 34.13 37.60 -21.39
CA ARG A 217 33.10 38.08 -22.30
C ARG A 217 32.20 39.00 -21.50
N VAL A 218 32.28 40.27 -21.79
CA VAL A 218 31.49 41.23 -21.05
C VAL A 218 30.36 41.81 -21.94
N PHE A 219 29.17 41.94 -21.36
CA PHE A 219 28.00 42.41 -22.08
C PHE A 219 27.12 43.25 -21.18
N ASP A 220 26.43 44.23 -21.80
CA ASP A 220 25.37 44.96 -21.16
C ASP A 220 24.07 44.52 -21.80
N CYS A 221 22.99 44.51 -21.01
CA CYS A 221 21.72 43.95 -21.50
C CYS A 221 20.94 44.89 -22.37
N LEU A 222 21.32 46.16 -22.40
CA LEU A 222 20.73 47.06 -23.37
C LEU A 222 21.72 47.49 -24.44
N ASN A 223 22.74 46.67 -24.71
CA ASN A 223 23.91 47.10 -25.48
C ASN A 223 24.41 48.53 -25.23
N TRP A 224 24.46 48.99 -23.98
CA TRP A 224 24.82 50.35 -23.64
C TRP A 224 26.30 50.48 -23.36
N VAL A 225 27.04 51.01 -24.30
CA VAL A 225 28.49 51.10 -24.15
C VAL A 225 28.92 51.87 -22.90
N GLU A 226 28.18 52.91 -22.51
CA GLU A 226 28.53 53.67 -21.29
C GLU A 226 28.50 52.77 -20.06
N ASN A 227 27.63 51.77 -20.07
CA ASN A 227 27.48 50.85 -18.95
C ASN A 227 28.51 49.70 -18.97
N MET A 228 29.41 49.70 -19.96
CA MET A 228 30.46 48.67 -20.03
C MET A 228 31.87 49.19 -19.66
N ARG A 229 32.01 50.51 -19.66
CA ARG A 229 33.29 51.17 -19.51
C ARG A 229 34.04 50.71 -18.23
N VAL A 230 33.40 50.85 -17.07
CA VAL A 230 34.01 50.41 -15.82
C VAL A 230 34.61 48.99 -15.89
N SER A 231 33.86 48.04 -16.41
CA SER A 231 34.28 46.64 -16.50
C SER A 231 35.39 46.41 -17.53
N MET A 232 35.20 46.99 -18.71
CA MET A 232 36.17 46.90 -19.79
C MET A 232 37.50 47.51 -19.35
N ASP A 233 37.43 48.54 -18.50
CA ASP A 233 38.64 49.12 -17.98
C ASP A 233 39.33 48.19 -17.00
N ALA A 234 38.53 47.57 -16.14
CA ALA A 234 39.06 46.71 -15.09
C ALA A 234 39.80 45.53 -15.71
N ILE A 235 39.16 44.87 -16.69
CA ILE A 235 39.80 43.75 -17.40
C ILE A 235 41.17 44.15 -17.95
N ALA A 236 41.23 45.27 -18.66
CA ALA A 236 42.50 45.76 -19.18
C ALA A 236 43.53 45.98 -18.07
N GLU A 237 43.07 46.57 -16.97
CA GLU A 237 43.93 46.92 -15.85
C GLU A 237 44.57 45.65 -15.31
N GLU A 238 43.85 44.54 -15.33
CA GLU A 238 44.36 43.23 -14.94
C GLU A 238 45.23 42.54 -15.99
N ASN A 239 45.39 43.21 -17.13
CA ASN A 239 46.14 42.69 -18.29
C ASN A 239 45.53 41.36 -18.75
N LYS A 240 44.22 41.38 -18.98
CA LYS A 240 43.45 40.18 -19.39
C LYS A 240 42.65 40.46 -20.64
N LEU A 241 42.21 39.42 -21.35
CA LEU A 241 41.41 39.60 -22.57
C LEU A 241 40.05 40.17 -22.24
N CYS A 242 39.79 41.35 -22.81
CA CYS A 242 38.47 41.96 -22.77
C CYS A 242 37.73 41.70 -24.08
N GLU A 243 36.83 40.71 -24.04
CA GLU A 243 35.94 40.42 -25.18
C GLU A 243 34.61 41.11 -24.94
N ALA A 244 34.47 42.30 -25.54
CA ALA A 244 33.27 43.12 -25.45
C ALA A 244 32.19 42.59 -26.41
N ALA A 245 30.98 42.40 -25.86
CA ALA A 245 29.89 41.73 -26.58
C ALA A 245 28.80 42.69 -27.06
N ILE A 246 28.36 42.44 -28.28
CA ILE A 246 27.18 43.10 -28.82
C ILE A 246 26.14 42.00 -28.91
N CYS A 247 24.99 42.24 -28.27
CA CYS A 247 23.90 41.26 -28.24
C CYS A 247 23.10 41.38 -29.49
N TYR A 248 22.78 40.23 -30.09
CA TYR A 248 21.99 40.19 -31.33
C TYR A 248 20.51 40.04 -31.05
N THR A 249 19.71 40.78 -31.80
CA THR A 249 18.27 40.75 -31.65
C THR A 249 17.63 41.13 -33.00
N GLY A 250 16.32 40.93 -33.16
CA GLY A 250 15.64 41.10 -34.42
C GLY A 250 16.29 40.37 -35.61
N ASP A 251 16.31 41.10 -36.72
CA ASP A 251 16.68 40.54 -38.00
C ASP A 251 17.29 41.69 -38.83
N ILE A 252 18.59 41.67 -39.06
CA ILE A 252 19.18 42.72 -39.90
C ILE A 252 18.68 42.68 -41.34
N LEU A 253 18.16 41.54 -41.80
CA LEU A 253 17.78 41.46 -43.21
C LEU A 253 16.30 41.82 -43.45
N ASN A 254 15.61 42.20 -42.39
CA ASN A 254 14.19 42.48 -42.45
C ASN A 254 13.93 43.96 -42.27
N SER A 255 13.58 44.62 -43.38
CA SER A 255 13.46 46.09 -43.40
C SER A 255 12.19 46.59 -42.73
N ALA A 256 11.31 45.67 -42.35
CA ALA A 256 10.14 46.04 -41.57
C ALA A 256 10.49 46.35 -40.09
N ARG A 257 11.75 46.15 -39.71
CA ARG A 257 12.16 46.21 -38.31
C ARG A 257 13.49 46.95 -38.13
N PRO A 258 13.57 48.20 -38.62
CA PRO A 258 14.89 48.82 -38.81
C PRO A 258 15.70 49.15 -37.56
N LYS A 259 15.10 49.07 -36.38
CA LYS A 259 15.74 49.57 -35.18
C LYS A 259 17.10 48.89 -35.00
N TYR A 260 17.19 47.63 -35.43
CA TYR A 260 18.40 46.85 -35.26
C TYR A 260 18.92 46.42 -36.63
N ASP A 261 19.38 47.39 -37.39
CA ASP A 261 19.85 47.08 -38.73
C ASP A 261 21.33 46.76 -38.72
N LEU A 262 21.89 46.53 -39.90
CA LEU A 262 23.34 46.27 -40.00
C LEU A 262 24.22 47.33 -39.31
N LYS A 263 23.98 48.63 -39.55
CA LYS A 263 24.86 49.66 -39.02
C LYS A 263 24.72 49.85 -37.50
N TYR A 264 23.58 49.50 -36.94
CA TYR A 264 23.49 49.37 -35.48
C TYR A 264 24.68 48.58 -34.91
N TYR A 265 24.97 47.44 -35.56
CA TYR A 265 25.99 46.53 -35.10
C TYR A 265 27.39 47.02 -35.42
N THR A 266 27.62 47.54 -36.63
CA THR A 266 28.98 48.00 -36.94
C THR A 266 29.37 49.27 -36.18
N ASN A 267 28.41 50.14 -35.89
CA ASN A 267 28.72 51.29 -35.04
C ASN A 267 29.14 50.89 -33.62
N LEU A 268 28.43 49.95 -33.00
CA LEU A 268 28.77 49.49 -31.67
C LEU A 268 30.15 48.85 -31.63
N ALA A 269 30.43 48.01 -32.64
CA ALA A 269 31.78 47.42 -32.80
C ALA A 269 32.86 48.51 -32.85
N VAL A 270 32.59 49.61 -33.54
CA VAL A 270 33.54 50.73 -33.60
C VAL A 270 33.65 51.39 -32.23
N GLU A 271 32.51 51.71 -31.62
CA GLU A 271 32.52 52.27 -30.26
C GLU A 271 33.35 51.41 -29.30
N LEU A 272 33.06 50.10 -29.22
CA LEU A 272 33.74 49.23 -28.27
C LEU A 272 35.23 49.13 -28.54
N GLU A 273 35.61 49.19 -29.81
CA GLU A 273 37.01 49.31 -30.12
C GLU A 273 37.53 50.56 -29.44
N LYS A 274 36.85 51.71 -29.61
CA LYS A 274 37.28 52.96 -28.95
C LYS A 274 37.32 52.75 -27.44
N ALA A 275 36.36 52.00 -26.90
CA ALA A 275 36.33 51.68 -25.47
C ALA A 275 37.47 50.76 -24.98
N GLY A 276 38.33 50.32 -25.90
CA GLY A 276 39.50 49.50 -25.58
C GLY A 276 39.26 48.01 -25.49
N ALA A 277 38.38 47.49 -26.32
CA ALA A 277 38.20 46.05 -26.43
C ALA A 277 39.39 45.39 -27.09
N HIS A 278 39.73 44.18 -26.70
CA HIS A 278 40.71 43.36 -27.43
C HIS A 278 40.06 42.45 -28.40
N ILE A 279 38.80 42.10 -28.15
CA ILE A 279 38.06 41.17 -28.99
C ILE A 279 36.60 41.66 -29.04
N ILE A 280 35.93 41.47 -30.18
CA ILE A 280 34.53 41.75 -30.25
C ILE A 280 33.76 40.44 -30.39
N ALA A 281 32.66 40.34 -29.64
CA ALA A 281 31.77 39.20 -29.67
C ALA A 281 30.40 39.61 -30.16
N VAL A 282 29.77 38.73 -30.93
CA VAL A 282 28.33 38.81 -31.23
C VAL A 282 27.74 37.74 -30.30
N KCX A 283 26.96 38.15 -29.32
CA KCX A 283 26.38 37.23 -28.35
CB KCX A 283 26.60 37.82 -26.97
CG KCX A 283 25.66 37.37 -25.87
CD KCX A 283 26.34 37.05 -24.53
CE KCX A 283 25.35 36.92 -23.38
NZ KCX A 283 24.91 35.61 -22.88
C KCX A 283 24.94 37.07 -28.77
O KCX A 283 24.11 37.96 -28.54
CX KCX A 283 25.03 34.31 -23.27
OQ1 KCX A 283 25.62 33.89 -24.25
OQ2 KCX A 283 24.45 33.37 -22.50
N ASP A 284 24.65 35.97 -29.46
CA ASP A 284 23.32 35.72 -29.94
C ASP A 284 22.56 34.89 -28.90
N MET A 285 22.14 35.55 -27.80
CA MET A 285 21.60 34.85 -26.64
C MET A 285 20.39 33.96 -26.84
N ALA A 286 19.56 34.28 -27.85
CA ALA A 286 18.41 33.42 -28.21
C ALA A 286 18.56 32.74 -29.56
N GLY A 287 19.73 32.78 -30.17
CA GLY A 287 19.88 32.07 -31.47
C GLY A 287 18.95 32.61 -32.57
N LEU A 288 19.08 33.90 -32.87
CA LEU A 288 18.15 34.57 -33.76
C LEU A 288 18.90 34.85 -35.02
N LEU A 289 20.21 34.96 -34.92
CA LEU A 289 20.99 35.11 -36.13
C LEU A 289 20.64 33.98 -37.12
N LYS A 290 20.20 34.36 -38.33
CA LYS A 290 19.99 33.39 -39.41
C LYS A 290 21.21 33.31 -40.34
N PRO A 291 21.40 32.19 -41.05
CA PRO A 291 22.61 32.06 -41.92
C PRO A 291 22.87 33.24 -42.89
N ALA A 292 21.86 33.61 -43.67
CA ALA A 292 21.97 34.70 -44.63
C ALA A 292 22.45 35.95 -43.95
N ALA A 293 21.96 36.19 -42.73
CA ALA A 293 22.32 37.36 -41.96
C ALA A 293 23.78 37.27 -41.54
N ALA A 294 24.19 36.10 -41.07
CA ALA A 294 25.57 35.84 -40.67
C ALA A 294 26.57 36.22 -41.77
N LYS A 295 26.25 35.88 -43.02
CA LYS A 295 27.17 36.05 -44.15
C LYS A 295 27.39 37.53 -44.37
N VAL A 296 26.31 38.30 -44.22
CA VAL A 296 26.34 39.75 -44.29
C VAL A 296 27.02 40.34 -43.04
N LEU A 297 26.54 39.96 -41.86
CA LEU A 297 27.04 40.56 -40.61
C LEU A 297 28.54 40.44 -40.43
N PHE A 298 29.06 39.23 -40.54
CA PHE A 298 30.48 39.01 -40.26
C PHE A 298 31.41 39.57 -41.34
N LYS A 299 30.93 39.62 -42.58
CA LYS A 299 31.67 40.25 -43.65
C LYS A 299 31.77 41.75 -43.33
N ALA A 300 30.66 42.34 -42.87
CA ALA A 300 30.63 43.76 -42.51
C ALA A 300 31.48 44.08 -41.28
N LEU A 301 31.36 43.25 -40.24
CA LEU A 301 32.06 43.49 -38.97
C LEU A 301 33.59 43.50 -39.11
N ARG A 302 34.13 42.61 -39.95
CA ARG A 302 35.58 42.58 -40.20
C ARG A 302 36.06 43.69 -41.16
N GLU A 303 35.14 44.56 -41.58
CA GLU A 303 35.50 45.79 -42.27
C GLU A 303 35.33 47.02 -41.36
N ALA A 304 34.45 46.95 -40.37
CA ALA A 304 34.29 48.06 -39.43
C ALA A 304 35.35 48.10 -38.33
N THR A 305 35.93 46.95 -37.98
CA THR A 305 37.02 46.91 -37.00
C THR A 305 38.12 45.94 -37.39
N GLY A 306 39.32 46.19 -36.92
CA GLY A 306 40.43 45.26 -37.11
C GLY A 306 40.50 44.19 -36.02
N LEU A 307 39.78 44.43 -34.92
CA LEU A 307 39.71 43.47 -33.81
C LEU A 307 39.17 42.12 -34.29
N PRO A 308 39.57 41.02 -33.61
CA PRO A 308 38.94 39.76 -34.00
C PRO A 308 37.49 39.69 -33.55
N ILE A 309 36.72 38.81 -34.18
CA ILE A 309 35.31 38.65 -33.91
C ILE A 309 35.06 37.22 -33.46
N HIS A 310 34.24 37.07 -32.42
CA HIS A 310 33.97 35.79 -31.75
C HIS A 310 32.46 35.60 -31.69
N PHE A 311 31.92 34.46 -32.15
CA PHE A 311 30.44 34.30 -32.30
C PHE A 311 29.81 33.24 -31.38
N HIS A 312 28.91 33.67 -30.49
CA HIS A 312 28.20 32.79 -29.58
C HIS A 312 26.73 32.69 -29.93
N THR A 313 26.16 31.49 -29.98
CA THR A 313 24.75 31.34 -30.36
C THR A 313 24.07 30.15 -29.66
N HIS A 314 22.78 29.94 -29.92
CA HIS A 314 21.99 28.88 -29.25
C HIS A 314 21.19 28.15 -30.28
N ASP A 315 20.92 26.86 -30.07
CA ASP A 315 20.38 26.03 -31.12
C ASP A 315 18.90 25.81 -31.00
N THR A 316 18.21 26.75 -30.44
CA THR A 316 16.81 26.59 -30.21
C THR A 316 16.12 26.45 -31.57
N SER A 317 16.49 27.28 -32.56
CA SER A 317 15.92 27.15 -33.92
C SER A 317 16.16 25.73 -34.48
N GLY A 318 17.24 25.11 -34.06
CA GLY A 318 17.54 23.82 -34.61
C GLY A 318 18.28 23.95 -35.92
N ILE A 319 18.62 25.20 -36.26
CA ILE A 319 19.46 25.54 -37.39
C ILE A 319 20.74 26.33 -37.05
N ALA A 320 21.06 26.55 -35.78
CA ALA A 320 22.23 27.39 -35.47
C ALA A 320 23.54 26.88 -36.11
N ALA A 321 23.76 25.58 -36.13
CA ALA A 321 24.95 25.06 -36.82
C ALA A 321 25.08 25.63 -38.24
N ALA A 322 23.95 25.79 -38.92
CA ALA A 322 23.93 26.44 -40.25
C ALA A 322 24.55 27.85 -40.21
N THR A 323 24.03 28.70 -39.32
CA THR A 323 24.51 30.05 -39.07
C THR A 323 26.00 30.09 -38.71
N VAL A 324 26.37 29.31 -37.70
CA VAL A 324 27.77 29.16 -37.31
C VAL A 324 28.63 28.81 -38.53
N LEU A 325 28.19 27.86 -39.35
CA LEU A 325 29.03 27.46 -40.50
C LEU A 325 29.12 28.59 -41.52
N ALA A 326 28.06 29.39 -41.60
CA ALA A 326 28.09 30.58 -42.43
C ALA A 326 29.05 31.66 -41.83
N ALA A 327 28.99 31.89 -40.52
CA ALA A 327 29.93 32.82 -39.88
C ALA A 327 31.37 32.44 -40.21
N VAL A 328 31.61 31.13 -40.32
CA VAL A 328 32.94 30.66 -40.66
C VAL A 328 33.24 30.98 -42.12
N GLU A 329 32.32 30.67 -43.05
CA GLU A 329 32.60 30.97 -44.48
C GLU A 329 32.89 32.45 -44.66
N ALA A 330 32.28 33.27 -43.79
CA ALA A 330 32.32 34.71 -43.92
C ALA A 330 33.53 35.32 -43.25
N GLY A 331 34.30 34.49 -42.54
CA GLY A 331 35.61 34.90 -42.01
C GLY A 331 35.75 35.11 -40.50
N VAL A 332 34.71 34.78 -39.74
CA VAL A 332 34.77 35.00 -38.31
C VAL A 332 35.97 34.27 -37.66
N ASP A 333 36.47 34.81 -36.55
CA ASP A 333 37.72 34.35 -36.01
C ASP A 333 37.53 33.21 -35.04
N ALA A 334 36.47 33.29 -34.25
CA ALA A 334 36.16 32.27 -33.27
C ALA A 334 34.67 32.04 -33.22
N VAL A 335 34.26 30.82 -32.90
CA VAL A 335 32.84 30.48 -32.61
C VAL A 335 32.78 29.55 -31.43
N ASP A 336 31.69 29.62 -30.65
CA ASP A 336 31.39 28.72 -29.50
C ASP A 336 30.59 27.48 -29.93
N ALA A 337 30.88 26.34 -29.34
CA ALA A 337 30.04 25.16 -29.51
C ALA A 337 30.10 24.28 -28.27
N ALA A 338 29.11 23.40 -28.12
CA ALA A 338 29.04 22.52 -26.93
C ALA A 338 29.21 21.08 -27.34
N MET A 339 29.97 20.34 -26.55
CA MET A 339 30.13 18.91 -26.74
C MET A 339 28.82 18.22 -27.13
N ASP A 340 28.88 17.29 -28.08
CA ASP A 340 27.67 16.69 -28.65
C ASP A 340 26.60 16.33 -27.64
N ALA A 341 27.02 15.66 -26.55
CA ALA A 341 26.14 15.10 -25.53
C ALA A 341 25.53 16.17 -24.65
N LEU A 342 25.86 17.43 -24.93
CA LEU A 342 25.19 18.54 -24.28
C LEU A 342 24.90 19.70 -25.26
N SER A 343 24.69 19.36 -26.53
CA SER A 343 24.38 20.31 -27.59
C SER A 343 22.94 20.16 -28.13
N GLY A 344 22.55 21.04 -29.03
CA GLY A 344 21.19 21.04 -29.55
C GLY A 344 20.22 21.85 -28.68
N ASN A 345 19.05 22.17 -29.23
CA ASN A 345 18.02 22.92 -28.51
C ASN A 345 18.62 24.10 -27.79
N THR A 346 18.34 24.30 -26.51
CA THR A 346 18.61 25.62 -25.96
C THR A 346 20.07 25.79 -25.61
N SER A 347 20.86 24.77 -25.94
CA SER A 347 22.31 24.78 -25.79
C SER A 347 23.01 25.40 -27.01
N GLN A 348 24.34 25.26 -27.09
CA GLN A 348 25.09 25.56 -28.33
C GLN A 348 24.81 24.47 -29.32
N PRO A 349 25.00 24.77 -30.60
CA PRO A 349 25.01 23.71 -31.60
C PRO A 349 26.12 22.70 -31.32
N CYS A 350 25.90 21.49 -31.80
CA CYS A 350 26.85 20.37 -31.69
C CYS A 350 28.28 20.67 -32.13
N LEU A 351 29.20 20.60 -31.18
CA LEU A 351 30.62 20.83 -31.43
C LEU A 351 31.24 19.79 -32.37
N GLY A 352 31.02 18.52 -32.09
CA GLY A 352 31.62 17.46 -32.91
C GLY A 352 31.25 17.60 -34.37
N SER A 353 29.96 17.91 -34.63
CA SER A 353 29.44 17.99 -36.02
C SER A 353 29.83 19.26 -36.76
N ILE A 354 29.81 20.41 -36.07
CA ILE A 354 30.44 21.59 -36.67
C ILE A 354 31.86 21.26 -37.21
N VAL A 355 32.69 20.64 -36.37
CA VAL A 355 34.09 20.36 -36.71
C VAL A 355 34.20 19.43 -37.92
N GLU A 356 33.40 18.36 -37.91
CA GLU A 356 33.44 17.36 -38.97
C GLU A 356 33.10 17.98 -40.32
N ALA A 357 32.23 18.99 -40.29
CA ALA A 357 31.89 19.70 -41.52
C ALA A 357 32.99 20.69 -41.97
N LEU A 358 33.99 20.96 -41.13
CA LEU A 358 35.04 21.89 -41.55
C LEU A 358 36.29 21.12 -42.01
N SER A 359 36.18 19.81 -41.95
CA SER A 359 37.31 18.94 -41.95
C SER A 359 37.84 18.78 -43.38
N GLY A 360 39.02 19.36 -43.62
CA GLY A 360 39.58 19.39 -44.94
C GLY A 360 39.42 20.73 -45.63
N SER A 361 38.59 21.60 -45.07
CA SER A 361 38.44 22.94 -45.62
C SER A 361 39.60 23.84 -45.25
N GLU A 362 39.73 24.95 -45.99
CA GLU A 362 40.76 25.98 -45.78
C GLU A 362 40.84 26.43 -44.32
N ARG A 363 39.70 26.42 -43.63
CA ARG A 363 39.62 26.91 -42.27
C ARG A 363 39.39 25.80 -41.26
N ASP A 364 39.65 24.55 -41.69
CA ASP A 364 39.67 23.42 -40.77
C ASP A 364 40.35 23.79 -39.44
N PRO A 365 39.60 23.68 -38.33
CA PRO A 365 40.02 24.13 -37.01
C PRO A 365 41.05 23.22 -36.35
N GLY A 366 41.38 22.11 -37.04
CA GLY A 366 42.38 21.14 -36.58
C GLY A 366 42.17 20.52 -35.21
N LEU A 367 41.00 19.92 -34.97
CA LEU A 367 40.72 19.23 -33.71
C LEU A 367 40.27 17.82 -33.99
N ASP A 368 40.86 16.86 -33.30
CA ASP A 368 40.65 15.44 -33.54
C ASP A 368 39.24 15.00 -33.14
N PRO A 369 38.43 14.48 -34.10
CA PRO A 369 37.01 14.16 -33.83
C PRO A 369 36.86 12.97 -32.91
N ALA A 370 37.66 11.93 -33.14
CA ALA A 370 37.71 10.76 -32.25
C ALA A 370 37.84 11.19 -30.78
N TRP A 371 38.63 12.22 -30.53
CA TRP A 371 38.79 12.74 -29.19
C TRP A 371 37.63 13.60 -28.76
N ILE A 372 37.06 14.34 -29.70
CA ILE A 372 35.83 15.05 -29.38
C ILE A 372 34.73 14.05 -28.98
N ARG A 373 34.67 12.92 -29.69
CA ARG A 373 33.62 11.92 -29.41
C ARG A 373 33.84 11.15 -28.12
N ARG A 374 35.10 10.82 -27.83
CA ARG A 374 35.50 10.23 -26.54
C ARG A 374 35.12 11.15 -25.34
N ILE A 375 35.47 12.44 -25.42
CA ILE A 375 35.10 13.39 -24.38
C ILE A 375 33.57 13.51 -24.27
N SER A 376 32.89 13.56 -25.43
CA SER A 376 31.43 13.59 -25.44
C SER A 376 30.90 12.37 -24.71
N PHE A 377 31.48 11.20 -24.94
CA PHE A 377 30.99 10.00 -24.24
C PHE A 377 31.01 10.15 -22.72
N TYR A 378 32.08 10.73 -22.17
CA TYR A 378 32.22 10.98 -20.74
C TYR A 378 31.07 11.91 -20.26
N TRP A 379 30.89 13.02 -20.99
CA TRP A 379 29.79 13.92 -20.77
C TRP A 379 28.44 13.27 -20.81
N GLU A 380 28.31 12.23 -21.64
CA GLU A 380 27.04 11.52 -21.75
C GLU A 380 26.78 10.83 -20.43
N ALA A 381 27.74 10.00 -20.01
CA ALA A 381 27.69 9.34 -18.70
C ALA A 381 27.50 10.34 -17.54
N VAL A 382 28.17 11.47 -17.63
CA VAL A 382 28.09 12.45 -16.57
C VAL A 382 26.65 12.92 -16.48
N ARG A 383 26.10 13.26 -17.65
CA ARG A 383 24.76 13.82 -17.71
C ARG A 383 23.68 12.86 -17.18
N ASN A 384 23.82 11.56 -17.42
CA ASN A 384 22.80 10.62 -16.91
C ASN A 384 22.54 10.73 -15.41
N GLN A 385 23.56 11.14 -14.66
CA GLN A 385 23.46 11.26 -13.21
C GLN A 385 22.51 12.39 -12.81
N TYR A 386 22.13 13.22 -13.78
CA TYR A 386 21.44 14.46 -13.53
C TYR A 386 20.01 14.44 -14.02
N ALA A 387 19.50 13.22 -14.23
CA ALA A 387 18.11 13.01 -14.65
C ALA A 387 17.17 13.96 -13.92
N ALA A 388 17.39 14.16 -12.60
CA ALA A 388 16.54 15.04 -11.80
C ALA A 388 16.29 16.42 -12.42
N PHE A 389 17.22 16.89 -13.26
CA PHE A 389 17.23 18.27 -13.75
C PHE A 389 17.03 18.44 -15.26
N GLU A 390 16.64 17.36 -15.93
CA GLU A 390 16.33 17.40 -17.34
C GLU A 390 15.02 18.15 -17.53
N SER A 391 14.94 19.03 -18.54
CA SER A 391 13.64 19.62 -18.92
C SER A 391 12.82 18.62 -19.72
N ASP A 392 11.70 19.10 -20.27
CA ASP A 392 10.78 18.24 -21.02
C ASP A 392 10.70 18.71 -22.46
N LEU A 393 11.69 19.49 -22.83
CA LEU A 393 11.75 20.10 -24.14
C LEU A 393 12.16 19.07 -25.22
N LYS A 394 11.38 18.98 -26.30
CA LYS A 394 11.49 17.87 -27.26
C LYS A 394 12.41 18.07 -28.49
N GLY A 395 12.54 19.29 -28.99
CA GLY A 395 13.39 19.56 -30.17
C GLY A 395 13.30 21.02 -30.61
N PRO A 396 13.68 21.29 -31.88
CA PRO A 396 13.80 22.68 -32.40
C PRO A 396 12.48 23.40 -32.29
N ALA A 397 12.47 24.73 -32.28
CA ALA A 397 11.21 25.47 -32.34
C ALA A 397 11.35 26.80 -33.07
N SER A 398 10.86 26.89 -34.31
CA SER A 398 10.87 28.19 -35.00
C SER A 398 10.09 29.27 -34.23
N GLU A 399 9.29 28.84 -33.25
CA GLU A 399 8.68 29.77 -32.29
C GLU A 399 9.70 30.74 -31.70
N VAL A 400 10.98 30.36 -31.63
CA VAL A 400 11.98 31.26 -31.02
C VAL A 400 12.01 32.63 -31.73
N TYR A 401 11.91 32.58 -33.06
CA TYR A 401 11.94 33.77 -33.90
C TYR A 401 10.78 34.68 -33.53
N LEU A 402 9.79 34.15 -32.84
CA LEU A 402 8.67 34.95 -32.37
C LEU A 402 8.87 35.53 -30.99
N HIS A 403 9.21 34.70 -30.00
CA HIS A 403 9.38 35.20 -28.65
C HIS A 403 10.73 35.80 -28.30
N GLU A 404 11.78 35.34 -28.94
CA GLU A 404 13.12 35.87 -28.65
C GLU A 404 13.57 35.68 -27.20
N MET A 405 13.08 34.62 -26.55
CA MET A 405 13.45 34.32 -25.15
C MET A 405 14.82 33.74 -25.22
N PRO A 406 15.79 34.28 -24.46
CA PRO A 406 17.13 33.69 -24.51
C PRO A 406 17.10 32.19 -24.22
N GLY A 407 17.93 31.40 -24.91
CA GLY A 407 18.05 29.96 -24.61
C GLY A 407 18.10 29.62 -23.13
N GLY A 408 18.98 30.28 -22.37
CA GLY A 408 18.98 30.16 -20.92
C GLY A 408 17.73 30.58 -20.13
N GLN A 409 16.75 31.23 -20.75
CA GLN A 409 15.59 31.68 -19.98
C GLN A 409 14.46 30.71 -20.14
N PHE A 410 14.53 29.98 -21.24
CA PHE A 410 13.35 29.37 -21.79
C PHE A 410 12.65 28.42 -20.83
N THR A 411 13.40 27.45 -20.29
CA THR A 411 12.93 26.42 -19.36
C THR A 411 12.50 26.98 -17.98
N ASN A 412 13.28 27.91 -17.45
CA ASN A 412 12.95 28.58 -16.21
C ASN A 412 11.61 29.26 -16.37
N LEU A 413 11.41 29.91 -17.52
CA LEU A 413 10.22 30.72 -17.66
C LEU A 413 9.05 29.76 -17.84
N LYS A 414 9.31 28.66 -18.54
CA LYS A 414 8.27 27.65 -18.73
C LYS A 414 7.85 27.04 -17.38
N GLU A 415 8.81 26.76 -16.49
CA GLU A 415 8.52 26.30 -15.12
C GLU A 415 7.77 27.34 -14.28
N GLN A 416 8.20 28.58 -14.38
CA GLN A 416 7.57 29.61 -13.61
C GLN A 416 6.12 29.70 -14.06
N ALA A 417 5.87 29.47 -15.32
CA ALA A 417 4.47 29.50 -15.79
C ALA A 417 3.69 28.32 -15.22
N ARG A 418 4.34 27.16 -15.14
CA ARG A 418 3.69 25.99 -14.52
C ARG A 418 3.27 26.31 -13.06
N SER A 419 4.20 26.91 -12.32
CA SER A 419 4.04 27.40 -10.98
C SER A 419 2.79 28.18 -10.78
N LEU A 420 2.42 28.98 -11.77
CA LEU A 420 1.31 29.94 -11.69
C LEU A 420 0.05 29.36 -12.34
N GLY A 421 0.17 28.11 -12.79
CA GLY A 421 -0.94 27.35 -13.34
C GLY A 421 -1.24 27.77 -14.76
N LEU A 422 -0.25 28.36 -15.42
CA LEU A 422 -0.41 28.71 -16.81
C LEU A 422 0.26 27.69 -17.77
N GLU A 423 0.49 26.45 -17.31
CA GLU A 423 1.09 25.44 -18.20
C GLU A 423 0.35 25.27 -19.52
N THR A 424 -0.97 25.08 -19.46
CA THR A 424 -1.70 24.90 -20.69
C THR A 424 -1.67 26.14 -21.54
N ARG A 425 -1.29 27.27 -20.97
CA ARG A 425 -1.31 28.54 -21.71
C ARG A 425 0.09 29.06 -22.07
N TRP A 426 1.03 28.13 -22.25
CA TRP A 426 2.42 28.50 -22.50
C TRP A 426 2.56 29.35 -23.77
N HIS A 427 1.89 28.94 -24.85
CA HIS A 427 2.00 29.66 -26.11
C HIS A 427 1.48 31.09 -26.01
N GLN A 428 0.48 31.29 -25.18
CA GLN A 428 -0.01 32.65 -24.87
C GLN A 428 1.01 33.47 -24.10
N VAL A 429 1.64 32.90 -23.08
CA VAL A 429 2.83 33.51 -22.48
C VAL A 429 3.93 33.90 -23.51
N ALA A 430 4.31 32.97 -24.40
CA ALA A 430 5.29 33.26 -25.47
C ALA A 430 4.85 34.41 -26.37
N GLN A 431 3.57 34.43 -26.76
CA GLN A 431 3.06 35.59 -27.45
C GLN A 431 3.15 36.84 -26.55
N ALA A 432 2.82 36.70 -25.26
CA ALA A 432 2.68 37.93 -24.50
C ALA A 432 4.05 38.56 -24.30
N TYR A 433 5.07 37.71 -24.35
CA TYR A 433 6.46 38.12 -24.19
C TYR A 433 6.85 38.89 -25.42
N ALA A 434 6.39 38.44 -26.60
CA ALA A 434 6.70 39.14 -27.86
C ALA A 434 6.00 40.47 -27.85
N ASP A 435 4.74 40.49 -27.41
CA ASP A 435 3.97 41.72 -27.25
C ASP A 435 4.58 42.67 -26.23
N ALA A 436 5.00 42.13 -25.10
CA ALA A 436 5.66 42.90 -24.03
C ALA A 436 6.89 43.63 -24.54
N ASN A 437 7.68 42.92 -25.35
CA ASN A 437 8.91 43.42 -25.88
C ASN A 437 8.68 44.63 -26.79
N GLN A 438 7.66 44.53 -27.64
CA GLN A 438 7.30 45.57 -28.55
C GLN A 438 6.73 46.72 -27.74
N MET A 439 5.89 46.40 -26.77
CA MET A 439 5.38 47.42 -25.87
C MET A 439 6.49 48.22 -25.21
N PHE A 440 7.57 47.57 -24.79
CA PHE A 440 8.64 48.28 -24.11
C PHE A 440 9.48 49.14 -25.07
N GLY A 441 9.26 48.97 -26.38
CA GLY A 441 9.96 49.74 -27.43
C GLY A 441 10.84 48.91 -28.33
N ASP A 442 10.72 47.58 -28.25
CA ASP A 442 11.60 46.62 -28.93
C ASP A 442 13.03 46.65 -28.37
N ILE A 443 13.21 45.96 -27.24
CA ILE A 443 14.49 46.03 -26.53
C ILE A 443 15.30 44.73 -26.67
N VAL A 444 16.60 44.83 -26.43
CA VAL A 444 17.47 43.67 -26.21
C VAL A 444 17.10 42.95 -24.91
N LYS A 445 16.70 41.67 -25.03
CA LYS A 445 16.26 40.86 -23.88
C LYS A 445 17.30 39.82 -23.47
N VAL A 446 17.87 40.00 -22.27
CA VAL A 446 18.98 39.17 -21.77
C VAL A 446 19.23 39.63 -20.32
N THR A 447 19.79 38.82 -19.43
CA THR A 447 19.76 39.21 -17.99
C THR A 447 20.38 40.59 -17.68
N PRO A 448 19.67 41.42 -16.92
CA PRO A 448 18.36 41.11 -16.40
C PRO A 448 17.16 41.64 -17.22
N SER A 449 17.38 42.29 -18.35
CA SER A 449 16.24 42.87 -19.07
C SER A 449 15.17 41.81 -19.41
N SER A 450 15.60 40.59 -19.70
CA SER A 450 14.71 39.51 -20.07
C SER A 450 13.92 38.97 -18.89
N LYS A 451 14.46 39.10 -17.70
CA LYS A 451 13.66 38.79 -16.53
C LYS A 451 12.48 39.77 -16.50
N VAL A 452 12.72 41.04 -16.87
CA VAL A 452 11.62 42.03 -16.83
C VAL A 452 10.48 41.67 -17.80
N VAL A 453 10.84 41.29 -19.01
CA VAL A 453 9.86 41.02 -20.05
C VAL A 453 9.03 39.77 -19.69
N GLY A 454 9.70 38.78 -19.07
CA GLY A 454 9.06 37.58 -18.53
C GLY A 454 8.06 37.93 -17.42
N ASP A 455 8.48 38.74 -16.44
CA ASP A 455 7.51 39.19 -15.44
C ASP A 455 6.28 39.82 -16.09
N MET A 456 6.47 40.66 -17.12
CA MET A 456 5.36 41.29 -17.83
CA MET A 456 5.32 41.29 -17.77
C MET A 456 4.48 40.21 -18.48
N ALA A 457 5.15 39.32 -19.20
CA ALA A 457 4.45 38.31 -19.98
C ALA A 457 3.58 37.45 -19.07
N LEU A 458 4.12 37.03 -17.92
CA LEU A 458 3.29 36.25 -17.00
C LEU A 458 2.12 37.07 -16.48
N MET A 459 2.35 38.31 -16.09
CA MET A 459 1.25 39.07 -15.50
C MET A 459 0.12 39.24 -16.56
N MET A 460 0.54 39.51 -17.80
CA MET A 460 -0.41 39.81 -18.86
C MET A 460 -1.28 38.60 -19.06
N VAL A 461 -0.66 37.42 -19.03
CA VAL A 461 -1.41 36.18 -19.26
C VAL A 461 -2.25 35.82 -18.02
N SER A 462 -1.64 35.81 -16.84
CA SER A 462 -2.45 35.69 -15.60
C SER A 462 -3.67 36.56 -15.49
N GLN A 463 -3.56 37.83 -15.83
CA GLN A 463 -4.65 38.75 -15.55
C GLN A 463 -5.42 39.15 -16.80
N ASP A 464 -5.08 38.48 -17.92
CA ASP A 464 -5.82 38.63 -19.17
C ASP A 464 -5.71 40.04 -19.76
N LEU A 465 -4.52 40.64 -19.70
CA LEU A 465 -4.40 41.99 -20.21
C LEU A 465 -3.70 41.99 -21.55
N THR A 466 -4.28 42.72 -22.48
CA THR A 466 -3.62 43.05 -23.73
C THR A 466 -2.73 44.26 -23.45
N VAL A 467 -1.88 44.61 -24.40
CA VAL A 467 -1.00 45.78 -24.25
C VAL A 467 -1.87 47.00 -23.99
N ALA A 468 -2.95 47.09 -24.77
CA ALA A 468 -3.90 48.17 -24.65
C ALA A 468 -4.35 48.29 -23.18
N ASP A 469 -4.78 47.17 -22.60
CA ASP A 469 -5.04 47.13 -21.17
C ASP A 469 -3.88 47.63 -20.35
N VAL A 470 -2.71 47.02 -20.48
CA VAL A 470 -1.52 47.49 -19.72
C VAL A 470 -1.41 49.05 -19.66
N VAL A 471 -1.63 49.75 -20.79
CA VAL A 471 -1.41 51.22 -20.87
C VAL A 471 -2.69 52.07 -20.87
N SER A 472 -3.77 51.48 -20.37
CA SER A 472 -5.10 52.07 -20.43
C SER A 472 -5.22 53.09 -19.32
N PRO A 473 -5.86 54.24 -19.62
CA PRO A 473 -6.04 55.21 -18.57
C PRO A 473 -7.09 54.76 -17.57
N ASP A 474 -7.81 53.69 -17.87
CA ASP A 474 -8.92 53.33 -17.00
C ASP A 474 -8.64 52.09 -16.16
N ARG A 475 -7.60 51.36 -16.54
CA ARG A 475 -7.28 50.09 -15.91
C ARG A 475 -6.23 50.29 -14.83
N GLU A 476 -6.63 50.15 -13.57
CA GLU A 476 -5.66 50.03 -12.47
C GLU A 476 -4.73 48.84 -12.82
N VAL A 477 -3.42 49.03 -12.77
CA VAL A 477 -2.50 47.91 -12.99
C VAL A 477 -1.37 47.96 -11.97
N SER A 478 -1.23 46.96 -11.10
CA SER A 478 -0.04 46.96 -10.24
C SER A 478 1.03 46.22 -11.02
N PHE A 479 1.98 47.00 -11.56
CA PHE A 479 3.12 46.50 -12.29
C PHE A 479 4.10 45.76 -11.39
N PRO A 480 4.81 44.77 -11.95
CA PRO A 480 5.89 44.08 -11.25
C PRO A 480 7.03 45.02 -10.80
N GLU A 481 7.61 44.77 -9.63
CA GLU A 481 8.77 45.57 -9.18
C GLU A 481 9.83 45.65 -10.29
N SER A 482 10.11 44.52 -10.97
CA SER A 482 11.14 44.47 -11.99
C SER A 482 10.87 45.39 -13.18
N VAL A 483 9.64 45.39 -13.68
CA VAL A 483 9.28 46.29 -14.74
C VAL A 483 9.37 47.76 -14.32
N VAL A 484 8.83 48.12 -13.14
CA VAL A 484 8.89 49.50 -12.65
C VAL A 484 10.36 49.93 -12.61
N SER A 485 11.19 49.07 -12.01
CA SER A 485 12.59 49.35 -11.81
C SER A 485 13.24 49.62 -13.14
N MET A 486 12.95 48.80 -14.15
CA MET A 486 13.53 48.99 -15.47
C MET A 486 13.17 50.35 -16.04
N LEU A 487 11.90 50.70 -15.96
CA LEU A 487 11.39 51.95 -16.49
C LEU A 487 11.86 53.12 -15.67
N LYS A 488 12.19 52.90 -14.41
CA LYS A 488 12.78 53.99 -13.60
C LYS A 488 14.18 54.30 -14.12
N GLY A 489 14.87 53.25 -14.62
CA GLY A 489 16.17 53.36 -15.29
C GLY A 489 17.28 52.50 -14.70
N ASP A 490 16.92 51.54 -13.86
CA ASP A 490 17.90 50.82 -13.08
C ASP A 490 18.76 49.84 -13.87
N LEU A 491 18.30 49.42 -15.03
CA LEU A 491 19.06 48.55 -15.91
C LEU A 491 19.76 49.38 -16.98
N GLY A 492 19.64 50.71 -16.93
CA GLY A 492 20.24 51.54 -17.97
C GLY A 492 19.29 52.06 -19.04
N GLN A 493 19.84 52.50 -20.16
CA GLN A 493 19.06 53.25 -21.14
C GLN A 493 19.13 52.63 -22.51
N PRO A 494 17.95 52.40 -23.13
CA PRO A 494 17.88 51.90 -24.49
C PRO A 494 18.14 53.06 -25.45
N PRO A 495 18.63 52.77 -26.66
CA PRO A 495 19.12 53.85 -27.55
C PRO A 495 18.10 54.99 -27.74
N SER A 496 16.81 54.65 -27.82
CA SER A 496 15.76 55.68 -27.92
C SER A 496 14.97 55.93 -26.63
N GLY A 497 15.50 55.50 -25.49
CA GLY A 497 14.79 55.74 -24.23
C GLY A 497 13.59 54.83 -24.01
N TRP A 498 12.88 55.05 -22.92
CA TRP A 498 11.69 54.28 -22.55
C TRP A 498 10.44 54.98 -22.99
N PRO A 499 9.38 54.23 -23.35
CA PRO A 499 8.18 54.89 -23.85
C PRO A 499 7.47 55.78 -22.80
N GLU A 500 7.29 57.07 -23.13
CA GLU A 500 6.86 58.11 -22.19
C GLU A 500 5.62 57.68 -21.39
N ALA A 501 4.60 57.24 -22.12
CA ALA A 501 3.25 56.97 -21.57
C ALA A 501 3.23 55.80 -20.59
N LEU A 502 3.65 54.63 -21.07
CA LEU A 502 3.87 53.47 -20.22
C LEU A 502 4.60 53.78 -18.90
N GLN A 503 5.75 54.42 -19.03
CA GLN A 503 6.61 54.77 -17.94
C GLN A 503 5.93 55.73 -16.98
N LYS A 504 5.27 56.75 -17.51
CA LYS A 504 4.59 57.68 -16.59
C LYS A 504 3.63 56.86 -15.71
N LYS A 505 2.91 55.90 -16.32
CA LYS A 505 1.90 55.10 -15.63
C LYS A 505 2.52 54.03 -14.76
N ALA A 506 3.60 53.43 -15.22
CA ALA A 506 4.29 52.43 -14.42
C ALA A 506 4.91 53.04 -13.16
N LEU A 507 5.41 54.27 -13.25
CA LEU A 507 6.17 54.84 -12.13
C LEU A 507 5.35 55.55 -11.06
N LYS A 508 4.03 55.63 -11.26
CA LYS A 508 3.08 56.18 -10.27
C LYS A 508 3.59 57.44 -9.52
N GLY A 509 3.95 58.48 -10.27
CA GLY A 509 4.58 59.67 -9.70
C GLY A 509 6.05 59.65 -9.22
N GLU A 510 6.78 58.53 -9.36
CA GLU A 510 8.24 58.57 -9.14
C GLU A 510 9.00 59.03 -10.40
N LYS A 511 10.11 59.74 -10.21
CA LYS A 511 10.84 60.41 -11.31
C LYS A 511 11.98 59.54 -11.86
N PRO A 512 11.95 59.22 -13.15
CA PRO A 512 12.97 58.34 -13.69
C PRO A 512 14.27 59.07 -13.97
N TYR A 513 15.36 58.34 -14.12
CA TYR A 513 16.64 58.98 -14.46
C TYR A 513 17.23 58.30 -15.69
N THR A 514 18.16 59.00 -16.34
CA THR A 514 18.83 58.48 -17.53
C THR A 514 20.35 58.46 -17.39
N VAL A 515 20.82 58.66 -16.16
CA VAL A 515 22.22 58.44 -15.82
C VAL A 515 22.55 56.93 -15.73
N ARG A 516 23.83 56.61 -15.70
CA ARG A 516 24.28 55.25 -15.58
C ARG A 516 24.00 54.88 -14.12
N PRO A 517 23.22 53.79 -13.90
CA PRO A 517 22.69 53.49 -12.56
C PRO A 517 23.74 53.47 -11.48
N GLY A 518 24.91 52.89 -11.76
CA GLY A 518 26.03 52.85 -10.80
C GLY A 518 26.58 54.18 -10.38
N SER A 519 26.50 55.17 -11.27
CA SER A 519 26.96 56.51 -10.92
C SER A 519 26.12 57.19 -9.84
N LEU A 520 25.12 56.50 -9.31
CA LEU A 520 24.30 57.06 -8.23
C LEU A 520 24.50 56.31 -6.92
N LEU A 521 25.31 55.25 -6.98
CA LEU A 521 25.48 54.32 -5.86
C LEU A 521 26.69 54.69 -5.01
N LYS A 522 26.50 54.67 -3.70
CA LYS A 522 27.55 55.10 -2.77
C LYS A 522 28.69 54.08 -2.83
N GLU A 523 29.93 54.58 -2.97
CA GLU A 523 31.14 53.75 -2.94
C GLU A 523 31.12 52.82 -1.72
N ALA A 524 31.35 51.53 -1.96
CA ALA A 524 31.32 50.55 -0.87
C ALA A 524 32.49 50.79 0.03
N ASP A 525 32.26 50.68 1.33
CA ASP A 525 33.31 50.82 2.35
C ASP A 525 33.98 49.45 2.53
N LEU A 526 34.97 49.14 1.70
CA LEU A 526 35.45 47.76 1.58
C LEU A 526 36.05 47.17 2.87
N ASP A 527 36.76 47.98 3.65
CA ASP A 527 37.29 47.48 4.91
C ASP A 527 36.19 47.20 5.91
N ALA A 528 35.22 48.09 6.01
CA ALA A 528 34.12 47.92 6.94
C ALA A 528 33.30 46.66 6.59
N GLU A 529 33.14 46.45 5.28
CA GLU A 529 32.38 45.32 4.72
C GLU A 529 33.07 43.98 4.92
N ARG A 530 34.40 43.98 4.89
CA ARG A 530 35.14 42.79 5.23
C ARG A 530 34.95 42.47 6.68
N LYS A 531 34.81 43.51 7.51
CA LYS A 531 34.63 43.32 8.95
C LYS A 531 33.27 42.76 9.27
N VAL A 532 32.25 43.15 8.49
CA VAL A 532 30.89 42.72 8.78
C VAL A 532 30.79 41.20 8.69
N ILE A 533 31.25 40.66 7.56
CA ILE A 533 31.16 39.21 7.32
C ILE A 533 32.04 38.47 8.30
N GLU A 534 33.25 38.99 8.52
CA GLU A 534 34.21 38.34 9.41
C GLU A 534 33.72 38.22 10.85
N LYS A 535 33.00 39.22 11.36
CA LYS A 535 32.33 39.07 12.68
C LYS A 535 31.11 38.13 12.61
N LYS A 536 30.42 38.05 11.47
CA LYS A 536 29.31 37.10 11.37
C LYS A 536 29.83 35.66 11.43
N LEU A 537 30.79 35.33 10.57
CA LEU A 537 31.42 34.01 10.53
C LEU A 537 32.46 33.71 11.62
N GLU A 538 32.68 34.64 12.55
CA GLU A 538 33.71 34.49 13.58
C GLU A 538 35.06 34.00 13.07
N ARG A 539 35.47 34.45 11.89
CA ARG A 539 36.79 34.12 11.34
C ARG A 539 37.15 35.08 10.19
N GLU A 540 38.45 35.13 9.87
CA GLU A 540 38.92 35.85 8.70
C GLU A 540 38.49 35.14 7.41
N VAL A 541 38.14 35.91 6.38
CA VAL A 541 37.84 35.33 5.07
C VAL A 541 38.91 35.70 4.06
N SER A 542 39.06 34.91 2.99
CA SER A 542 40.04 35.23 1.95
C SER A 542 39.49 36.25 0.97
N ASP A 543 40.37 36.77 0.11
CA ASP A 543 39.95 37.75 -0.91
C ASP A 543 38.91 37.18 -1.85
N PHE A 544 38.95 35.87 -2.08
CA PHE A 544 37.97 35.28 -2.97
C PHE A 544 36.60 35.23 -2.29
N GLU A 545 36.60 34.80 -1.02
CA GLU A 545 35.40 34.73 -0.21
C GLU A 545 34.71 36.09 -0.02
N PHE A 546 35.52 37.16 0.04
CA PHE A 546 35.02 38.53 0.16
C PHE A 546 34.31 38.96 -1.11
N ALA A 547 34.90 38.59 -2.25
CA ALA A 547 34.30 38.89 -3.54
C ALA A 547 32.97 38.17 -3.64
N SER A 548 32.95 36.90 -3.22
CA SER A 548 31.70 36.12 -3.18
C SER A 548 30.66 36.82 -2.32
N TYR A 549 31.05 37.18 -1.10
CA TYR A 549 30.16 37.92 -0.22
C TYR A 549 29.62 39.23 -0.82
N LEU A 550 30.49 40.05 -1.41
CA LEU A 550 30.05 41.31 -2.04
C LEU A 550 28.95 41.09 -3.09
N MET A 551 29.08 40.03 -3.89
CA MET A 551 28.13 39.71 -4.94
C MET A 551 26.84 39.04 -4.42
N TYR A 552 26.98 38.11 -3.49
CA TYR A 552 25.85 37.38 -2.94
C TYR A 552 25.96 37.27 -1.44
N PRO A 553 25.75 38.37 -0.73
CA PRO A 553 26.00 38.33 0.71
C PRO A 553 25.28 37.19 1.38
N LYS A 554 24.03 36.95 1.00
CA LYS A 554 23.20 36.00 1.73
C LYS A 554 23.46 34.56 1.33
N VAL A 555 23.46 34.28 0.03
CA VAL A 555 23.93 33.00 -0.48
C VAL A 555 25.29 32.64 0.11
N PHE A 556 26.28 33.53 0.02
CA PHE A 556 27.61 33.21 0.55
C PHE A 556 27.64 32.88 2.04
N THR A 557 26.98 33.70 2.87
CA THR A 557 26.90 33.40 4.30
C THR A 557 26.40 31.96 4.50
N ASP A 558 25.28 31.63 3.84
CA ASP A 558 24.63 30.34 3.99
C ASP A 558 25.51 29.17 3.61
N PHE A 559 26.27 29.35 2.52
CA PHE A 559 27.19 28.34 2.03
C PHE A 559 28.35 28.17 2.97
N ALA A 560 28.82 29.27 3.56
CA ALA A 560 29.87 29.21 4.59
C ALA A 560 29.43 28.42 5.81
N LEU A 561 28.16 28.56 6.21
CA LEU A 561 27.68 27.81 7.37
C LEU A 561 27.45 26.34 7.05
N ALA A 562 26.90 26.08 5.89
CA ALA A 562 26.89 24.72 5.34
C ALA A 562 28.29 24.11 5.22
N SER A 563 29.29 24.90 4.87
CA SER A 563 30.66 24.39 4.90
C SER A 563 31.16 23.95 6.30
N ASP A 564 30.86 24.73 7.34
CA ASP A 564 31.29 24.41 8.69
C ASP A 564 30.72 23.07 9.09
N THR A 565 29.43 22.89 8.85
CA THR A 565 28.75 21.65 9.22
C THR A 565 29.21 20.43 8.40
N TYR A 566 29.16 20.56 7.09
CA TYR A 566 29.20 19.39 6.23
C TYR A 566 30.57 19.05 5.68
N GLY A 567 31.54 19.94 5.88
CA GLY A 567 32.87 19.76 5.31
C GLY A 567 32.87 19.88 3.79
N PRO A 568 33.94 19.40 3.15
CA PRO A 568 34.13 19.67 1.74
C PRO A 568 33.33 18.70 0.85
N VAL A 569 32.01 18.75 1.00
CA VAL A 569 31.13 17.95 0.17
C VAL A 569 31.43 17.91 -1.33
N SER A 570 32.13 18.90 -1.88
CA SER A 570 32.42 18.91 -3.31
C SER A 570 33.25 17.69 -3.81
N VAL A 571 33.84 16.92 -2.90
CA VAL A 571 34.71 15.84 -3.31
C VAL A 571 33.96 14.56 -3.44
N LEU A 572 32.68 14.56 -3.08
CA LEU A 572 31.89 13.33 -3.16
C LEU A 572 31.51 13.12 -4.61
N PRO A 573 31.47 11.87 -5.06
CA PRO A 573 30.97 11.72 -6.41
C PRO A 573 29.49 12.14 -6.44
N THR A 574 28.98 12.46 -7.63
CA THR A 574 27.63 12.96 -7.81
C THR A 574 26.49 12.08 -7.26
N PRO A 575 26.42 10.80 -7.61
CA PRO A 575 25.32 10.01 -7.05
C PRO A 575 25.21 10.15 -5.54
N ALA A 576 26.33 10.03 -4.85
CA ALA A 576 26.38 10.15 -3.40
C ALA A 576 25.95 11.53 -2.87
N TYR A 577 26.40 12.59 -3.55
CA TYR A 577 26.03 13.95 -3.19
C TYR A 577 24.52 14.18 -3.24
N PHE A 578 23.85 13.62 -4.25
CA PHE A 578 22.40 13.80 -4.36
C PHE A 578 21.55 12.76 -3.60
N TYR A 579 22.13 11.60 -3.33
CA TYR A 579 21.29 10.54 -2.73
C TYR A 579 21.86 9.80 -1.53
N GLY A 580 23.13 10.05 -1.17
CA GLY A 580 23.74 9.38 -0.03
C GLY A 580 24.04 7.96 -0.39
N LEU A 581 24.08 7.04 0.57
CA LEU A 581 24.35 5.62 0.26
C LEU A 581 23.19 4.69 0.54
N ALA A 582 22.92 3.82 -0.42
CA ALA A 582 21.97 2.74 -0.26
C ALA A 582 22.41 1.80 0.86
N ASP A 583 21.46 0.99 1.32
CA ASP A 583 21.70 0.04 2.40
C ASP A 583 22.72 -0.94 1.91
N GLY A 584 23.83 -1.09 2.65
CA GLY A 584 24.87 -2.06 2.25
C GLY A 584 25.96 -1.48 1.35
N GLU A 585 25.73 -0.29 0.81
CA GLU A 585 26.60 0.25 -0.25
C GLU A 585 27.98 0.71 0.25
N GLU A 586 29.00 0.35 -0.54
CA GLU A 586 30.41 0.73 -0.33
C GLU A 586 30.75 1.94 -1.21
N LEU A 587 31.28 2.99 -0.60
CA LEU A 587 31.71 4.17 -1.37
C LEU A 587 33.21 4.46 -1.16
N PHE A 588 33.90 4.94 -2.20
CA PHE A 588 35.28 5.42 -2.04
C PHE A 588 35.28 6.91 -2.18
N ALA A 589 35.98 7.64 -1.30
CA ALA A 589 36.07 9.12 -1.40
C ALA A 589 37.33 9.77 -0.78
N ASP A 590 37.69 10.95 -1.30
CA ASP A 590 38.95 11.66 -1.02
C ASP A 590 38.81 13.03 -0.38
N ILE A 591 39.31 13.26 0.84
CA ILE A 591 39.60 14.67 1.21
C ILE A 591 41.05 15.04 0.85
N GLU A 592 42.02 14.51 1.60
CA GLU A 592 43.46 14.78 1.32
C GLU A 592 44.04 13.90 0.20
N LYS A 595 44.62 10.96 0.79
CA LYS A 595 44.13 9.63 1.17
C LYS A 595 42.67 9.42 0.77
N THR A 596 42.25 8.15 0.76
CA THR A 596 40.94 7.77 0.26
C THR A 596 40.11 6.98 1.28
N LEU A 597 39.08 7.64 1.83
CA LEU A 597 38.07 7.04 2.72
C LEU A 597 37.24 5.92 2.03
N VAL A 598 37.11 4.76 2.70
CA VAL A 598 36.12 3.74 2.29
C VAL A 598 34.97 3.77 3.30
N ILE A 599 33.76 4.07 2.81
CA ILE A 599 32.58 4.28 3.64
C ILE A 599 31.48 3.28 3.32
N VAL A 600 31.04 2.52 4.33
CA VAL A 600 29.94 1.58 4.17
C VAL A 600 28.74 1.98 5.05
N ASN A 601 27.55 1.99 4.43
CA ASN A 601 26.27 2.13 5.12
C ASN A 601 25.82 0.76 5.60
N GLN A 602 26.07 0.50 6.88
CA GLN A 602 25.80 -0.81 7.47
C GLN A 602 24.35 -0.97 8.00
N ALA A 603 23.74 0.14 8.42
CA ALA A 603 22.43 0.12 9.05
C ALA A 603 21.92 1.51 9.33
N VAL A 604 20.61 1.65 9.31
CA VAL A 604 19.98 2.93 9.69
C VAL A 604 18.93 2.66 10.77
N SER A 605 18.90 3.45 11.83
CA SER A 605 17.94 3.16 12.89
C SER A 605 16.56 3.75 12.63
N ALA A 606 15.58 3.28 13.38
CA ALA A 606 14.28 3.97 13.56
C ALA A 606 14.52 5.37 14.08
N THR A 607 13.55 6.26 13.92
CA THR A 607 13.66 7.57 14.55
C THR A 607 13.47 7.45 16.06
N ASP A 608 14.41 7.97 16.83
CA ASP A 608 14.35 7.90 18.30
C ASP A 608 13.35 8.91 18.90
N SER A 609 13.13 8.79 20.21
CA SER A 609 12.26 9.72 20.94
C SER A 609 12.68 11.19 20.73
N GLN A 610 13.98 11.47 20.77
CA GLN A 610 14.47 12.81 20.55
C GLN A 610 14.41 13.25 19.06
N GLY A 611 13.72 12.47 18.23
CA GLY A 611 13.53 12.84 16.82
C GLY A 611 14.75 12.63 15.91
N MET A 612 15.78 11.99 16.43
CA MET A 612 17.02 11.70 15.67
C MET A 612 17.03 10.30 15.05
N VAL A 613 17.74 10.17 13.93
CA VAL A 613 18.01 8.88 13.30
C VAL A 613 19.53 8.67 13.32
N THR A 614 19.97 7.44 13.63
CA THR A 614 21.39 7.08 13.65
C THR A 614 21.79 6.19 12.45
N VAL A 615 22.68 6.72 11.62
CA VAL A 615 23.29 5.93 10.54
C VAL A 615 24.55 5.20 11.05
N PHE A 616 24.62 3.90 10.78
CA PHE A 616 25.74 3.10 11.22
C PHE A 616 26.70 2.85 10.07
N PHE A 617 27.76 3.65 10.03
CA PHE A 617 28.89 3.53 9.07
C PHE A 617 30.10 2.66 9.45
N GLU A 618 30.74 2.09 8.44
CA GLU A 618 32.10 1.62 8.58
C GLU A 618 33.02 2.51 7.75
N LEU A 619 33.96 3.17 8.42
CA LEU A 619 34.91 4.07 7.80
C LEU A 619 36.28 3.41 7.82
N ASN A 620 36.72 2.98 6.63
CA ASN A 620 38.01 2.32 6.43
C ASN A 620 38.27 1.16 7.39
N GLY A 621 37.20 0.40 7.66
CA GLY A 621 37.24 -0.72 8.62
C GLY A 621 36.72 -0.41 10.02
N GLN A 622 36.49 0.86 10.34
CA GLN A 622 36.15 1.27 11.73
C GLN A 622 34.70 1.70 11.91
N PRO A 623 34.09 1.30 13.04
CA PRO A 623 32.69 1.65 13.34
C PRO A 623 32.42 3.15 13.61
N ARG A 624 31.42 3.72 12.97
CA ARG A 624 30.99 5.10 13.26
C ARG A 624 29.47 5.19 13.28
N ARG A 625 28.90 5.65 14.39
CA ARG A 625 27.46 5.88 14.47
C ARG A 625 27.24 7.39 14.37
N ILE A 626 26.58 7.86 13.31
CA ILE A 626 26.31 9.31 13.15
C ILE A 626 24.83 9.62 13.35
N LYS A 627 24.50 10.56 14.25
CA LYS A 627 23.08 10.96 14.47
C LYS A 627 22.70 12.13 13.55
N VAL A 628 21.49 12.10 12.99
CA VAL A 628 20.96 13.21 12.17
C VAL A 628 19.47 13.38 12.43
N PRO A 629 18.95 14.60 12.26
CA PRO A 629 17.52 14.79 12.50
C PRO A 629 16.65 14.17 11.41
N ASP A 630 15.55 13.53 11.79
CA ASP A 630 14.57 13.08 10.81
C ASP A 630 13.68 14.24 10.39
N ARG A 631 14.08 14.96 9.35
CA ARG A 631 13.35 16.15 8.90
C ARG A 631 11.98 15.90 8.23
N ALA A 632 11.48 14.67 8.24
CA ALA A 632 10.26 14.34 7.47
C ALA A 632 9.01 14.98 8.09
N ASP B 36 29.58 -15.92 26.91
CA ASP B 36 28.96 -16.74 25.83
C ASP B 36 27.51 -17.06 26.12
N ARG B 37 27.13 -17.10 27.41
CA ARG B 37 25.71 -17.19 27.75
C ARG B 37 25.00 -15.95 27.17
N ALA B 38 25.57 -14.77 27.41
CA ALA B 38 24.97 -13.52 26.98
C ALA B 38 24.89 -13.47 25.46
N THR B 39 26.02 -13.82 24.82
CA THR B 39 26.10 -13.92 23.37
C THR B 39 25.06 -14.87 22.84
N LYS B 40 24.90 -16.01 23.50
CA LYS B 40 23.84 -16.94 23.13
C LYS B 40 22.44 -16.29 23.18
N LEU B 41 22.14 -15.61 24.28
CA LEU B 41 20.88 -14.94 24.44
C LEU B 41 20.69 -13.86 23.39
N LEU B 42 21.75 -13.13 23.10
CA LEU B 42 21.67 -12.07 22.10
C LEU B 42 21.31 -12.66 20.75
N THR B 43 21.70 -13.90 20.49
CA THR B 43 21.36 -14.54 19.22
C THR B 43 19.88 -14.89 19.15
N TYR B 44 19.35 -15.50 20.21
CA TYR B 44 17.93 -15.79 20.18
C TYR B 44 17.13 -14.48 19.96
N LEU B 45 17.40 -13.48 20.77
CA LEU B 45 16.76 -12.19 20.64
C LEU B 45 16.86 -11.60 19.24
N ALA B 46 18.04 -11.76 18.64
CA ALA B 46 18.25 -11.33 17.27
C ALA B 46 17.37 -12.15 16.32
N ASP B 47 17.22 -13.44 16.59
CA ASP B 47 16.49 -14.30 15.68
C ASP B 47 15.01 -13.97 15.70
N VAL B 48 14.43 -14.01 16.89
CA VAL B 48 13.01 -13.75 17.00
C VAL B 48 12.65 -12.31 16.58
N THR B 49 13.52 -11.33 16.89
CA THR B 49 13.28 -9.97 16.38
C THR B 49 13.19 -9.96 14.82
N VAL B 50 14.12 -10.62 14.17
CA VAL B 50 14.19 -10.62 12.72
C VAL B 50 13.12 -11.48 12.05
N ASN B 51 12.90 -12.69 12.57
CA ASN B 51 12.05 -13.68 11.92
C ASN B 51 10.80 -14.14 12.63
N GLY B 52 10.42 -13.50 13.75
CA GLY B 52 9.26 -13.92 14.52
C GLY B 52 9.46 -15.26 15.19
N HIS B 53 8.50 -15.65 16.03
CA HIS B 53 8.45 -16.97 16.68
C HIS B 53 7.39 -17.83 16.02
N PRO B 54 7.73 -19.06 15.59
CA PRO B 54 6.76 -19.81 14.75
C PRO B 54 5.34 -19.87 15.33
N GLU B 55 5.26 -20.11 16.64
CA GLU B 55 3.98 -20.27 17.33
C GLU B 55 3.21 -18.96 17.42
N ALA B 56 3.91 -17.84 17.32
CA ALA B 56 3.26 -16.55 17.50
C ALA B 56 3.12 -15.77 16.22
N LYS B 57 4.00 -16.05 15.26
CA LYS B 57 4.18 -15.20 14.06
C LYS B 57 2.85 -14.88 13.37
N ASP B 58 2.01 -15.91 13.18
CA ASP B 58 0.83 -15.70 12.34
C ASP B 58 -0.50 -15.65 13.09
N ARG B 59 -0.42 -15.51 14.42
CA ARG B 59 -1.61 -15.46 15.29
C ARG B 59 -1.81 -14.07 15.94
N PRO B 60 -2.89 -13.89 16.72
CA PRO B 60 -3.06 -12.53 17.24
C PRO B 60 -1.94 -12.07 18.17
N LYS B 61 -1.77 -10.77 18.31
CA LYS B 61 -0.73 -10.22 19.20
C LYS B 61 -1.41 -9.63 20.42
N PRO B 62 -0.68 -9.52 21.55
CA PRO B 62 -1.23 -8.82 22.73
C PRO B 62 -1.47 -7.34 22.43
N LEU B 63 -2.33 -6.68 23.24
CA LEU B 63 -2.52 -5.23 23.16
C LEU B 63 -1.15 -4.52 23.39
N GLU B 64 -0.86 -3.50 22.59
CA GLU B 64 0.46 -2.83 22.62
C GLU B 64 0.74 -2.09 23.94
N ASN B 65 -0.32 -1.52 24.55
CA ASN B 65 -0.19 -0.88 25.86
C ASN B 65 0.04 -1.93 26.95
N ALA B 66 -0.98 -2.78 27.19
CA ALA B 66 -1.02 -3.85 28.24
C ALA B 66 0.13 -3.94 29.28
N ALA B 67 -0.22 -3.68 30.56
CA ALA B 67 0.73 -3.62 31.68
C ALA B 67 1.50 -4.93 31.97
N ARG B 68 2.81 -4.85 32.23
CA ARG B 68 3.57 -5.98 32.79
C ARG B 68 2.91 -6.56 34.05
N PRO B 69 2.95 -7.91 34.19
CA PRO B 69 2.42 -8.45 35.44
C PRO B 69 3.31 -8.00 36.58
N VAL B 70 2.69 -7.42 37.61
CA VAL B 70 3.37 -7.05 38.87
C VAL B 70 3.17 -8.16 39.92
N VAL B 71 4.26 -8.79 40.40
CA VAL B 71 4.16 -9.71 41.56
C VAL B 71 3.69 -8.94 42.80
N PRO B 72 2.67 -9.47 43.52
CA PRO B 72 2.13 -8.76 44.69
C PRO B 72 3.13 -8.43 45.79
N TYR B 73 2.92 -7.28 46.42
CA TYR B 73 3.73 -6.79 47.56
C TYR B 73 3.94 -7.85 48.65
N ALA B 74 5.21 -8.09 48.97
CA ALA B 74 5.63 -9.00 50.06
C ALA B 74 5.65 -8.25 51.39
N ASN B 75 5.13 -8.86 52.46
CA ASN B 75 5.27 -8.25 53.80
C ASN B 75 6.63 -8.57 54.49
N GLY B 76 7.15 -9.79 54.28
CA GLY B 76 8.50 -10.17 54.73
C GLY B 76 8.62 -11.06 55.97
N ASN B 77 7.49 -11.48 56.54
CA ASN B 77 7.51 -12.53 57.56
C ASN B 77 7.80 -13.90 56.91
N GLY B 78 8.07 -14.91 57.72
CA GLY B 78 8.32 -16.28 57.25
C GLY B 78 7.09 -17.02 56.71
N VAL B 79 7.26 -18.31 56.45
CA VAL B 79 6.22 -19.08 55.78
C VAL B 79 5.66 -20.14 56.71
N LYS B 80 4.35 -20.09 56.92
CA LYS B 80 3.70 -21.09 57.76
C LYS B 80 3.93 -22.48 57.17
N ASP B 81 4.29 -23.42 58.04
CA ASP B 81 4.25 -24.82 57.69
C ASP B 81 2.89 -25.11 57.09
N GLY B 82 2.89 -25.77 55.94
CA GLY B 82 1.69 -26.35 55.42
C GLY B 82 1.90 -27.83 55.21
N THR B 83 1.14 -28.37 54.28
CA THR B 83 1.08 -29.78 54.01
C THR B 83 2.41 -30.42 53.59
N LYS B 84 3.33 -29.64 53.04
CA LYS B 84 4.65 -30.18 52.75
C LYS B 84 5.33 -30.67 54.03
N GLN B 85 5.17 -29.92 55.11
CA GLN B 85 5.78 -30.30 56.37
C GLN B 85 5.01 -31.47 56.93
N LEU B 86 3.68 -31.46 56.76
CA LEU B 86 2.86 -32.58 57.27
C LEU B 86 3.24 -33.90 56.64
N LEU B 87 3.30 -33.94 55.31
CA LEU B 87 3.69 -35.17 54.62
C LEU B 87 5.09 -35.59 55.01
N ASP B 88 5.99 -34.63 55.12
CA ASP B 88 7.36 -34.91 55.52
C ASP B 88 7.46 -35.62 56.89
N THR B 89 6.63 -35.24 57.84
CA THR B 89 6.77 -35.81 59.16
C THR B 89 5.96 -37.10 59.31
N LEU B 90 4.78 -37.14 58.71
CA LEU B 90 3.80 -38.23 58.88
C LEU B 90 3.96 -39.43 57.95
N GLY B 91 4.63 -39.25 56.82
CA GLY B 91 4.60 -40.24 55.75
C GLY B 91 3.22 -40.27 55.09
N PRO B 92 3.12 -40.86 53.87
CA PRO B 92 1.85 -40.82 53.16
C PRO B 92 0.66 -41.55 53.86
N LYS B 93 0.81 -42.79 54.31
CA LYS B 93 -0.35 -43.48 54.89
C LYS B 93 -0.97 -42.66 56.03
N LYS B 94 -0.13 -42.13 56.90
CA LYS B 94 -0.57 -41.24 57.99
C LYS B 94 -1.11 -39.87 57.48
N PHE B 95 -0.47 -39.28 56.47
CA PHE B 95 -1.00 -38.05 55.88
C PHE B 95 -2.42 -38.26 55.34
N GLY B 96 -2.58 -39.27 54.49
CA GLY B 96 -3.89 -39.68 54.02
C GLY B 96 -4.91 -39.73 55.14
N GLU B 97 -4.57 -40.42 56.23
CA GLU B 97 -5.49 -40.48 57.34
C GLU B 97 -5.75 -39.11 57.98
N TRP B 98 -4.72 -38.25 58.07
CA TRP B 98 -4.90 -36.89 58.60
C TRP B 98 -5.90 -36.13 57.77
N MET B 99 -5.76 -36.28 56.45
CA MET B 99 -6.59 -35.67 55.43
C MET B 99 -8.05 -36.13 55.53
N ARG B 100 -8.27 -37.42 55.71
CA ARG B 100 -9.64 -37.93 55.85
C ARG B 100 -10.33 -37.31 57.05
N ASN B 101 -9.65 -37.21 58.18
CA ASN B 101 -10.28 -36.64 59.36
C ASN B 101 -10.37 -35.12 59.31
N GLU B 102 -9.74 -34.51 58.33
CA GLU B 102 -9.70 -33.06 58.29
C GLU B 102 -11.08 -32.52 57.95
N LYS B 103 -11.61 -31.71 58.86
CA LYS B 103 -12.96 -31.15 58.73
C LYS B 103 -13.08 -30.25 57.49
N ARG B 104 -12.32 -29.16 57.44
CA ARG B 104 -12.37 -28.21 56.32
C ARG B 104 -12.15 -28.89 54.97
N VAL B 105 -12.68 -28.33 53.88
CA VAL B 105 -12.32 -28.89 52.59
C VAL B 105 -10.96 -28.35 52.17
N LEU B 106 -10.13 -29.23 51.64
CA LEU B 106 -8.80 -28.86 51.14
C LEU B 106 -8.89 -28.56 49.63
N LEU B 107 -8.16 -27.54 49.18
CA LEU B 107 -8.19 -27.10 47.79
C LEU B 107 -6.88 -27.39 47.08
N THR B 108 -6.96 -27.83 45.82
CA THR B 108 -5.83 -27.93 44.91
C THR B 108 -5.97 -26.88 43.79
N ASP B 109 -4.95 -26.04 43.61
CA ASP B 109 -5.00 -24.98 42.62
C ASP B 109 -4.26 -25.51 41.40
N THR B 110 -5.00 -25.58 40.29
CA THR B 110 -4.55 -26.19 39.01
C THR B 110 -4.07 -25.15 37.97
N THR B 111 -4.10 -23.87 38.31
CA THR B 111 -3.68 -22.79 37.41
C THR B 111 -2.36 -23.07 36.69
N MET B 112 -1.42 -23.66 37.41
CA MET B 112 -0.06 -23.85 36.91
C MET B 112 0.09 -25.01 35.87
N ARG B 113 -0.91 -25.89 35.80
CA ARG B 113 -0.91 -26.99 34.87
C ARG B 113 -2.22 -26.99 34.08
N ASP B 114 -3.27 -27.54 34.66
CA ASP B 114 -4.49 -27.74 33.87
C ASP B 114 -5.13 -26.46 33.36
N GLY B 115 -5.12 -25.41 34.19
CA GLY B 115 -5.67 -24.12 33.81
C GLY B 115 -5.24 -23.73 32.41
N HIS B 116 -3.93 -23.67 32.18
CA HIS B 116 -3.43 -23.17 30.90
C HIS B 116 -3.34 -24.24 29.82
N GLN B 117 -3.23 -25.50 30.24
CA GLN B 117 -3.39 -26.61 29.31
C GLN B 117 -4.73 -26.49 28.58
N SER B 118 -5.77 -26.09 29.32
CA SER B 118 -7.11 -25.98 28.76
C SER B 118 -7.31 -24.73 27.91
N LEU B 119 -6.90 -23.59 28.45
CA LEU B 119 -7.29 -22.31 27.89
C LEU B 119 -6.25 -21.69 27.00
N LEU B 120 -5.00 -22.10 27.17
CA LEU B 120 -3.89 -21.47 26.47
C LEU B 120 -2.95 -22.44 25.77
N ALA B 121 -3.42 -23.64 25.43
CA ALA B 121 -2.59 -24.66 24.78
C ALA B 121 -1.28 -24.94 25.51
N THR B 122 -1.31 -24.91 26.85
CA THR B 122 -0.18 -25.27 27.72
C THR B 122 1.05 -24.43 27.45
N ARG B 123 0.89 -23.20 26.99
CA ARG B 123 2.04 -22.37 26.57
C ARG B 123 2.55 -21.43 27.66
N MET B 124 1.91 -21.46 28.83
CA MET B 124 2.32 -20.64 29.96
C MET B 124 3.78 -20.95 30.32
N ARG B 125 4.57 -19.90 30.57
CA ARG B 125 6.04 -20.05 30.72
C ARG B 125 6.57 -20.07 32.17
N THR B 126 7.62 -20.88 32.39
CA THR B 126 8.41 -20.89 33.62
C THR B 126 8.52 -19.48 34.24
N TYR B 127 8.88 -18.51 33.41
CA TYR B 127 9.02 -17.15 33.87
C TYR B 127 7.81 -16.65 34.65
N ASP B 128 6.60 -16.83 34.11
CA ASP B 128 5.42 -16.29 34.74
C ASP B 128 4.93 -17.20 35.86
N ILE B 129 5.15 -18.51 35.69
CA ILE B 129 4.79 -19.52 36.70
C ILE B 129 5.63 -19.34 37.98
N ALA B 130 6.93 -19.59 37.89
CA ALA B 130 7.87 -19.44 39.02
C ALA B 130 7.71 -18.13 39.77
N ARG B 131 7.53 -17.03 39.07
CA ARG B 131 7.47 -15.72 39.76
C ARG B 131 6.36 -15.55 40.81
N ILE B 132 5.36 -16.42 40.79
CA ILE B 132 4.27 -16.27 41.76
C ILE B 132 4.31 -17.32 42.89
N ALA B 133 5.11 -18.38 42.73
CA ALA B 133 5.18 -19.45 43.74
C ALA B 133 5.27 -18.88 45.15
N GLY B 134 6.23 -18.00 45.39
CA GLY B 134 6.44 -17.37 46.69
C GLY B 134 5.24 -16.69 47.34
N THR B 135 4.40 -16.05 46.52
CA THR B 135 3.18 -15.38 46.96
C THR B 135 2.09 -16.39 47.42
N TYR B 136 1.98 -17.51 46.70
CA TYR B 136 1.16 -18.61 47.16
C TYR B 136 1.66 -19.02 48.53
N SER B 137 2.97 -19.20 48.62
CA SER B 137 3.60 -19.72 49.81
C SER B 137 3.33 -18.86 51.04
N HIS B 138 3.34 -17.54 50.82
CA HIS B 138 3.16 -16.60 51.88
C HIS B 138 1.70 -16.31 52.15
N ALA B 139 0.85 -16.31 51.11
CA ALA B 139 -0.55 -15.87 51.29
C ALA B 139 -1.58 -16.99 51.45
N LEU B 140 -1.46 -18.07 50.68
CA LEU B 140 -2.36 -19.19 50.86
C LEU B 140 -1.63 -20.45 51.38
N PRO B 141 -1.13 -20.43 52.63
CA PRO B 141 -0.43 -21.63 53.11
C PRO B 141 -1.38 -22.76 53.52
N ASN B 142 -2.68 -22.48 53.63
CA ASN B 142 -3.65 -23.56 53.91
C ASN B 142 -3.96 -24.44 52.72
N LEU B 143 -3.54 -24.07 51.51
CA LEU B 143 -3.78 -24.90 50.34
C LEU B 143 -3.28 -26.32 50.54
N LEU B 144 -3.96 -27.32 49.97
CA LEU B 144 -3.44 -28.68 50.00
C LEU B 144 -2.25 -28.81 49.10
N SER B 145 -2.39 -28.34 47.87
CA SER B 145 -1.33 -28.51 46.87
C SER B 145 -1.46 -27.55 45.67
N LEU B 146 -0.39 -27.50 44.88
CA LEU B 146 -0.38 -26.82 43.60
C LEU B 146 -0.14 -27.85 42.51
N GLU B 147 -1.11 -28.00 41.62
CA GLU B 147 -0.92 -28.83 40.44
C GLU B 147 -0.09 -28.00 39.47
N CYS B 148 1.13 -28.44 39.20
CA CYS B 148 2.06 -27.65 38.39
C CYS B 148 2.94 -28.50 37.47
N TRP B 149 2.54 -29.72 37.16
CA TRP B 149 3.46 -30.59 36.48
C TRP B 149 2.78 -31.79 35.90
N GLY B 150 3.45 -32.43 34.94
CA GLY B 150 2.85 -33.52 34.17
C GLY B 150 1.91 -32.99 33.11
N GLY B 151 1.06 -33.86 32.58
CA GLY B 151 0.13 -33.48 31.51
C GLY B 151 0.91 -33.11 30.26
N ALA B 152 0.50 -32.03 29.60
CA ALA B 152 1.16 -31.57 28.39
C ALA B 152 2.42 -30.75 28.71
N THR B 153 2.56 -30.27 29.94
CA THR B 153 3.65 -29.37 30.29
C THR B 153 5.01 -29.97 30.02
N PHE B 154 5.15 -31.30 30.17
CA PHE B 154 6.46 -31.92 30.02
C PHE B 154 7.01 -31.73 28.60
N ASP B 155 6.29 -32.18 27.58
CA ASP B 155 6.79 -31.98 26.24
C ASP B 155 6.67 -30.53 25.79
N VAL B 156 5.47 -29.96 25.89
CA VAL B 156 5.23 -28.58 25.43
C VAL B 156 6.32 -27.63 25.89
N SER B 157 6.70 -27.69 27.16
CA SER B 157 7.75 -26.80 27.65
C SER B 157 9.01 -26.86 26.79
N MET B 158 9.52 -28.06 26.55
CA MET B 158 10.69 -28.22 25.72
C MET B 158 10.36 -27.90 24.25
N ARG B 159 9.25 -28.45 23.76
CA ARG B 159 8.92 -28.49 22.32
C ARG B 159 8.55 -27.13 21.75
N PHE B 160 7.90 -26.27 22.55
CA PHE B 160 7.35 -25.00 22.05
C PHE B 160 7.76 -23.78 22.87
N LEU B 161 8.34 -24.00 24.04
CA LEU B 161 8.82 -22.87 24.83
C LEU B 161 10.33 -22.88 25.02
N THR B 162 10.99 -23.93 24.48
CA THR B 162 12.46 -24.00 24.54
C THR B 162 12.93 -23.97 26.00
N GLU B 163 12.25 -24.72 26.88
CA GLU B 163 12.55 -24.71 28.30
C GLU B 163 12.37 -26.03 29.05
N ASP B 164 13.21 -26.21 30.05
CA ASP B 164 13.29 -27.43 30.85
C ASP B 164 12.18 -27.53 31.92
N PRO B 165 11.32 -28.57 31.81
CA PRO B 165 10.31 -28.77 32.84
C PRO B 165 10.96 -29.03 34.21
N TRP B 166 12.15 -29.62 34.20
CA TRP B 166 12.83 -29.90 35.45
C TRP B 166 13.22 -28.62 36.11
N GLU B 167 13.71 -27.65 35.34
CA GLU B 167 14.04 -26.34 35.85
C GLU B 167 12.83 -25.65 36.48
N ARG B 168 11.67 -25.83 35.85
CA ARG B 168 10.45 -25.16 36.23
C ARG B 168 10.02 -25.70 37.59
N LEU B 169 10.02 -27.02 37.70
CA LEU B 169 9.66 -27.66 38.97
C LEU B 169 10.60 -27.23 40.09
N ALA B 170 11.90 -27.27 39.84
CA ALA B 170 12.89 -26.84 40.82
C ALA B 170 12.57 -25.43 41.36
N LEU B 171 12.25 -24.50 40.44
CA LEU B 171 11.90 -23.14 40.82
C LEU B 171 10.62 -23.06 41.68
N ILE B 172 9.56 -23.74 41.27
CA ILE B 172 8.36 -23.78 42.09
C ILE B 172 8.66 -24.36 43.49
N ARG B 173 9.31 -25.52 43.53
CA ARG B 173 9.78 -26.15 44.78
C ARG B 173 10.43 -25.14 45.75
N GLU B 174 11.40 -24.40 45.22
CA GLU B 174 12.19 -23.43 45.97
C GLU B 174 11.27 -22.33 46.51
N GLY B 175 10.27 -21.97 45.70
CA GLY B 175 9.39 -20.83 46.02
C GLY B 175 8.28 -21.18 46.97
N ALA B 176 7.89 -22.44 47.04
CA ALA B 176 6.82 -22.83 47.92
C ALA B 176 7.16 -24.11 48.68
N PRO B 177 8.04 -24.00 49.69
CA PRO B 177 8.58 -25.15 50.40
C PRO B 177 7.62 -25.68 51.45
N ASN B 178 6.39 -25.17 51.47
CA ASN B 178 5.41 -25.53 52.49
C ASN B 178 4.10 -26.13 51.92
N LEU B 179 3.83 -25.93 50.64
CA LEU B 179 2.73 -26.61 49.96
C LEU B 179 3.24 -27.80 49.14
N LEU B 180 2.44 -28.86 49.08
CA LEU B 180 2.82 -30.06 48.32
C LEU B 180 2.71 -29.68 46.87
N LEU B 181 3.61 -30.21 46.06
CA LEU B 181 3.50 -30.01 44.61
C LEU B 181 2.97 -31.26 43.98
N GLN B 182 1.94 -31.07 43.18
CA GLN B 182 1.21 -32.18 42.56
C GLN B 182 1.40 -32.23 41.04
N MET B 183 1.61 -33.44 40.52
CA MET B 183 1.63 -33.66 39.07
C MET B 183 0.48 -34.57 38.66
N LEU B 184 0.12 -34.52 37.38
CA LEU B 184 -0.73 -35.53 36.77
C LEU B 184 0.20 -36.50 36.10
N LEU B 185 0.03 -37.79 36.40
CA LEU B 185 0.86 -38.86 35.85
C LEU B 185 -0.04 -39.92 35.19
N ARG B 186 0.40 -40.42 34.03
CA ARG B 186 -0.33 -41.46 33.29
C ARG B 186 0.30 -42.78 33.62
N GLY B 187 -0.48 -43.68 34.20
CA GLY B 187 0.01 -45.00 34.61
C GLY B 187 0.88 -45.72 33.60
N ALA B 188 0.33 -45.91 32.40
CA ALA B 188 1.05 -46.61 31.32
C ALA B 188 2.10 -45.76 30.57
N ASN B 189 2.12 -44.44 30.79
CA ASN B 189 2.92 -43.57 29.93
C ASN B 189 4.05 -42.83 30.64
N GLY B 190 3.99 -42.79 31.96
CA GLY B 190 4.74 -41.79 32.72
C GLY B 190 4.15 -40.45 32.30
N VAL B 191 4.96 -39.63 31.64
CA VAL B 191 4.49 -38.43 30.91
C VAL B 191 4.77 -38.52 29.41
N GLY B 192 5.09 -39.71 28.92
CA GLY B 192 5.39 -39.89 27.50
C GLY B 192 4.19 -40.09 26.59
N ALA B 193 4.48 -40.47 25.34
CA ALA B 193 3.46 -40.60 24.31
C ALA B 193 3.29 -42.06 23.92
N THR B 194 4.18 -42.89 24.44
CA THR B 194 4.11 -44.33 24.18
C THR B 194 3.95 -45.09 25.50
N ASN B 195 3.94 -46.41 25.41
CA ASN B 195 4.16 -47.26 26.56
C ASN B 195 5.67 -47.43 26.69
N TYR B 196 6.10 -47.95 27.84
CA TYR B 196 7.52 -48.07 28.15
C TYR B 196 7.76 -49.30 28.99
N PRO B 197 8.98 -49.84 28.92
CA PRO B 197 9.38 -50.94 29.80
C PRO B 197 9.31 -50.47 31.23
N ASP B 198 9.08 -51.41 32.14
CA ASP B 198 8.80 -51.09 33.54
C ASP B 198 9.94 -50.32 34.20
N ASN B 199 11.17 -50.74 33.93
CA ASN B 199 12.35 -50.07 34.50
C ASN B 199 12.44 -48.57 34.15
N VAL B 200 11.96 -48.20 32.96
CA VAL B 200 11.90 -46.81 32.53
C VAL B 200 10.85 -46.04 33.33
N VAL B 201 9.66 -46.62 33.48
CA VAL B 201 8.58 -45.96 34.22
C VAL B 201 8.96 -45.76 35.69
N LYS B 202 9.45 -46.84 36.31
CA LYS B 202 10.03 -46.76 37.66
C LYS B 202 11.06 -45.64 37.69
N TYR B 203 12.06 -45.71 36.81
CA TYR B 203 13.10 -44.69 36.73
C TYR B 203 12.59 -43.25 36.69
N PHE B 204 11.51 -43.01 35.93
CA PHE B 204 10.91 -41.67 35.84
C PHE B 204 10.35 -41.20 37.19
N VAL B 205 9.54 -42.05 37.81
CA VAL B 205 8.91 -41.72 39.06
C VAL B 205 10.00 -41.36 40.08
N ARG B 206 11.04 -42.19 40.18
CA ARG B 206 12.18 -41.90 41.06
C ARG B 206 12.72 -40.50 40.78
N GLN B 207 12.94 -40.19 39.51
CA GLN B 207 13.45 -38.86 39.13
C GLN B 207 12.50 -37.71 39.50
N ALA B 208 11.20 -37.94 39.28
CA ALA B 208 10.17 -36.93 39.49
C ALA B 208 10.05 -36.56 40.96
N ALA B 209 10.15 -37.58 41.81
CA ALA B 209 10.07 -37.43 43.24
C ALA B 209 11.31 -36.69 43.73
N LYS B 210 12.48 -37.14 43.29
CA LYS B 210 13.73 -36.49 43.63
C LYS B 210 13.56 -35.02 43.27
N GLY B 211 12.92 -34.77 42.14
CA GLY B 211 12.85 -33.45 41.54
C GLY B 211 11.87 -32.50 42.16
N GLY B 212 10.98 -32.99 43.02
CA GLY B 212 10.17 -32.09 43.84
C GLY B 212 8.70 -32.38 43.93
N ILE B 213 8.29 -33.52 43.40
CA ILE B 213 6.88 -33.89 43.38
C ILE B 213 6.49 -34.66 44.63
N ASP B 214 5.42 -34.20 45.29
CA ASP B 214 4.96 -34.85 46.51
C ASP B 214 3.67 -35.64 46.29
N LEU B 215 2.79 -35.12 45.44
CA LEU B 215 1.50 -35.74 45.21
C LEU B 215 1.32 -36.13 43.75
N PHE B 216 1.33 -37.44 43.49
CA PHE B 216 1.13 -37.99 42.16
C PHE B 216 -0.32 -38.36 42.00
N ARG B 217 -1.02 -37.74 41.06
CA ARG B 217 -2.34 -38.21 40.66
C ARG B 217 -2.21 -39.09 39.42
N VAL B 218 -2.15 -40.39 39.64
CA VAL B 218 -1.96 -41.37 38.56
C VAL B 218 -3.30 -41.92 38.07
N PHE B 219 -3.43 -42.07 36.75
CA PHE B 219 -4.64 -42.61 36.11
C PHE B 219 -4.35 -43.63 34.98
N ASP B 220 -5.36 -44.42 34.61
CA ASP B 220 -5.30 -45.27 33.42
C ASP B 220 -6.44 -44.89 32.52
N CYS B 221 -6.16 -44.79 31.22
CA CYS B 221 -7.13 -44.31 30.25
C CYS B 221 -8.31 -45.26 30.05
N LEU B 222 -8.23 -46.43 30.68
CA LEU B 222 -9.32 -47.40 30.60
C LEU B 222 -9.83 -47.81 31.98
N ASN B 223 -9.40 -47.08 33.01
CA ASN B 223 -9.66 -47.44 34.41
C ASN B 223 -9.22 -48.87 34.77
N TRP B 224 -8.17 -49.33 34.08
CA TRP B 224 -7.68 -50.68 34.21
C TRP B 224 -6.62 -50.74 35.28
N VAL B 225 -6.94 -51.44 36.36
CA VAL B 225 -6.09 -51.44 37.55
C VAL B 225 -4.74 -52.13 37.33
N GLU B 226 -4.72 -53.28 36.66
CA GLU B 226 -3.46 -53.94 36.26
C GLU B 226 -2.46 -52.94 35.64
N ASN B 227 -2.98 -52.07 34.78
CA ASN B 227 -2.16 -51.07 34.09
C ASN B 227 -1.79 -49.88 34.97
N MET B 228 -2.10 -49.96 36.27
CA MET B 228 -1.76 -48.88 37.23
C MET B 228 -0.77 -49.31 38.30
N ARG B 229 -0.64 -50.62 38.51
CA ARG B 229 0.20 -51.15 39.59
C ARG B 229 1.67 -50.71 39.46
N VAL B 230 2.28 -50.97 38.29
CA VAL B 230 3.70 -50.62 38.11
C VAL B 230 3.98 -49.20 38.57
N SER B 231 3.06 -48.27 38.27
CA SER B 231 3.14 -46.87 38.73
C SER B 231 2.91 -46.65 40.24
N MET B 232 1.83 -47.22 40.78
CA MET B 232 1.49 -47.07 42.19
C MET B 232 2.55 -47.63 43.14
N ASP B 233 3.16 -48.75 42.77
CA ASP B 233 4.27 -49.31 43.55
C ASP B 233 5.44 -48.33 43.58
N ALA B 234 5.76 -47.77 42.41
CA ALA B 234 6.89 -46.88 42.25
C ALA B 234 6.71 -45.63 43.10
N ILE B 235 5.49 -45.10 43.11
CA ILE B 235 5.17 -43.94 43.93
C ILE B 235 5.34 -44.29 45.42
N ALA B 236 5.00 -45.51 45.79
CA ALA B 236 5.12 -45.94 47.17
C ALA B 236 6.58 -46.17 47.54
N GLU B 237 7.36 -46.70 46.60
CA GLU B 237 8.76 -46.99 46.89
C GLU B 237 9.48 -45.67 47.16
N GLU B 238 9.02 -44.61 46.51
CA GLU B 238 9.62 -43.29 46.65
C GLU B 238 9.05 -42.56 47.85
N ASN B 239 8.17 -43.24 48.57
CA ASN B 239 7.59 -42.72 49.81
C ASN B 239 6.86 -41.38 49.59
N LYS B 240 6.17 -41.27 48.45
CA LYS B 240 5.38 -40.08 48.14
C LYS B 240 3.89 -40.39 48.15
N LEU B 241 3.05 -39.38 47.90
CA LEU B 241 1.59 -39.58 47.90
C LEU B 241 1.10 -40.21 46.61
N CYS B 242 0.41 -41.34 46.74
CA CYS B 242 -0.23 -41.97 45.59
C CYS B 242 -1.73 -41.72 45.56
N GLU B 243 -2.16 -40.78 44.72
CA GLU B 243 -3.57 -40.51 44.54
C GLU B 243 -3.98 -41.27 43.29
N ALA B 244 -4.62 -42.42 43.50
CA ALA B 244 -5.15 -43.22 42.41
C ALA B 244 -6.46 -42.61 41.92
N ALA B 245 -6.51 -42.33 40.63
CA ALA B 245 -7.67 -41.71 39.99
C ALA B 245 -8.61 -42.76 39.42
N ILE B 246 -9.92 -42.51 39.55
CA ILE B 246 -10.92 -43.24 38.76
C ILE B 246 -11.54 -42.21 37.85
N CYS B 247 -11.35 -42.39 36.54
CA CYS B 247 -11.93 -41.45 35.57
C CYS B 247 -13.45 -41.62 35.53
N TYR B 248 -14.16 -40.50 35.50
CA TYR B 248 -15.62 -40.51 35.47
C TYR B 248 -16.12 -40.38 34.03
N THR B 249 -17.11 -41.22 33.69
CA THR B 249 -17.77 -41.14 32.40
C THR B 249 -19.24 -41.57 32.49
N GLY B 250 -20.06 -41.15 31.51
CA GLY B 250 -21.50 -41.40 31.52
C GLY B 250 -22.28 -40.77 32.67
N ASP B 251 -23.23 -41.53 33.21
CA ASP B 251 -24.14 -41.04 34.25
C ASP B 251 -24.64 -42.18 35.10
N ILE B 252 -24.26 -42.16 36.38
CA ILE B 252 -24.66 -43.17 37.35
C ILE B 252 -26.12 -43.06 37.73
N LEU B 253 -26.73 -41.91 37.47
CA LEU B 253 -28.12 -41.73 37.78
C LEU B 253 -28.97 -42.04 36.56
N ASN B 254 -28.33 -42.62 35.55
CA ASN B 254 -29.02 -42.99 34.33
C ASN B 254 -29.13 -44.51 34.18
N SER B 255 -30.35 -45.02 34.40
CA SER B 255 -30.65 -46.45 34.30
C SER B 255 -30.30 -46.97 32.93
N ALA B 256 -30.52 -46.15 31.90
CA ALA B 256 -30.29 -46.52 30.51
C ALA B 256 -28.81 -46.68 30.14
N ARG B 257 -27.92 -46.30 31.05
CA ARG B 257 -26.48 -46.52 30.86
C ARG B 257 -25.96 -47.33 32.04
N PRO B 258 -26.01 -48.67 31.94
CA PRO B 258 -25.73 -49.49 33.14
C PRO B 258 -24.24 -49.71 33.39
N LYS B 259 -23.44 -49.75 32.32
CA LYS B 259 -22.00 -50.05 32.38
C LYS B 259 -21.32 -49.24 33.47
N TYR B 260 -21.67 -47.96 33.55
CA TYR B 260 -21.06 -47.06 34.52
C TYR B 260 -22.02 -46.63 35.63
N ASP B 261 -22.37 -47.57 36.52
CA ASP B 261 -23.19 -47.26 37.69
C ASP B 261 -22.35 -47.03 38.94
N LEU B 262 -23.02 -46.74 40.06
CA LEU B 262 -22.37 -46.47 41.35
C LEU B 262 -21.38 -47.57 41.73
N LYS B 263 -21.85 -48.81 41.73
CA LYS B 263 -21.07 -49.99 42.14
C LYS B 263 -19.70 -50.06 41.45
N TYR B 264 -19.71 -49.84 40.13
CA TYR B 264 -18.52 -49.73 39.30
C TYR B 264 -17.44 -48.84 39.93
N TYR B 265 -17.87 -47.70 40.46
CA TYR B 265 -16.95 -46.75 41.05
C TYR B 265 -16.52 -47.14 42.46
N THR B 266 -17.45 -47.65 43.25
CA THR B 266 -17.11 -47.97 44.63
C THR B 266 -16.17 -49.18 44.66
N ASN B 267 -16.41 -50.15 43.76
CA ASN B 267 -15.56 -51.34 43.64
C ASN B 267 -14.14 -50.97 43.25
N LEU B 268 -14.04 -50.13 42.22
CA LEU B 268 -12.75 -49.69 41.75
C LEU B 268 -11.98 -49.10 42.90
N ALA B 269 -12.60 -48.11 43.59
CA ALA B 269 -12.01 -47.49 44.78
C ALA B 269 -11.54 -48.50 45.84
N VAL B 270 -12.35 -49.53 46.11
CA VAL B 270 -11.94 -50.63 46.98
C VAL B 270 -10.69 -51.30 46.43
N GLU B 271 -10.70 -51.67 45.15
CA GLU B 271 -9.54 -52.31 44.53
C GLU B 271 -8.27 -51.46 44.60
N LEU B 272 -8.43 -50.17 44.34
CA LEU B 272 -7.30 -49.25 44.39
C LEU B 272 -6.73 -49.04 45.80
N GLU B 273 -7.59 -49.09 46.83
CA GLU B 273 -7.10 -49.11 48.22
C GLU B 273 -6.20 -50.30 48.44
N LYS B 274 -6.71 -51.49 48.11
CA LYS B 274 -5.97 -52.74 48.23
C LYS B 274 -4.76 -52.77 47.29
N ALA B 275 -4.69 -51.80 46.38
CA ALA B 275 -3.58 -51.69 45.42
C ALA B 275 -2.47 -50.71 45.85
N GLY B 276 -2.66 -50.05 47.00
CA GLY B 276 -1.63 -49.17 47.54
C GLY B 276 -1.94 -47.69 47.51
N ALA B 277 -3.19 -47.35 47.18
CA ALA B 277 -3.55 -45.93 47.12
C ALA B 277 -3.52 -45.31 48.51
N HIS B 278 -3.16 -44.03 48.56
CA HIS B 278 -3.22 -43.22 49.77
C HIS B 278 -4.41 -42.34 49.70
N ILE B 279 -4.74 -41.90 48.49
CA ILE B 279 -5.87 -41.02 48.22
C ILE B 279 -6.59 -41.55 46.98
N ILE B 280 -7.90 -41.35 46.90
CA ILE B 280 -8.67 -41.74 45.74
C ILE B 280 -9.17 -40.49 45.05
N ALA B 281 -9.03 -40.44 43.72
CA ALA B 281 -9.50 -39.28 42.95
C ALA B 281 -10.64 -39.62 41.99
N VAL B 282 -11.63 -38.74 41.94
CA VAL B 282 -12.56 -38.82 40.84
C VAL B 282 -12.12 -37.80 39.82
N KCX B 283 -11.65 -38.28 38.68
CA KCX B 283 -11.10 -37.43 37.61
CB KCX B 283 -9.90 -38.13 37.02
CG KCX B 283 -9.05 -37.18 36.21
CD KCX B 283 -8.09 -37.93 35.27
CE KCX B 283 -7.05 -36.99 34.68
NZ KCX B 283 -7.69 -36.05 33.80
C KCX B 283 -12.18 -37.29 36.60
O KCX B 283 -12.39 -38.19 35.78
CX KCX B 283 -7.44 -34.73 33.69
OQ1 KCX B 283 -8.07 -34.08 32.87
OQ2 KCX B 283 -6.52 -34.10 34.44
N ASP B 284 -12.90 -36.19 36.67
CA ASP B 284 -13.99 -35.95 35.74
C ASP B 284 -13.42 -35.16 34.57
N MET B 285 -12.70 -35.84 33.68
CA MET B 285 -11.91 -35.13 32.66
C MET B 285 -12.76 -34.29 31.72
N ALA B 286 -13.97 -34.78 31.43
CA ALA B 286 -14.89 -34.07 30.52
C ALA B 286 -15.88 -33.16 31.26
N GLY B 287 -15.75 -33.08 32.58
CA GLY B 287 -16.65 -32.27 33.38
C GLY B 287 -18.09 -32.75 33.29
N LEU B 288 -18.30 -34.06 33.44
CA LEU B 288 -19.61 -34.67 33.22
C LEU B 288 -20.46 -34.94 34.48
N LEU B 289 -19.85 -35.05 35.66
CA LEU B 289 -20.64 -35.36 36.86
C LEU B 289 -21.57 -34.20 37.21
N LYS B 290 -22.85 -34.52 37.35
CA LYS B 290 -23.85 -33.55 37.71
C LYS B 290 -23.99 -33.52 39.23
N PRO B 291 -24.49 -32.40 39.80
CA PRO B 291 -24.66 -32.26 41.26
C PRO B 291 -25.36 -33.44 41.95
N ALA B 292 -26.53 -33.84 41.47
CA ALA B 292 -27.28 -34.95 42.05
C ALA B 292 -26.41 -36.19 42.19
N ALA B 293 -25.74 -36.57 41.11
CA ALA B 293 -24.80 -37.69 41.14
C ALA B 293 -23.73 -37.56 42.24
N ALA B 294 -23.31 -36.33 42.54
CA ALA B 294 -22.26 -36.09 43.54
C ALA B 294 -22.75 -36.36 44.97
N LYS B 295 -23.95 -35.86 45.30
CA LYS B 295 -24.58 -36.07 46.61
C LYS B 295 -24.48 -37.57 46.94
N VAL B 296 -24.65 -38.35 45.88
CA VAL B 296 -24.70 -39.81 45.92
C VAL B 296 -23.32 -40.46 45.78
N LEU B 297 -22.53 -40.01 44.79
CA LEU B 297 -21.20 -40.61 44.55
C LEU B 297 -20.24 -40.49 45.75
N PHE B 298 -20.19 -39.31 46.34
CA PHE B 298 -19.18 -39.05 47.35
C PHE B 298 -19.59 -39.52 48.74
N LYS B 299 -20.89 -39.68 48.99
CA LYS B 299 -21.32 -40.35 50.22
C LYS B 299 -20.89 -41.80 50.12
N ALA B 300 -21.14 -42.38 48.94
CA ALA B 300 -20.84 -43.79 48.69
C ALA B 300 -19.36 -44.02 48.86
N LEU B 301 -18.55 -43.23 48.16
CA LEU B 301 -17.11 -43.41 48.22
C LEU B 301 -16.55 -43.34 49.63
N ARG B 302 -17.03 -42.39 50.41
CA ARG B 302 -16.71 -42.29 51.83
C ARG B 302 -16.98 -43.62 52.54
N GLU B 303 -18.20 -44.13 52.40
CA GLU B 303 -18.55 -45.39 53.04
C GLU B 303 -17.75 -46.59 52.51
N ALA B 304 -17.41 -46.61 51.22
CA ALA B 304 -16.78 -47.79 50.60
C ALA B 304 -15.28 -47.99 50.88
N THR B 305 -14.57 -46.90 51.20
CA THR B 305 -13.14 -46.96 51.50
C THR B 305 -12.79 -46.02 52.65
N GLY B 306 -11.72 -46.35 53.37
CA GLY B 306 -11.22 -45.48 54.43
C GLY B 306 -10.48 -44.26 53.88
N LEU B 307 -10.07 -44.36 52.62
CA LEU B 307 -9.21 -43.35 52.02
C LEU B 307 -9.91 -41.99 51.84
N PRO B 308 -9.15 -40.88 51.99
CA PRO B 308 -9.65 -39.57 51.58
C PRO B 308 -9.94 -39.53 50.07
N ILE B 309 -10.94 -38.76 49.65
CA ILE B 309 -11.32 -38.68 48.23
C ILE B 309 -11.08 -37.28 47.68
N HIS B 310 -10.61 -37.20 46.42
CA HIS B 310 -10.16 -35.94 45.81
C HIS B 310 -10.87 -35.71 44.50
N PHE B 311 -11.49 -34.54 44.35
CA PHE B 311 -12.37 -34.33 43.21
C PHE B 311 -11.86 -33.34 42.17
N HIS B 312 -11.64 -33.83 40.95
CA HIS B 312 -11.15 -33.03 39.83
C HIS B 312 -12.13 -33.02 38.71
N THR B 313 -12.62 -31.84 38.35
CA THR B 313 -13.55 -31.68 37.23
C THR B 313 -13.19 -30.50 36.32
N HIS B 314 -14.04 -30.27 35.31
CA HIS B 314 -13.88 -29.18 34.31
C HIS B 314 -15.18 -28.46 34.13
N ASP B 315 -15.19 -27.32 33.45
CA ASP B 315 -16.39 -26.46 33.47
C ASP B 315 -17.12 -26.26 32.13
N THR B 316 -16.70 -27.01 31.12
CA THR B 316 -17.33 -26.98 29.82
C THR B 316 -18.84 -26.79 29.93
N SER B 317 -19.43 -27.46 30.92
CA SER B 317 -20.87 -27.46 31.23
C SER B 317 -21.38 -26.07 31.61
N GLY B 318 -20.58 -25.32 32.36
CA GLY B 318 -21.03 -24.09 32.97
C GLY B 318 -21.69 -24.33 34.33
N ILE B 319 -21.64 -25.57 34.82
CA ILE B 319 -22.24 -25.91 36.09
C ILE B 319 -21.27 -26.62 37.05
N ALA B 320 -20.00 -26.73 36.68
CA ALA B 320 -19.06 -27.49 37.51
C ALA B 320 -19.00 -27.03 38.96
N ALA B 321 -19.19 -25.74 39.21
CA ALA B 321 -19.11 -25.28 40.60
C ALA B 321 -20.20 -25.94 41.40
N ALA B 322 -21.38 -26.07 40.81
CA ALA B 322 -22.49 -26.75 41.49
C ALA B 322 -22.06 -28.14 41.88
N THR B 323 -21.44 -28.85 40.94
CA THR B 323 -20.95 -30.20 41.21
C THR B 323 -19.87 -30.24 42.30
N VAL B 324 -18.88 -29.37 42.21
CA VAL B 324 -17.89 -29.25 43.26
C VAL B 324 -18.59 -29.04 44.60
N LEU B 325 -19.51 -28.07 44.67
CA LEU B 325 -20.06 -27.65 45.96
C LEU B 325 -20.90 -28.77 46.57
N ALA B 326 -21.57 -29.55 45.72
CA ALA B 326 -22.27 -30.78 46.14
C ALA B 326 -21.29 -31.78 46.76
N ALA B 327 -20.19 -32.06 46.06
CA ALA B 327 -19.14 -32.93 46.57
C ALA B 327 -18.66 -32.44 47.92
N VAL B 328 -18.50 -31.13 48.10
CA VAL B 328 -18.17 -30.60 49.43
C VAL B 328 -19.27 -30.95 50.44
N GLU B 329 -20.53 -30.70 50.06
CA GLU B 329 -21.65 -31.00 50.95
C GLU B 329 -21.66 -32.46 51.40
N ALA B 330 -21.27 -33.36 50.52
CA ALA B 330 -21.23 -34.80 50.81
C ALA B 330 -19.93 -35.26 51.46
N GLY B 331 -19.12 -34.33 51.96
CA GLY B 331 -17.93 -34.68 52.70
C GLY B 331 -16.77 -35.27 51.92
N VAL B 332 -16.58 -34.77 50.70
CA VAL B 332 -15.35 -35.02 49.98
C VAL B 332 -14.26 -34.25 50.69
N ASP B 333 -13.05 -34.79 50.70
CA ASP B 333 -11.96 -34.18 51.43
C ASP B 333 -11.24 -33.07 50.64
N ALA B 334 -11.00 -33.28 49.36
CA ALA B 334 -10.34 -32.25 48.56
C ALA B 334 -11.01 -32.01 47.20
N VAL B 335 -10.91 -30.76 46.72
CA VAL B 335 -11.32 -30.41 45.36
C VAL B 335 -10.23 -29.60 44.65
N ASP B 336 -10.20 -29.65 43.32
CA ASP B 336 -9.33 -28.84 42.50
C ASP B 336 -10.12 -27.62 42.09
N ALA B 337 -9.44 -26.54 41.76
CA ALA B 337 -10.06 -25.31 41.29
C ALA B 337 -8.98 -24.48 40.62
N ALA B 338 -9.36 -23.57 39.73
CA ALA B 338 -8.41 -22.67 39.07
C ALA B 338 -8.65 -21.22 39.46
N MET B 339 -7.56 -20.46 39.59
CA MET B 339 -7.64 -19.02 39.84
C MET B 339 -8.67 -18.34 38.90
N ASP B 340 -9.34 -17.31 39.35
CA ASP B 340 -10.45 -16.76 38.58
C ASP B 340 -10.06 -16.49 37.13
N ALA B 341 -8.99 -15.71 36.95
CA ALA B 341 -8.47 -15.31 35.65
C ALA B 341 -8.08 -16.45 34.70
N LEU B 342 -8.08 -17.68 35.19
CA LEU B 342 -7.88 -18.84 34.31
C LEU B 342 -8.87 -19.98 34.57
N SER B 343 -10.09 -19.61 34.94
CA SER B 343 -11.13 -20.58 35.25
C SER B 343 -12.25 -20.52 34.23
N GLY B 344 -13.23 -21.42 34.38
CA GLY B 344 -14.41 -21.42 33.54
C GLY B 344 -14.15 -22.21 32.28
N ASN B 345 -15.21 -22.40 31.48
CA ASN B 345 -15.15 -23.13 30.22
C ASN B 345 -14.39 -24.46 30.31
N THR B 346 -13.48 -24.75 29.39
CA THR B 346 -12.82 -26.05 29.46
C THR B 346 -11.82 -26.19 30.61
N SER B 347 -11.59 -25.13 31.38
CA SER B 347 -10.72 -25.20 32.56
C SER B 347 -11.50 -25.68 33.79
N GLN B 348 -10.95 -25.48 34.99
CA GLN B 348 -11.67 -25.78 36.24
C GLN B 348 -12.65 -24.67 36.52
N PRO B 349 -13.65 -24.89 37.40
CA PRO B 349 -14.48 -23.75 37.79
C PRO B 349 -13.71 -22.86 38.73
N CYS B 350 -14.32 -21.72 39.05
CA CYS B 350 -13.65 -20.57 39.61
C CYS B 350 -13.34 -20.75 41.07
N LEU B 351 -12.03 -20.76 41.40
CA LEU B 351 -11.54 -21.00 42.77
C LEU B 351 -12.00 -19.97 43.78
N GLY B 352 -11.95 -18.71 43.40
CA GLY B 352 -12.28 -17.64 44.33
C GLY B 352 -13.74 -17.67 44.70
N SER B 353 -14.60 -17.94 43.71
CA SER B 353 -16.05 -17.94 43.93
C SER B 353 -16.49 -19.17 44.70
N ILE B 354 -15.90 -20.33 44.37
CA ILE B 354 -16.13 -21.53 45.15
C ILE B 354 -15.74 -21.24 46.61
N VAL B 355 -14.55 -20.68 46.81
CA VAL B 355 -14.14 -20.29 48.15
C VAL B 355 -15.11 -19.30 48.78
N GLU B 356 -15.57 -18.30 48.04
CA GLU B 356 -16.45 -17.31 48.66
C GLU B 356 -17.83 -17.86 49.04
N ALA B 357 -18.14 -19.07 48.56
CA ALA B 357 -19.42 -19.74 48.85
C ALA B 357 -19.28 -20.64 50.04
N LEU B 358 -18.06 -21.00 50.39
CA LEU B 358 -17.88 -21.90 51.51
C LEU B 358 -17.65 -21.08 52.74
N SER B 359 -17.39 -19.79 52.51
CA SER B 359 -16.98 -18.87 53.56
C SER B 359 -18.01 -18.79 54.68
N GLY B 360 -17.62 -19.22 55.88
CA GLY B 360 -18.51 -19.25 57.03
C GLY B 360 -19.21 -20.59 57.27
N SER B 361 -19.07 -21.52 56.33
CA SER B 361 -19.70 -22.84 56.51
C SER B 361 -18.91 -23.70 57.48
N GLU B 362 -19.47 -24.86 57.83
CA GLU B 362 -18.80 -25.83 58.66
C GLU B 362 -17.48 -26.24 58.02
N ARG B 363 -17.46 -26.26 56.69
CA ARG B 363 -16.31 -26.79 55.97
C ARG B 363 -15.49 -25.69 55.30
N ASP B 364 -15.64 -24.47 55.81
CA ASP B 364 -14.86 -23.32 55.39
C ASP B 364 -13.38 -23.71 55.16
N PRO B 365 -12.85 -23.46 53.94
CA PRO B 365 -11.55 -24.02 53.52
C PRO B 365 -10.31 -23.32 54.07
N GLY B 366 -10.50 -22.14 54.70
CA GLY B 366 -9.45 -21.35 55.38
C GLY B 366 -8.54 -20.42 54.57
N LEU B 367 -9.04 -19.84 53.48
CA LEU B 367 -8.20 -19.09 52.56
C LEU B 367 -8.70 -17.67 52.40
N ASP B 368 -7.78 -16.72 52.40
CA ASP B 368 -8.12 -15.32 52.29
C ASP B 368 -8.52 -14.90 50.85
N PRO B 369 -9.80 -14.48 50.69
CA PRO B 369 -10.34 -14.02 49.41
C PRO B 369 -9.51 -12.93 48.76
N ALA B 370 -9.08 -11.94 49.56
CA ALA B 370 -8.35 -10.78 49.02
C ALA B 370 -7.09 -11.22 48.29
N TRP B 371 -6.49 -12.29 48.78
CA TRP B 371 -5.24 -12.74 48.28
C TRP B 371 -5.45 -13.56 47.06
N ILE B 372 -6.44 -14.46 47.13
CA ILE B 372 -6.88 -15.17 45.92
C ILE B 372 -7.07 -14.13 44.83
N ARG B 373 -7.77 -13.06 45.18
CA ARG B 373 -8.01 -12.02 44.22
C ARG B 373 -6.74 -11.34 43.72
N ARG B 374 -5.78 -11.08 44.61
CA ARG B 374 -4.52 -10.43 44.20
C ARG B 374 -3.71 -11.35 43.28
N ILE B 375 -3.77 -12.65 43.54
CA ILE B 375 -3.09 -13.61 42.71
C ILE B 375 -3.81 -13.78 41.39
N SER B 376 -5.13 -13.70 41.42
CA SER B 376 -5.88 -13.70 40.17
C SER B 376 -5.47 -12.54 39.26
N PHE B 377 -5.51 -11.30 39.77
CA PHE B 377 -5.10 -10.15 38.94
C PHE B 377 -3.75 -10.39 38.27
N TYR B 378 -2.83 -11.00 39.01
CA TYR B 378 -1.50 -11.26 38.49
C TYR B 378 -1.59 -12.17 37.25
N TRP B 379 -2.32 -13.28 37.41
CA TRP B 379 -2.61 -14.21 36.34
C TRP B 379 -3.30 -13.55 35.19
N GLU B 380 -4.26 -12.67 35.47
CA GLU B 380 -4.91 -11.92 34.42
C GLU B 380 -3.88 -11.13 33.57
N ALA B 381 -3.11 -10.27 34.21
CA ALA B 381 -2.00 -9.58 33.54
C ALA B 381 -1.15 -10.56 32.79
N VAL B 382 -0.74 -11.61 33.49
CA VAL B 382 0.03 -12.70 32.89
C VAL B 382 -0.63 -13.27 31.62
N ARG B 383 -1.90 -13.66 31.71
CA ARG B 383 -2.67 -14.22 30.58
C ARG B 383 -2.68 -13.35 29.33
N ASN B 384 -2.89 -12.06 29.52
CA ASN B 384 -2.87 -11.14 28.39
C ASN B 384 -1.68 -11.32 27.44
N GLN B 385 -0.55 -11.79 27.96
CA GLN B 385 0.66 -11.99 27.14
C GLN B 385 0.53 -13.12 26.12
N TYR B 386 -0.41 -14.04 26.36
CA TYR B 386 -0.58 -15.25 25.55
C TYR B 386 -1.80 -15.15 24.61
N ALA B 387 -2.10 -13.94 24.15
CA ALA B 387 -3.22 -13.71 23.26
C ALA B 387 -3.20 -14.63 22.05
N ALA B 388 -2.01 -14.94 21.54
CA ALA B 388 -1.81 -15.85 20.36
C ALA B 388 -2.44 -17.22 20.55
N PHE B 389 -2.60 -17.64 21.80
CA PHE B 389 -3.09 -18.98 22.10
C PHE B 389 -4.49 -18.99 22.71
N GLU B 390 -5.21 -17.88 22.60
CA GLU B 390 -6.59 -17.88 23.06
C GLU B 390 -7.45 -18.67 22.07
N SER B 391 -8.34 -19.51 22.57
CA SER B 391 -9.28 -20.17 21.69
C SER B 391 -10.49 -19.27 21.43
N ASP B 392 -11.38 -19.69 20.55
CA ASP B 392 -12.58 -18.90 20.26
C ASP B 392 -13.86 -19.42 20.97
N LEU B 393 -13.69 -20.24 22.01
CA LEU B 393 -14.82 -20.71 22.84
C LEU B 393 -15.45 -19.55 23.60
N LYS B 394 -16.73 -19.31 23.34
CA LYS B 394 -17.43 -18.16 23.89
C LYS B 394 -18.16 -18.40 25.23
N GLY B 395 -18.45 -19.66 25.57
CA GLY B 395 -19.21 -19.94 26.80
C GLY B 395 -19.50 -21.37 27.23
N PRO B 396 -20.49 -21.55 28.11
CA PRO B 396 -20.82 -22.90 28.56
C PRO B 396 -21.50 -23.67 27.45
N ALA B 397 -21.33 -24.99 27.43
CA ALA B 397 -21.95 -25.83 26.41
C ALA B 397 -22.54 -27.10 27.04
N SER B 398 -23.85 -27.29 26.92
CA SER B 398 -24.43 -28.50 27.48
C SER B 398 -24.15 -29.69 26.56
N GLU B 399 -23.76 -29.38 25.32
CA GLU B 399 -23.32 -30.40 24.38
C GLU B 399 -22.26 -31.37 24.91
N VAL B 400 -21.47 -30.96 25.90
CA VAL B 400 -20.48 -31.84 26.50
C VAL B 400 -21.12 -33.13 27.01
N TYR B 401 -22.41 -33.08 27.31
CA TYR B 401 -23.12 -34.27 27.75
C TYR B 401 -23.31 -35.22 26.58
N LEU B 402 -23.40 -34.66 25.38
CA LEU B 402 -23.54 -35.49 24.19
C LEU B 402 -22.21 -36.15 23.84
N HIS B 403 -21.19 -35.34 23.57
CA HIS B 403 -19.93 -35.88 23.02
C HIS B 403 -18.99 -36.49 24.02
N GLU B 404 -19.00 -35.97 25.25
CA GLU B 404 -18.10 -36.46 26.29
C GLU B 404 -16.62 -36.22 25.97
N MET B 405 -16.33 -35.14 25.24
CA MET B 405 -14.96 -34.76 24.92
C MET B 405 -14.29 -34.13 26.13
N PRO B 406 -13.12 -34.68 26.54
CA PRO B 406 -12.37 -34.07 27.63
C PRO B 406 -12.20 -32.54 27.46
N GLY B 407 -12.40 -31.82 28.56
CA GLY B 407 -12.14 -30.37 28.65
C GLY B 407 -10.85 -29.93 27.96
N GLY B 408 -9.74 -30.52 28.36
CA GLY B 408 -8.44 -30.23 27.72
C GLY B 408 -8.21 -30.78 26.31
N GLN B 409 -9.24 -31.37 25.68
CA GLN B 409 -9.13 -31.80 24.27
C GLN B 409 -10.12 -31.08 23.34
N PHE B 410 -11.07 -30.35 23.90
CA PHE B 410 -12.13 -29.74 23.09
C PHE B 410 -11.57 -28.85 21.99
N THR B 411 -10.76 -27.87 22.41
CA THR B 411 -10.18 -26.92 21.49
C THR B 411 -9.31 -27.60 20.43
N ASN B 412 -8.42 -28.46 20.89
CA ASN B 412 -7.46 -29.17 20.05
C ASN B 412 -8.07 -29.99 18.91
N LEU B 413 -9.13 -30.76 19.19
CA LEU B 413 -9.81 -31.52 18.15
C LEU B 413 -10.56 -30.60 17.18
N LYS B 414 -11.05 -29.46 17.69
CA LYS B 414 -11.79 -28.49 16.87
C LYS B 414 -10.89 -27.77 15.86
N GLU B 415 -9.64 -27.52 16.28
CA GLU B 415 -8.58 -26.95 15.42
C GLU B 415 -8.20 -27.97 14.35
N GLN B 416 -8.03 -29.22 14.76
CA GLN B 416 -7.82 -30.32 13.84
C GLN B 416 -8.98 -30.43 12.84
N ALA B 417 -10.16 -29.98 13.25
CA ALA B 417 -11.38 -30.04 12.42
C ALA B 417 -11.41 -28.97 11.33
N ARG B 418 -10.99 -27.75 11.67
CA ARG B 418 -10.80 -26.67 10.70
C ARG B 418 -9.69 -27.07 9.74
N SER B 419 -8.57 -27.49 10.33
CA SER B 419 -7.40 -28.03 9.61
C SER B 419 -7.74 -29.09 8.52
N LEU B 420 -8.88 -29.76 8.69
CA LEU B 420 -9.36 -30.75 7.73
C LEU B 420 -10.50 -30.21 6.87
N GLY B 421 -10.95 -28.98 7.19
CA GLY B 421 -12.00 -28.33 6.42
C GLY B 421 -13.38 -28.85 6.73
N LEU B 422 -13.80 -28.70 7.98
CA LEU B 422 -15.14 -29.10 8.42
C LEU B 422 -15.63 -28.20 9.56
N GLU B 423 -15.01 -27.02 9.68
CA GLU B 423 -15.35 -26.01 10.70
C GLU B 423 -16.85 -25.76 10.75
N THR B 424 -17.52 -26.01 9.63
CA THR B 424 -18.94 -25.74 9.46
C THR B 424 -19.78 -27.00 9.61
N ARG B 425 -19.15 -28.07 10.10
CA ARG B 425 -19.87 -29.26 10.48
C ARG B 425 -19.28 -29.82 11.78
N TRP B 426 -18.86 -28.91 12.65
CA TRP B 426 -18.26 -29.24 13.95
C TRP B 426 -19.20 -30.03 14.83
N HIS B 427 -20.50 -29.90 14.57
CA HIS B 427 -21.47 -30.65 15.35
C HIS B 427 -21.68 -32.01 14.78
N GLN B 428 -21.46 -32.15 13.47
CA GLN B 428 -21.40 -33.45 12.81
C GLN B 428 -20.24 -34.29 13.37
N VAL B 429 -19.09 -33.65 13.60
CA VAL B 429 -17.94 -34.29 14.29
C VAL B 429 -18.39 -34.67 15.69
N ALA B 430 -18.95 -33.69 16.40
CA ALA B 430 -19.47 -33.88 17.75
C ALA B 430 -20.35 -35.12 17.89
N GLN B 431 -21.45 -35.16 17.12
CA GLN B 431 -22.33 -36.32 17.17
C GLN B 431 -21.58 -37.61 16.84
N ALA B 432 -20.67 -37.53 15.87
CA ALA B 432 -19.92 -38.72 15.42
C ALA B 432 -19.05 -39.30 16.54
N TYR B 433 -18.43 -38.41 17.30
CA TYR B 433 -17.65 -38.79 18.49
C TYR B 433 -18.51 -39.62 19.46
N ALA B 434 -19.72 -39.15 19.72
CA ALA B 434 -20.67 -39.85 20.58
C ALA B 434 -20.99 -41.21 20.00
N ASP B 435 -21.09 -41.27 18.68
CA ASP B 435 -21.37 -42.50 17.95
C ASP B 435 -20.22 -43.52 18.08
N ALA B 436 -19.00 -43.06 17.79
CA ALA B 436 -17.78 -43.90 17.87
C ALA B 436 -17.50 -44.46 19.26
N ASN B 437 -17.89 -43.68 20.28
CA ASN B 437 -17.90 -44.14 21.65
C ASN B 437 -18.82 -45.35 21.84
N GLN B 438 -20.09 -45.19 21.46
CA GLN B 438 -21.11 -46.25 21.59
C GLN B 438 -20.62 -47.54 20.94
N MET B 439 -20.11 -47.40 19.72
CA MET B 439 -19.60 -48.51 18.92
C MET B 439 -18.40 -49.19 19.58
N PHE B 440 -17.36 -48.42 19.88
CA PHE B 440 -16.18 -48.98 20.52
C PHE B 440 -16.50 -49.68 21.87
N GLY B 441 -17.80 -49.68 22.23
CA GLY B 441 -18.28 -50.34 23.44
C GLY B 441 -18.42 -49.44 24.67
N ASP B 442 -18.80 -48.17 24.45
CA ASP B 442 -18.97 -47.18 25.54
C ASP B 442 -17.77 -47.14 26.51
N ILE B 443 -16.70 -46.47 26.09
CA ILE B 443 -15.43 -46.52 26.83
C ILE B 443 -15.11 -45.25 27.61
N VAL B 444 -14.04 -45.32 28.41
CA VAL B 444 -13.47 -44.16 29.09
C VAL B 444 -12.67 -43.39 28.05
N LYS B 445 -13.10 -42.18 27.73
CA LYS B 445 -12.35 -41.40 26.75
C LYS B 445 -11.50 -40.31 27.42
N VAL B 446 -10.20 -40.58 27.46
CA VAL B 446 -9.18 -39.69 27.98
C VAL B 446 -7.87 -40.03 27.23
N THR B 447 -6.78 -39.30 27.45
CA THR B 447 -5.54 -39.55 26.69
C THR B 447 -4.92 -40.87 27.15
N PRO B 448 -4.49 -41.73 26.21
CA PRO B 448 -4.47 -41.60 24.74
C PRO B 448 -5.72 -42.13 24.02
N SER B 449 -6.70 -42.61 24.79
CA SER B 449 -7.88 -43.27 24.21
C SER B 449 -8.82 -42.29 23.50
N SER B 450 -8.91 -41.07 24.03
CA SER B 450 -9.72 -40.02 23.40
C SER B 450 -9.20 -39.57 22.02
N LYS B 451 -7.86 -39.55 21.85
CA LYS B 451 -7.26 -39.25 20.54
C LYS B 451 -7.57 -40.34 19.49
N VAL B 452 -7.88 -41.54 19.96
CA VAL B 452 -8.27 -42.68 19.12
C VAL B 452 -9.74 -42.57 18.67
N VAL B 453 -10.59 -42.03 19.53
CA VAL B 453 -12.02 -41.85 19.25
C VAL B 453 -12.20 -40.63 18.35
N GLY B 454 -11.36 -39.61 18.57
CA GLY B 454 -11.37 -38.39 17.77
C GLY B 454 -10.89 -38.64 16.36
N ASP B 455 -9.86 -39.48 16.21
CA ASP B 455 -9.32 -39.85 14.89
C ASP B 455 -10.36 -40.55 14.04
N MET B 456 -11.25 -41.27 14.72
CA MET B 456 -12.31 -42.03 14.07
C MET B 456 -13.45 -41.13 13.66
N ALA B 457 -13.84 -40.23 14.57
CA ALA B 457 -14.95 -39.32 14.33
C ALA B 457 -14.65 -38.41 13.12
N LEU B 458 -13.44 -37.82 13.13
CA LEU B 458 -12.95 -36.96 12.05
C LEU B 458 -12.88 -37.71 10.71
N MET B 459 -12.52 -38.99 10.77
CA MET B 459 -12.62 -39.87 9.60
C MET B 459 -14.08 -40.09 9.22
N MET B 460 -14.94 -40.32 10.22
CA MET B 460 -16.37 -40.60 9.99
C MET B 460 -17.11 -39.53 9.18
N VAL B 461 -16.73 -38.26 9.40
CA VAL B 461 -17.33 -37.13 8.70
C VAL B 461 -16.70 -36.90 7.32
N SER B 462 -15.38 -36.75 7.29
CA SER B 462 -14.66 -36.42 6.06
C SER B 462 -14.68 -37.55 5.04
N GLN B 463 -14.61 -38.80 5.51
CA GLN B 463 -14.84 -39.94 4.63
C GLN B 463 -16.34 -40.27 4.59
N ASP B 464 -17.15 -39.36 5.16
CA ASP B 464 -18.62 -39.41 5.13
C ASP B 464 -19.26 -40.80 5.26
N LEU B 465 -18.91 -41.49 6.34
CA LEU B 465 -19.40 -42.84 6.64
C LEU B 465 -20.22 -42.88 7.94
N THR B 466 -21.14 -43.84 7.99
CA THR B 466 -22.02 -44.04 9.16
C THR B 466 -21.46 -45.06 10.16
N VAL B 467 -22.17 -45.23 11.27
CA VAL B 467 -21.87 -46.27 12.25
C VAL B 467 -21.99 -47.67 11.63
N ALA B 468 -23.02 -47.86 10.79
CA ALA B 468 -23.26 -49.14 10.13
C ALA B 468 -22.18 -49.47 9.12
N ASP B 469 -21.59 -48.43 8.52
CA ASP B 469 -20.51 -48.59 7.54
C ASP B 469 -19.24 -49.19 8.18
N VAL B 470 -18.99 -48.86 9.44
CA VAL B 470 -17.91 -49.48 10.20
C VAL B 470 -18.30 -50.90 10.63
N VAL B 471 -19.60 -51.12 10.85
CA VAL B 471 -20.10 -52.43 11.23
C VAL B 471 -20.65 -53.21 10.01
N SER B 472 -20.15 -52.87 8.81
CA SER B 472 -20.59 -53.52 7.57
C SER B 472 -19.72 -54.72 7.17
N PRO B 473 -20.35 -55.87 6.84
CA PRO B 473 -19.61 -56.96 6.19
C PRO B 473 -18.97 -56.51 4.85
N ASP B 474 -19.79 -56.35 3.81
CA ASP B 474 -19.30 -55.87 2.52
C ASP B 474 -19.06 -54.36 2.52
N VAL B 477 -12.11 -49.79 4.08
CA VAL B 477 -11.89 -48.76 5.10
C VAL B 477 -10.43 -48.75 5.59
N SER B 478 -9.65 -47.77 5.13
CA SER B 478 -8.30 -47.62 5.63
C SER B 478 -8.34 -47.05 7.04
N PHE B 479 -8.44 -47.95 8.02
CA PHE B 479 -8.50 -47.56 9.45
C PHE B 479 -7.34 -46.65 9.88
N PRO B 480 -7.63 -45.68 10.76
CA PRO B 480 -6.54 -44.87 11.31
C PRO B 480 -5.53 -45.70 12.08
N GLU B 481 -4.25 -45.30 12.01
CA GLU B 481 -3.16 -45.98 12.70
C GLU B 481 -3.55 -46.32 14.14
N SER B 482 -3.91 -45.29 14.90
CA SER B 482 -4.21 -45.37 16.33
C SER B 482 -5.35 -46.32 16.69
N VAL B 483 -6.37 -46.37 15.85
CA VAL B 483 -7.52 -47.26 16.07
C VAL B 483 -7.11 -48.74 16.02
N VAL B 484 -6.27 -49.08 15.03
CA VAL B 484 -5.75 -50.44 14.87
C VAL B 484 -4.98 -50.78 16.15
N SER B 485 -4.07 -49.88 16.52
CA SER B 485 -3.27 -50.00 17.73
C SER B 485 -4.11 -50.23 19.00
N MET B 486 -5.22 -49.50 19.14
CA MET B 486 -6.08 -49.63 20.32
C MET B 486 -6.69 -51.02 20.40
N LEU B 487 -7.18 -51.50 19.27
CA LEU B 487 -7.91 -52.75 19.22
C LEU B 487 -6.99 -53.96 19.25
N LYS B 488 -5.74 -53.75 18.85
CA LYS B 488 -4.68 -54.76 18.99
C LYS B 488 -4.36 -54.99 20.48
N GLY B 489 -4.36 -53.89 21.24
CA GLY B 489 -4.27 -53.94 22.71
C GLY B 489 -3.21 -53.04 23.28
N ASP B 490 -2.87 -51.97 22.56
CA ASP B 490 -1.72 -51.16 22.92
C ASP B 490 -2.05 -50.10 23.97
N LEU B 491 -3.35 -49.91 24.22
CA LEU B 491 -3.82 -48.98 25.26
C LEU B 491 -4.27 -49.76 26.47
N GLY B 492 -4.40 -51.07 26.29
CA GLY B 492 -4.85 -51.98 27.34
C GLY B 492 -6.21 -52.59 27.05
N GLN B 493 -6.91 -52.94 28.12
CA GLN B 493 -8.18 -53.65 28.05
C GLN B 493 -9.29 -52.92 28.81
N PRO B 494 -10.46 -52.75 28.16
CA PRO B 494 -11.64 -52.16 28.79
C PRO B 494 -12.46 -53.22 29.57
N PRO B 495 -13.32 -52.78 30.51
CA PRO B 495 -13.99 -53.70 31.44
C PRO B 495 -14.54 -55.01 30.86
N SER B 496 -14.97 -55.00 29.60
CA SER B 496 -15.49 -56.22 28.98
C SER B 496 -14.93 -56.50 27.58
N GLY B 497 -13.65 -56.18 27.38
CA GLY B 497 -12.98 -56.43 26.11
C GLY B 497 -13.54 -55.58 24.99
N TRP B 498 -13.03 -55.80 23.79
CA TRP B 498 -13.41 -54.99 22.64
C TRP B 498 -14.57 -55.62 21.91
N PRO B 499 -15.22 -54.86 21.01
CA PRO B 499 -16.15 -55.45 20.03
C PRO B 499 -15.48 -56.44 19.08
N GLU B 500 -15.96 -57.69 19.10
CA GLU B 500 -15.41 -58.76 18.28
C GLU B 500 -15.28 -58.37 16.79
N ALA B 501 -16.41 -58.16 16.13
CA ALA B 501 -16.46 -57.86 14.69
C ALA B 501 -15.74 -56.56 14.28
N LEU B 502 -15.78 -55.56 15.17
CA LEU B 502 -15.15 -54.27 14.93
C LEU B 502 -13.63 -54.41 14.89
N GLN B 503 -13.10 -55.45 15.54
CA GLN B 503 -11.66 -55.68 15.58
C GLN B 503 -11.17 -56.34 14.31
N LYS B 504 -11.81 -57.48 13.99
CA LYS B 504 -11.50 -58.27 12.79
C LYS B 504 -11.27 -57.39 11.58
N LYS B 505 -12.27 -56.62 11.20
CA LYS B 505 -12.25 -55.85 9.96
C LYS B 505 -11.14 -54.80 9.91
N ALA B 506 -10.75 -54.30 11.08
CA ALA B 506 -9.75 -53.22 11.17
C ALA B 506 -8.33 -53.71 11.45
N LEU B 507 -8.23 -54.99 11.91
CA LEU B 507 -6.94 -55.61 12.19
C LEU B 507 -6.81 -56.95 11.47
N GLU B 510 -4.15 -60.18 11.87
CA GLU B 510 -3.47 -59.44 12.94
C GLU B 510 -4.03 -59.76 14.33
N LYS B 511 -3.51 -60.85 14.92
CA LYS B 511 -3.93 -61.31 16.26
C LYS B 511 -3.62 -60.30 17.37
N PRO B 512 -4.54 -60.17 18.35
CA PRO B 512 -4.38 -59.26 19.46
C PRO B 512 -3.82 -59.91 20.73
N TYR B 513 -3.29 -59.09 21.62
CA TYR B 513 -2.92 -59.54 22.96
C TYR B 513 -3.82 -58.88 24.01
N THR B 514 -4.14 -59.63 25.07
CA THR B 514 -4.96 -59.09 26.16
C THR B 514 -4.16 -58.77 27.42
N VAL B 515 -2.84 -58.96 27.34
CA VAL B 515 -1.97 -58.72 28.47
C VAL B 515 -1.61 -57.25 28.60
N ARG B 516 -0.96 -56.92 29.72
CA ARG B 516 -0.46 -55.59 29.99
C ARG B 516 0.60 -55.20 28.96
N PRO B 517 0.33 -54.15 28.17
CA PRO B 517 1.19 -53.73 27.04
C PRO B 517 2.68 -53.65 27.39
N GLY B 518 2.97 -53.16 28.60
CA GLY B 518 4.34 -53.04 29.09
C GLY B 518 5.00 -54.31 29.59
N SER B 519 4.23 -55.40 29.70
CA SER B 519 4.77 -56.68 30.15
C SER B 519 5.36 -57.42 28.97
N LEU B 520 5.21 -56.84 27.79
CA LEU B 520 5.76 -57.40 26.56
C LEU B 520 6.99 -56.61 26.11
N LEU B 521 7.12 -55.37 26.58
CA LEU B 521 8.26 -54.52 26.25
C LEU B 521 9.52 -55.02 26.96
N LYS B 522 10.60 -55.22 26.19
CA LYS B 522 11.90 -55.58 26.76
C LYS B 522 12.43 -54.44 27.62
N GLU B 523 12.82 -54.76 28.86
CA GLU B 523 13.35 -53.74 29.76
C GLU B 523 14.60 -53.07 29.17
N ALA B 524 14.69 -51.76 29.32
CA ALA B 524 15.77 -51.01 28.68
C ALA B 524 17.11 -51.29 29.36
N ASP B 525 18.14 -51.40 28.53
CA ASP B 525 19.51 -51.38 29.01
C ASP B 525 19.89 -49.92 29.23
N LEU B 526 19.69 -49.44 30.46
CA LEU B 526 19.80 -48.02 30.78
C LEU B 526 21.22 -47.47 30.66
N ASP B 527 22.21 -48.35 30.77
CA ASP B 527 23.60 -47.93 30.71
C ASP B 527 24.00 -47.47 29.31
N ALA B 528 23.81 -48.34 28.33
CA ALA B 528 24.18 -48.03 26.95
C ALA B 528 23.24 -47.00 26.33
N GLU B 529 22.01 -46.92 26.85
CA GLU B 529 21.05 -45.92 26.39
C GLU B 529 21.53 -44.50 26.75
N ARG B 530 22.06 -44.37 27.96
CA ARG B 530 22.70 -43.16 28.45
C ARG B 530 23.89 -42.76 27.58
N LYS B 531 24.74 -43.74 27.26
CA LYS B 531 25.90 -43.54 26.39
C LYS B 531 25.49 -43.11 24.99
N VAL B 532 24.34 -43.59 24.54
CA VAL B 532 23.75 -43.18 23.25
C VAL B 532 23.58 -41.68 23.23
N ILE B 533 22.74 -41.17 24.12
CA ILE B 533 22.45 -39.73 24.17
C ILE B 533 23.70 -38.91 24.48
N GLU B 534 24.53 -39.39 25.41
CA GLU B 534 25.79 -38.71 25.73
C GLU B 534 26.77 -38.61 24.54
N LYS B 535 26.85 -39.66 23.72
CA LYS B 535 27.58 -39.60 22.44
C LYS B 535 26.96 -38.57 21.49
N LYS B 536 25.63 -38.52 21.43
CA LYS B 536 24.93 -37.62 20.50
C LYS B 536 25.12 -36.17 20.89
N LEU B 537 25.06 -35.90 22.19
CA LEU B 537 25.24 -34.55 22.72
C LEU B 537 26.70 -34.15 22.94
N GLU B 538 27.61 -35.11 22.79
CA GLU B 538 29.05 -34.91 23.00
C GLU B 538 29.43 -34.48 24.43
N ARG B 539 28.59 -34.84 25.41
CA ARG B 539 28.78 -34.41 26.79
C ARG B 539 28.07 -35.33 27.77
N GLU B 540 28.44 -35.20 29.04
CA GLU B 540 27.72 -35.83 30.14
C GLU B 540 26.30 -35.25 30.21
N VAL B 541 25.32 -36.06 30.61
CA VAL B 541 23.96 -35.57 30.82
C VAL B 541 23.46 -36.03 32.19
N SER B 542 22.68 -35.17 32.85
CA SER B 542 22.20 -35.45 34.20
C SER B 542 21.06 -36.50 34.23
N ASP B 543 20.85 -37.12 35.39
CA ASP B 543 19.79 -38.09 35.57
C ASP B 543 18.41 -37.54 35.21
N PHE B 544 18.26 -36.23 35.24
CA PHE B 544 17.00 -35.59 34.85
C PHE B 544 16.87 -35.51 33.36
N GLU B 545 17.88 -34.91 32.72
CA GLU B 545 17.99 -34.91 31.26
C GLU B 545 17.84 -36.32 30.69
N PHE B 546 18.51 -37.32 31.28
CA PHE B 546 18.34 -38.72 30.89
C PHE B 546 16.90 -39.22 31.02
N ALA B 547 16.23 -38.80 32.09
CA ALA B 547 14.84 -39.18 32.29
C ALA B 547 13.99 -38.65 31.15
N SER B 548 14.31 -37.42 30.73
CA SER B 548 13.61 -36.76 29.65
C SER B 548 13.87 -37.44 28.31
N TYR B 549 15.13 -37.84 28.07
CA TYR B 549 15.50 -38.52 26.83
C TYR B 549 14.72 -39.79 26.69
N LEU B 550 14.52 -40.49 27.82
CA LEU B 550 13.72 -41.72 27.83
C LEU B 550 12.26 -41.40 27.50
N MET B 551 11.71 -40.33 28.07
CA MET B 551 10.31 -39.97 27.84
C MET B 551 10.07 -39.44 26.43
N TYR B 552 10.98 -38.58 25.98
CA TYR B 552 10.85 -37.86 24.71
C TYR B 552 12.21 -37.73 23.99
N PRO B 553 12.69 -38.82 23.38
CA PRO B 553 14.03 -38.84 22.81
C PRO B 553 14.26 -37.72 21.77
N LYS B 554 13.41 -37.64 20.76
CA LYS B 554 13.60 -36.61 19.77
C LYS B 554 13.38 -35.19 20.33
N VAL B 555 12.25 -34.97 21.00
CA VAL B 555 11.91 -33.64 21.54
C VAL B 555 13.06 -33.11 22.39
N PHE B 556 13.56 -33.96 23.27
CA PHE B 556 14.69 -33.61 24.14
C PHE B 556 15.96 -33.26 23.36
N THR B 557 16.36 -34.15 22.44
CA THR B 557 17.54 -33.94 21.62
C THR B 557 17.48 -32.56 20.98
N ASP B 558 16.43 -32.32 20.21
CA ASP B 558 16.20 -31.01 19.60
C ASP B 558 16.44 -29.89 20.60
N PHE B 559 15.74 -29.95 21.74
CA PHE B 559 15.84 -28.92 22.79
C PHE B 559 17.26 -28.70 23.34
N ALA B 560 17.98 -29.78 23.60
CA ALA B 560 19.34 -29.66 24.12
C ALA B 560 20.29 -29.03 23.10
N LEU B 561 20.01 -29.22 21.81
CA LEU B 561 20.79 -28.52 20.76
C LEU B 561 20.34 -27.06 20.59
N ALA B 562 19.02 -26.83 20.58
CA ALA B 562 18.48 -25.49 20.63
C ALA B 562 19.21 -24.79 21.75
N SER B 563 19.23 -25.44 22.92
CA SER B 563 19.84 -24.91 24.14
C SER B 563 21.30 -24.46 24.04
N ASP B 564 22.12 -25.22 23.31
CA ASP B 564 23.52 -24.87 23.07
C ASP B 564 23.61 -23.58 22.30
N THR B 565 22.65 -23.35 21.40
CA THR B 565 22.66 -22.14 20.58
C THR B 565 22.16 -20.95 21.37
N TYR B 566 20.92 -21.06 21.84
CA TYR B 566 20.23 -19.90 22.31
C TYR B 566 20.47 -19.60 23.77
N GLY B 567 21.09 -20.53 24.49
CA GLY B 567 21.34 -20.34 25.91
C GLY B 567 20.05 -20.33 26.70
N PRO B 568 20.11 -19.81 27.94
CA PRO B 568 19.03 -19.88 28.94
C PRO B 568 17.85 -18.98 28.64
N VAL B 569 17.22 -19.18 27.49
CA VAL B 569 16.10 -18.35 27.07
C VAL B 569 14.93 -18.33 28.05
N SER B 570 14.80 -19.34 28.89
CA SER B 570 13.72 -19.39 29.84
C SER B 570 13.69 -18.15 30.75
N VAL B 571 14.83 -17.50 30.92
CA VAL B 571 14.94 -16.34 31.80
C VAL B 571 14.41 -15.01 31.20
N LEU B 572 14.12 -15.00 29.89
CA LEU B 572 13.57 -13.80 29.25
C LEU B 572 12.09 -13.70 29.60
N PRO B 573 11.60 -12.47 29.91
CA PRO B 573 10.17 -12.25 30.08
C PRO B 573 9.41 -12.63 28.81
N THR B 574 8.15 -12.96 28.96
CA THR B 574 7.33 -13.52 27.87
C THR B 574 7.23 -12.67 26.58
N PRO B 575 6.90 -11.37 26.70
CA PRO B 575 6.87 -10.59 25.47
C PRO B 575 8.14 -10.75 24.71
N ALA B 576 9.27 -10.72 25.42
CA ALA B 576 10.56 -10.76 24.72
C ALA B 576 10.79 -12.10 24.06
N TYR B 577 10.32 -13.16 24.72
CA TYR B 577 10.47 -14.53 24.26
C TYR B 577 9.72 -14.79 22.97
N PHE B 578 8.51 -14.24 22.84
CA PHE B 578 7.75 -14.41 21.59
C PHE B 578 7.96 -13.31 20.54
N TYR B 579 8.47 -12.14 20.93
CA TYR B 579 8.51 -11.09 19.94
C TYR B 579 9.87 -10.44 19.68
N GLY B 580 10.86 -10.72 20.53
CA GLY B 580 12.15 -10.02 20.43
C GLY B 580 11.97 -8.61 20.98
N LEU B 581 12.70 -7.65 20.41
CA LEU B 581 12.62 -6.27 20.90
C LEU B 581 12.29 -5.30 19.80
N ALA B 582 11.44 -4.34 20.13
CA ALA B 582 11.10 -3.24 19.25
C ALA B 582 12.33 -2.36 18.99
N ASP B 583 12.29 -1.56 17.92
CA ASP B 583 13.41 -0.70 17.61
C ASP B 583 13.59 0.29 18.76
N GLY B 584 14.79 0.34 19.34
CA GLY B 584 15.11 1.25 20.46
C GLY B 584 14.71 0.69 21.82
N GLU B 585 14.16 -0.52 21.85
CA GLU B 585 13.68 -1.08 23.09
C GLU B 585 14.84 -1.50 23.97
N GLU B 586 14.67 -1.21 25.26
CA GLU B 586 15.56 -1.64 26.33
C GLU B 586 14.93 -2.79 27.12
N LEU B 587 15.78 -3.72 27.55
CA LEU B 587 15.29 -4.92 28.21
C LEU B 587 16.25 -5.20 29.34
N PHE B 588 15.68 -5.56 30.48
CA PHE B 588 16.45 -5.99 31.64
C PHE B 588 16.24 -7.48 31.71
N ALA B 589 17.34 -8.23 31.55
CA ALA B 589 17.30 -9.69 31.65
C ALA B 589 18.22 -10.22 32.78
N ASP B 590 17.73 -11.22 33.49
CA ASP B 590 18.49 -11.84 34.57
C ASP B 590 19.10 -13.17 34.19
N ILE B 591 20.33 -13.09 33.70
CA ILE B 591 21.14 -14.22 33.34
C ILE B 591 21.32 -15.25 34.47
N GLU B 592 21.42 -14.75 35.69
CA GLU B 592 21.58 -15.56 36.89
C GLU B 592 20.86 -14.86 38.02
N LYS B 593 20.66 -15.59 39.12
CA LYS B 593 20.32 -14.92 40.38
C LYS B 593 21.45 -13.92 40.62
N GLY B 594 21.11 -12.63 40.71
CA GLY B 594 22.11 -11.60 41.02
C GLY B 594 22.73 -10.81 39.88
N LYS B 595 22.73 -11.33 38.65
CA LYS B 595 23.34 -10.63 37.48
C LYS B 595 22.35 -10.27 36.37
N THR B 596 22.33 -8.97 36.06
CA THR B 596 21.38 -8.42 35.10
C THR B 596 22.08 -7.83 33.90
N LEU B 597 21.75 -8.35 32.71
CA LEU B 597 22.22 -7.72 31.47
C LEU B 597 21.21 -6.64 31.01
N VAL B 598 21.75 -5.50 30.58
CA VAL B 598 20.93 -4.43 29.99
C VAL B 598 21.13 -4.44 28.49
N ILE B 599 20.06 -4.84 27.78
CA ILE B 599 20.11 -5.04 26.32
C ILE B 599 19.25 -4.04 25.57
N VAL B 600 19.87 -3.26 24.69
CA VAL B 600 19.13 -2.39 23.78
C VAL B 600 19.25 -2.82 22.30
N ASN B 601 18.10 -2.87 21.62
CA ASN B 601 18.05 -3.00 20.16
C ASN B 601 18.25 -1.61 19.50
N GLN B 602 19.45 -1.35 19.00
CA GLN B 602 19.77 -0.04 18.41
C GLN B 602 19.41 0.07 16.92
N ALA B 603 19.41 -1.06 16.21
CA ALA B 603 19.23 -1.03 14.76
C ALA B 603 19.28 -2.41 14.12
N VAL B 604 18.52 -2.55 13.04
CA VAL B 604 18.46 -3.81 12.35
C VAL B 604 18.76 -3.51 10.89
N SER B 605 19.75 -4.20 10.32
CA SER B 605 20.17 -3.93 8.95
C SER B 605 19.22 -4.50 7.89
N ALA B 606 19.40 -4.08 6.65
CA ALA B 606 18.80 -4.76 5.48
C ALA B 606 19.33 -6.19 5.39
N THR B 607 18.67 -7.06 4.63
CA THR B 607 19.26 -8.40 4.41
C THR B 607 20.46 -8.28 3.49
N ASP B 608 21.61 -8.72 3.97
CA ASP B 608 22.86 -8.59 3.21
C ASP B 608 22.96 -9.55 2.00
N SER B 609 23.95 -9.32 1.15
CA SER B 609 24.19 -10.21 -0.01
C SER B 609 24.28 -11.72 0.34
N GLN B 610 24.83 -12.08 1.50
CA GLN B 610 24.92 -13.48 1.93
C GLN B 610 23.66 -14.01 2.64
N GLY B 611 22.55 -13.31 2.48
CA GLY B 611 21.28 -13.63 3.15
C GLY B 611 21.27 -13.61 4.68
N MET B 612 22.06 -12.74 5.29
CA MET B 612 22.00 -12.59 6.75
C MET B 612 21.54 -11.18 7.13
N VAL B 613 21.05 -11.04 8.36
CA VAL B 613 20.61 -9.75 8.90
C VAL B 613 21.44 -9.44 10.13
N THR B 614 21.86 -8.18 10.28
CA THR B 614 22.65 -7.79 11.45
C THR B 614 21.81 -6.99 12.43
N VAL B 615 21.70 -7.49 13.67
CA VAL B 615 21.06 -6.71 14.76
C VAL B 615 22.13 -6.02 15.62
N PHE B 616 22.01 -4.70 15.79
CA PHE B 616 22.97 -3.89 16.51
C PHE B 616 22.45 -3.63 17.91
N PHE B 617 23.09 -4.32 18.86
CA PHE B 617 22.70 -4.33 20.26
C PHE B 617 23.65 -3.49 21.11
N GLU B 618 23.14 -2.85 22.17
CA GLU B 618 24.00 -2.39 23.26
C GLU B 618 23.91 -3.45 24.35
N LEU B 619 25.02 -3.76 25.02
CA LEU B 619 25.02 -4.76 26.12
C LEU B 619 25.72 -4.23 27.35
N ASN B 620 24.92 -3.83 28.33
CA ASN B 620 25.38 -3.04 29.47
C ASN B 620 26.26 -1.86 29.08
N GLY B 621 26.02 -1.26 27.93
CA GLY B 621 26.78 -0.09 27.49
C GLY B 621 27.74 -0.38 26.36
N GLN B 622 28.05 -1.64 26.11
CA GLN B 622 28.97 -1.96 25.02
C GLN B 622 28.25 -2.32 23.73
N PRO B 623 28.84 -1.94 22.57
CA PRO B 623 28.32 -2.30 21.25
C PRO B 623 28.52 -3.79 20.94
N ARG B 624 27.51 -4.43 20.36
CA ARG B 624 27.55 -5.85 19.93
C ARG B 624 26.73 -6.06 18.65
N ARG B 625 27.37 -6.66 17.63
CA ARG B 625 26.71 -6.99 16.36
C ARG B 625 26.40 -8.51 16.33
N ILE B 626 25.16 -8.91 16.07
CA ILE B 626 24.80 -10.34 15.97
C ILE B 626 24.12 -10.66 14.65
N LYS B 627 24.81 -11.43 13.79
CA LYS B 627 24.23 -11.92 12.53
C LYS B 627 23.30 -13.10 12.80
N VAL B 628 22.12 -13.06 12.16
CA VAL B 628 21.14 -14.17 12.18
C VAL B 628 20.63 -14.26 10.77
N PRO B 629 20.02 -15.39 10.37
CA PRO B 629 19.67 -15.43 8.94
C PRO B 629 18.27 -14.91 8.67
N ASP B 630 18.05 -14.38 7.47
CA ASP B 630 16.72 -13.95 7.05
C ASP B 630 15.93 -15.15 6.55
N ARG B 631 14.86 -15.44 7.30
CA ARG B 631 14.09 -16.69 7.18
C ARG B 631 12.84 -16.62 6.27
N ALA B 632 12.52 -15.43 5.79
CA ALA B 632 11.46 -15.21 4.79
C ALA B 632 11.81 -15.92 3.45
N ASP C 36 -24.69 -2.91 -33.94
CA ASP C 36 -23.57 -3.75 -33.45
C ASP C 36 -22.22 -3.09 -33.72
N ARG C 37 -22.20 -2.03 -34.54
CA ARG C 37 -20.97 -1.26 -34.74
C ARG C 37 -20.54 -0.61 -33.41
N ALA C 38 -21.48 0.05 -32.75
CA ALA C 38 -21.22 0.65 -31.44
C ALA C 38 -20.98 -0.41 -30.37
N THR C 39 -21.65 -1.54 -30.50
CA THR C 39 -21.48 -2.65 -29.58
C THR C 39 -20.04 -3.13 -29.64
N LYS C 40 -19.50 -3.24 -30.86
CA LYS C 40 -18.16 -3.78 -31.07
C LYS C 40 -17.07 -2.88 -30.48
N LEU C 41 -17.31 -1.57 -30.50
CA LEU C 41 -16.39 -0.58 -29.89
C LEU C 41 -16.47 -0.64 -28.41
N LEU C 42 -17.67 -0.52 -27.86
CA LEU C 42 -17.86 -0.56 -26.41
C LEU C 42 -17.06 -1.71 -25.81
N THR C 43 -16.92 -2.78 -26.57
CA THR C 43 -16.16 -3.95 -26.15
C THR C 43 -14.66 -3.73 -26.29
N TYR C 44 -14.22 -2.94 -27.26
CA TYR C 44 -12.82 -2.53 -27.25
C TYR C 44 -12.54 -1.64 -26.03
N LEU C 45 -13.40 -0.66 -25.79
CA LEU C 45 -13.27 0.23 -24.65
C LEU C 45 -13.32 -0.51 -23.31
N ALA C 46 -14.23 -1.47 -23.17
CA ALA C 46 -14.32 -2.25 -21.93
C ALA C 46 -13.03 -3.03 -21.68
N ASP C 47 -12.54 -3.70 -22.71
CA ASP C 47 -11.33 -4.51 -22.63
C ASP C 47 -10.13 -3.71 -22.18
N VAL C 48 -9.76 -2.71 -22.96
CA VAL C 48 -8.60 -1.90 -22.66
C VAL C 48 -8.76 -1.15 -21.33
N THR C 49 -9.98 -0.80 -20.95
CA THR C 49 -10.22 -0.18 -19.66
C THR C 49 -9.73 -1.14 -18.58
N VAL C 50 -10.10 -2.42 -18.68
CA VAL C 50 -9.70 -3.39 -17.66
C VAL C 50 -8.29 -3.97 -17.89
N ASN C 51 -7.93 -4.28 -19.13
CA ASN C 51 -6.66 -4.94 -19.41
C ASN C 51 -5.53 -3.99 -19.81
N GLY C 52 -5.85 -2.98 -20.62
CA GLY C 52 -4.85 -2.04 -21.11
C GLY C 52 -4.32 -2.46 -22.46
N HIS C 53 -3.58 -1.57 -23.12
CA HIS C 53 -2.94 -1.90 -24.38
C HIS C 53 -1.60 -2.55 -24.14
N PRO C 54 -1.32 -3.68 -24.83
CA PRO C 54 -0.02 -4.36 -24.69
C PRO C 54 1.15 -3.45 -25.04
N GLU C 55 0.99 -2.63 -26.09
CA GLU C 55 2.06 -1.71 -26.52
C GLU C 55 2.33 -0.61 -25.50
N ALA C 56 1.37 -0.36 -24.62
CA ALA C 56 1.46 0.72 -23.62
C ALA C 56 1.56 0.23 -22.17
N LYS C 57 1.00 -0.95 -21.90
CA LYS C 57 0.77 -1.43 -20.54
C LYS C 57 1.79 -0.98 -19.49
N ASP C 58 3.08 -0.96 -19.82
CA ASP C 58 4.08 -0.51 -18.82
C ASP C 58 5.25 0.34 -19.36
N ARG C 59 4.97 1.10 -20.41
CA ARG C 59 5.85 2.18 -20.87
C ARG C 59 5.40 3.44 -20.08
N PRO C 60 6.13 4.56 -20.20
CA PRO C 60 5.65 5.77 -19.49
C PRO C 60 4.22 6.17 -19.86
N LYS C 61 3.60 6.97 -19.00
CA LYS C 61 2.24 7.46 -19.24
C LYS C 61 2.29 8.90 -19.71
N PRO C 62 1.25 9.37 -20.44
CA PRO C 62 1.22 10.77 -20.82
C PRO C 62 0.91 11.64 -19.62
N LEU C 63 1.54 12.82 -19.59
CA LEU C 63 1.47 13.74 -18.44
C LEU C 63 0.05 14.26 -18.18
N GLU C 64 -0.66 13.63 -17.25
CA GLU C 64 -2.07 13.94 -16.92
C GLU C 64 -2.51 15.39 -17.22
N ASN C 65 -1.76 16.37 -16.68
CA ASN C 65 -2.13 17.80 -16.73
C ASN C 65 -1.13 18.66 -17.52
N ALA C 67 -4.12 18.07 -21.99
CA ALA C 67 -4.24 19.09 -23.05
C ALA C 67 -4.56 18.46 -24.41
N ARG C 68 -5.85 18.13 -24.62
CA ARG C 68 -6.30 17.62 -25.92
C ARG C 68 -5.77 18.50 -27.07
N PRO C 69 -5.39 17.88 -28.21
CA PRO C 69 -5.11 18.72 -29.37
C PRO C 69 -6.40 19.37 -29.87
N VAL C 70 -6.31 20.61 -30.32
CA VAL C 70 -7.44 21.30 -30.91
C VAL C 70 -7.07 21.46 -32.36
N VAL C 71 -7.99 21.11 -33.27
CA VAL C 71 -7.79 21.42 -34.69
C VAL C 71 -7.90 22.95 -34.79
N PRO C 72 -6.98 23.59 -35.50
CA PRO C 72 -6.94 25.04 -35.57
C PRO C 72 -8.21 25.66 -36.16
N TYR C 73 -8.56 26.86 -35.72
CA TYR C 73 -9.78 27.51 -36.17
C TYR C 73 -9.80 27.70 -37.68
N ALA C 74 -10.90 27.26 -38.27
CA ALA C 74 -11.10 27.32 -39.71
C ALA C 74 -11.85 28.61 -40.09
N ASN C 75 -11.14 29.49 -40.80
CA ASN C 75 -11.69 30.77 -41.27
C ASN C 75 -12.02 30.80 -42.78
N GLY C 76 -10.99 30.89 -43.63
CA GLY C 76 -11.15 30.93 -45.09
C GLY C 76 -12.03 29.82 -45.62
N ASN C 77 -13.05 30.18 -46.40
CA ASN C 77 -14.06 29.21 -46.86
C ASN C 77 -13.51 28.03 -47.71
N GLY C 78 -13.01 28.32 -48.93
CA GLY C 78 -12.59 27.26 -49.85
C GLY C 78 -11.09 27.03 -49.93
N VAL C 79 -10.68 25.98 -50.65
CA VAL C 79 -9.26 25.69 -50.80
C VAL C 79 -8.72 26.11 -52.17
N LYS C 80 -7.54 26.70 -52.16
CA LYS C 80 -6.82 27.07 -53.37
C LYS C 80 -6.26 25.83 -54.06
N ASP C 81 -6.25 25.83 -55.39
CA ASP C 81 -5.63 24.74 -56.14
C ASP C 81 -4.16 24.62 -55.78
N GLY C 82 -3.65 23.41 -55.75
CA GLY C 82 -2.23 23.23 -55.53
C GLY C 82 -1.58 22.34 -56.57
N THR C 83 -0.52 21.64 -56.15
CA THR C 83 0.19 20.76 -57.03
C THR C 83 -0.71 19.64 -57.54
N LYS C 84 -1.67 19.21 -56.72
CA LYS C 84 -2.62 18.19 -57.14
C LYS C 84 -3.31 18.57 -58.44
N GLN C 85 -3.85 19.77 -58.50
CA GLN C 85 -4.53 20.22 -59.74
C GLN C 85 -3.54 20.37 -60.90
N LEU C 86 -2.32 20.84 -60.62
CA LEU C 86 -1.32 21.09 -61.66
C LEU C 86 -0.88 19.78 -62.31
N LEU C 87 -0.61 18.80 -61.45
CA LEU C 87 -0.26 17.50 -61.91
C LEU C 87 -1.39 16.97 -62.76
N ASP C 88 -2.62 17.05 -62.23
CA ASP C 88 -3.79 16.67 -63.03
C ASP C 88 -3.76 17.29 -64.44
N THR C 89 -3.25 18.52 -64.55
CA THR C 89 -3.29 19.22 -65.83
C THR C 89 -2.03 19.07 -66.72
N LEU C 90 -0.88 18.76 -66.11
CA LEU C 90 0.35 18.57 -66.87
C LEU C 90 0.75 17.11 -67.13
N GLY C 91 0.36 16.19 -66.24
CA GLY C 91 0.91 14.84 -66.27
C GLY C 91 2.30 14.84 -65.64
N PRO C 92 2.82 13.64 -65.32
CA PRO C 92 4.07 13.63 -64.53
C PRO C 92 5.29 14.26 -65.27
N LYS C 93 5.52 13.87 -66.52
CA LYS C 93 6.59 14.42 -67.35
C LYS C 93 6.61 15.95 -67.26
N LYS C 94 5.58 16.61 -67.79
CA LYS C 94 5.49 18.09 -67.74
C LYS C 94 5.55 18.64 -66.31
N PHE C 95 5.04 17.90 -65.32
CA PHE C 95 5.03 18.40 -63.93
C PHE C 95 6.43 18.52 -63.30
N GLY C 96 7.28 17.55 -63.65
CA GLY C 96 8.69 17.56 -63.29
C GLY C 96 9.43 18.74 -63.90
N GLU C 97 9.11 19.08 -65.16
CA GLU C 97 9.72 20.26 -65.79
C GLU C 97 9.26 21.50 -65.06
N TRP C 98 8.01 21.49 -64.63
CA TRP C 98 7.50 22.63 -63.90
C TRP C 98 8.28 22.80 -62.63
N MET C 99 8.56 21.70 -61.91
CA MET C 99 9.40 21.76 -60.71
C MET C 99 10.80 22.32 -61.02
N ARG C 100 11.42 21.79 -62.07
CA ARG C 100 12.75 22.21 -62.48
C ARG C 100 12.77 23.73 -62.64
N ASN C 101 11.79 24.27 -63.36
CA ASN C 101 11.80 25.69 -63.70
C ASN C 101 11.47 26.63 -62.54
N GLU C 102 10.86 26.08 -61.50
CA GLU C 102 10.31 26.90 -60.45
C GLU C 102 11.44 27.52 -59.66
N LYS C 103 11.25 28.77 -59.25
CA LYS C 103 12.32 29.50 -58.55
C LYS C 103 12.32 29.25 -57.05
N ARG C 104 11.17 29.44 -56.40
CA ARG C 104 11.01 29.16 -54.96
C ARG C 104 11.32 27.68 -54.73
N VAL C 105 12.08 27.35 -53.69
CA VAL C 105 12.25 25.94 -53.37
C VAL C 105 10.88 25.39 -52.98
N LEU C 106 10.53 24.22 -53.54
CA LEU C 106 9.36 23.45 -53.08
C LEU C 106 9.63 22.57 -51.84
N LEU C 107 8.69 22.61 -50.87
CA LEU C 107 8.71 21.83 -49.61
C LEU C 107 7.81 20.59 -49.52
N THR C 108 8.36 19.47 -49.06
CA THR C 108 7.60 18.28 -48.75
C THR C 108 7.60 18.13 -47.24
N ASP C 109 6.41 18.16 -46.61
CA ASP C 109 6.25 18.00 -45.16
C ASP C 109 6.23 16.51 -44.82
N THR C 110 7.08 16.07 -43.88
CA THR C 110 7.23 14.63 -43.62
C THR C 110 6.57 14.13 -42.36
N THR C 111 6.04 15.04 -41.55
CA THR C 111 5.50 14.71 -40.25
C THR C 111 4.63 13.44 -40.25
N MET C 112 3.75 13.30 -41.22
CA MET C 112 2.80 12.17 -41.26
C MET C 112 3.44 10.80 -41.60
N ARG C 113 4.72 10.79 -41.96
CA ARG C 113 5.37 9.50 -42.15
C ARG C 113 6.70 9.47 -41.45
N ASP C 114 7.76 9.89 -42.14
CA ASP C 114 9.14 9.74 -41.63
C ASP C 114 9.31 10.38 -40.25
N GLY C 115 8.69 11.54 -40.04
CA GLY C 115 8.68 12.26 -38.74
C GLY C 115 8.42 11.35 -37.55
N HIS C 116 7.22 10.77 -37.51
CA HIS C 116 6.87 9.89 -36.38
C HIS C 116 7.46 8.52 -36.51
N GLN C 117 7.77 8.11 -37.74
CA GLN C 117 8.47 6.86 -37.90
C GLN C 117 9.79 6.84 -37.13
N SER C 118 10.55 7.92 -37.24
CA SER C 118 11.82 8.06 -36.54
C SER C 118 11.66 8.28 -35.04
N LEU C 119 10.76 9.19 -34.63
CA LEU C 119 10.62 9.59 -33.18
C LEU C 119 9.55 8.87 -32.34
N LEU C 120 8.60 8.19 -32.97
CA LEU C 120 7.55 7.52 -32.20
C LEU C 120 7.26 6.10 -32.70
N ALA C 121 8.31 5.37 -33.03
CA ALA C 121 8.18 4.00 -33.53
C ALA C 121 7.01 3.80 -34.53
N THR C 122 6.82 4.79 -35.39
CA THR C 122 5.77 4.78 -36.41
C THR C 122 4.38 4.61 -35.80
N ARG C 123 4.17 5.11 -34.58
CA ARG C 123 2.91 4.84 -33.87
C ARG C 123 1.81 5.90 -34.03
N MET C 124 2.01 6.86 -34.90
CA MET C 124 1.03 7.92 -35.06
C MET C 124 -0.27 7.34 -35.64
N ARG C 125 -1.41 7.74 -35.10
CA ARG C 125 -2.69 7.18 -35.52
C ARG C 125 -3.39 7.99 -36.60
N THR C 126 -4.25 7.30 -37.37
CA THR C 126 -5.16 7.91 -38.34
C THR C 126 -5.99 9.01 -37.68
N TYR C 127 -6.53 8.77 -36.50
CA TYR C 127 -7.38 9.76 -35.85
C TYR C 127 -6.71 11.14 -35.80
N ASP C 128 -5.41 11.14 -35.45
CA ASP C 128 -4.62 12.37 -35.33
C ASP C 128 -4.04 12.91 -36.64
N ILE C 129 -3.82 12.01 -37.59
CA ILE C 129 -3.29 12.44 -38.87
C ILE C 129 -4.39 13.07 -39.71
N ALA C 130 -5.48 12.34 -39.88
CA ALA C 130 -6.64 12.79 -40.65
C ALA C 130 -7.12 14.16 -40.22
N ARG C 131 -7.18 14.38 -38.89
CA ARG C 131 -7.82 15.55 -38.31
C ARG C 131 -7.15 16.87 -38.67
N ILE C 132 -5.90 16.80 -39.10
CA ILE C 132 -5.14 17.99 -39.48
C ILE C 132 -5.04 18.21 -41.03
N ALA C 133 -5.44 17.20 -41.82
CA ALA C 133 -5.26 17.33 -43.28
C ALA C 133 -5.94 18.57 -43.85
N GLY C 134 -7.13 18.89 -43.35
CA GLY C 134 -7.90 20.04 -43.84
C GLY C 134 -7.16 21.33 -43.55
N THR C 135 -6.45 21.36 -42.43
CA THR C 135 -5.67 22.52 -42.04
C THR C 135 -4.48 22.66 -42.97
N TYR C 136 -3.76 21.59 -43.26
CA TYR C 136 -2.70 21.71 -44.28
C TYR C 136 -3.32 22.30 -45.53
N SER C 137 -4.45 21.71 -45.92
CA SER C 137 -5.08 22.06 -47.17
C SER C 137 -5.44 23.55 -47.25
N HIS C 138 -6.03 24.10 -46.18
CA HIS C 138 -6.47 25.49 -46.15
C HIS C 138 -5.31 26.42 -45.91
N ALA C 139 -4.41 26.03 -45.01
CA ALA C 139 -3.42 26.98 -44.47
C ALA C 139 -2.13 27.02 -45.26
N LEU C 140 -1.63 25.86 -45.69
CA LEU C 140 -0.42 25.79 -46.47
C LEU C 140 -0.63 25.22 -47.87
N PRO C 141 -1.48 25.87 -48.71
CA PRO C 141 -1.70 25.31 -50.06
C PRO C 141 -0.48 25.32 -51.03
N ASN C 142 0.59 26.03 -50.68
CA ASN C 142 1.81 26.10 -51.49
C ASN C 142 2.75 24.89 -51.39
N LEU C 143 2.43 23.91 -50.52
CA LEU C 143 3.31 22.75 -50.28
C LEU C 143 3.39 21.81 -51.49
N LEU C 144 4.55 21.21 -51.73
CA LEU C 144 4.68 20.29 -52.86
C LEU C 144 3.84 19.05 -52.59
N SER C 145 4.00 18.51 -51.38
CA SER C 145 3.42 17.22 -51.04
C SER C 145 3.47 16.94 -49.56
N LEU C 146 2.58 16.06 -49.14
CA LEU C 146 2.65 15.48 -47.82
C LEU C 146 3.18 14.06 -47.91
N GLU C 147 4.24 13.76 -47.17
CA GLU C 147 4.73 12.39 -47.08
C GLU C 147 3.93 11.73 -46.01
N CYS C 148 3.16 10.72 -46.38
CA CYS C 148 2.19 10.17 -45.46
C CYS C 148 1.89 8.70 -45.68
N TRP C 149 2.81 7.97 -46.31
CA TRP C 149 2.54 6.56 -46.66
C TRP C 149 3.78 5.81 -46.95
N GLY C 150 3.71 4.49 -46.77
CA GLY C 150 4.87 3.64 -46.98
C GLY C 150 5.85 3.72 -45.82
N GLY C 151 7.07 3.24 -46.07
CA GLY C 151 8.09 3.16 -45.02
C GLY C 151 7.58 2.11 -44.07
N ALA C 152 7.47 2.45 -42.79
CA ALA C 152 6.96 1.49 -41.81
C ALA C 152 5.48 1.59 -41.53
N THR C 153 4.83 2.64 -42.05
CA THR C 153 3.42 2.88 -41.68
C THR C 153 2.47 1.82 -42.13
N PHE C 154 2.80 1.13 -43.23
CA PHE C 154 1.81 0.27 -43.89
C PHE C 154 1.42 -0.87 -42.99
N ASP C 155 2.38 -1.64 -42.48
CA ASP C 155 2.03 -2.74 -41.58
C ASP C 155 1.72 -2.26 -40.14
N VAL C 156 2.49 -1.31 -39.63
CA VAL C 156 2.37 -0.93 -38.22
C VAL C 156 0.94 -0.48 -37.86
N SER C 157 0.29 0.20 -38.80
CA SER C 157 -1.11 0.59 -38.62
C SER C 157 -2.03 -0.60 -38.33
N MET C 158 -1.76 -1.73 -38.99
CA MET C 158 -2.51 -2.97 -38.78
C MET C 158 -1.93 -3.80 -37.63
N ARG C 159 -0.61 -4.00 -37.64
CA ARG C 159 0.07 -4.81 -36.64
C ARG C 159 -0.04 -4.21 -35.23
N PHE C 160 0.00 -2.88 -35.10
CA PHE C 160 0.05 -2.26 -33.78
C PHE C 160 -1.04 -1.25 -33.44
N LEU C 161 -1.92 -0.94 -34.39
CA LEU C 161 -2.84 0.18 -34.20
C LEU C 161 -4.30 -0.13 -34.57
N THR C 162 -4.57 -1.37 -34.99
CA THR C 162 -5.89 -1.83 -35.44
C THR C 162 -6.55 -0.91 -36.49
N GLU C 163 -5.77 -0.41 -37.44
CA GLU C 163 -6.23 0.54 -38.43
C GLU C 163 -5.86 0.04 -39.82
N ASP C 164 -6.72 0.33 -40.80
CA ASP C 164 -6.38 0.14 -42.21
C ASP C 164 -5.41 1.24 -42.67
N PRO C 165 -4.36 0.87 -43.42
CA PRO C 165 -3.58 1.99 -43.91
C PRO C 165 -4.28 2.68 -45.09
N TRP C 166 -5.20 1.96 -45.75
CA TRP C 166 -5.97 2.52 -46.89
C TRP C 166 -6.99 3.52 -46.45
N GLU C 167 -7.63 3.25 -45.30
CA GLU C 167 -8.61 4.19 -44.71
C GLU C 167 -7.91 5.52 -44.38
N ARG C 168 -6.72 5.43 -43.78
CA ARG C 168 -5.88 6.61 -43.53
C ARG C 168 -5.63 7.39 -44.84
N LEU C 169 -5.11 6.71 -45.87
CA LEU C 169 -4.79 7.34 -47.14
C LEU C 169 -6.00 8.10 -47.67
N ALA C 170 -7.14 7.43 -47.61
CA ALA C 170 -8.41 7.97 -48.10
C ALA C 170 -8.86 9.19 -47.32
N LEU C 171 -8.66 9.19 -46.00
CA LEU C 171 -9.12 10.33 -45.22
C LEU C 171 -8.24 11.54 -45.50
N ILE C 172 -6.94 11.29 -45.71
CA ILE C 172 -6.01 12.36 -46.03
C ILE C 172 -6.34 12.90 -47.43
N ARG C 173 -6.81 12.03 -48.32
CA ARG C 173 -7.20 12.47 -49.68
C ARG C 173 -8.39 13.42 -49.66
N GLU C 174 -9.42 13.07 -48.91
CA GLU C 174 -10.59 13.93 -48.73
C GLU C 174 -10.19 15.16 -47.93
N GLY C 175 -9.16 15.03 -47.09
CA GLY C 175 -8.70 16.14 -46.28
C GLY C 175 -8.02 17.23 -47.10
N ALA C 176 -7.20 16.78 -48.05
CA ALA C 176 -6.26 17.63 -48.76
C ALA C 176 -6.29 17.33 -50.24
N PRO C 177 -7.37 17.79 -50.92
CA PRO C 177 -7.54 17.48 -52.34
C PRO C 177 -6.70 18.38 -53.24
N ASN C 178 -5.85 19.22 -52.66
CA ASN C 178 -5.12 20.20 -53.45
C ASN C 178 -3.62 20.00 -53.41
N LEU C 179 -3.17 19.15 -52.49
CA LEU C 179 -1.73 18.82 -52.31
C LEU C 179 -1.40 17.44 -52.84
N LEU C 180 -0.13 17.22 -53.19
CA LEU C 180 0.25 15.90 -53.67
C LEU C 180 0.50 15.00 -52.48
N LEU C 181 -0.06 13.79 -52.50
CA LEU C 181 0.21 12.86 -51.42
C LEU C 181 1.33 11.92 -51.82
N GLN C 182 2.38 11.91 -51.00
CA GLN C 182 3.62 11.20 -51.31
C GLN C 182 3.84 9.94 -50.47
N MET C 183 4.49 8.94 -51.06
CA MET C 183 4.75 7.69 -50.40
C MET C 183 6.19 7.27 -50.60
N LEU C 184 6.73 6.52 -49.64
CA LEU C 184 8.03 5.89 -49.81
C LEU C 184 7.81 4.44 -50.19
N LEU C 185 8.49 4.01 -51.25
CA LEU C 185 8.30 2.70 -51.86
C LEU C 185 9.63 1.98 -52.13
N ARG C 186 9.77 0.76 -51.62
CA ARG C 186 11.05 0.06 -51.66
C ARG C 186 11.31 -0.74 -52.97
N GLY C 187 10.50 -0.52 -53.98
CA GLY C 187 10.83 -0.95 -55.34
C GLY C 187 11.09 -2.42 -55.60
N ALA C 188 12.03 -3.01 -54.87
CA ALA C 188 12.18 -4.45 -54.84
C ALA C 188 11.07 -5.09 -53.99
N ASN C 189 10.55 -4.33 -53.03
CA ASN C 189 9.64 -4.89 -52.04
C ASN C 189 8.25 -4.26 -52.02
N GLY C 190 8.12 -3.05 -52.56
CA GLY C 190 6.89 -2.28 -52.44
C GLY C 190 6.84 -1.72 -51.02
N VAL C 191 5.95 -2.27 -50.20
CA VAL C 191 5.90 -1.94 -48.76
C VAL C 191 6.18 -3.19 -47.95
N GLY C 192 6.57 -4.26 -48.65
CA GLY C 192 6.64 -5.60 -48.08
C GLY C 192 7.92 -5.96 -47.34
N ALA C 193 7.83 -7.08 -46.61
CA ALA C 193 8.90 -7.54 -45.73
C ALA C 193 9.95 -8.24 -46.55
N THR C 194 9.49 -9.00 -47.53
CA THR C 194 10.31 -9.85 -48.40
C THR C 194 10.44 -9.25 -49.82
N ASN C 195 10.98 -10.04 -50.74
CA ASN C 195 10.93 -9.75 -52.17
C ASN C 195 9.68 -10.36 -52.76
N TYR C 196 9.20 -9.85 -53.90
CA TYR C 196 7.95 -10.35 -54.51
C TYR C 196 8.05 -10.67 -56.02
N PRO C 197 7.11 -11.48 -56.56
CA PRO C 197 7.01 -11.66 -58.03
C PRO C 197 6.56 -10.37 -58.69
N ASP C 198 7.09 -10.09 -59.89
CA ASP C 198 6.89 -8.78 -60.53
C ASP C 198 5.42 -8.33 -60.60
N ASN C 199 4.53 -9.26 -60.96
CA ASN C 199 3.09 -8.96 -60.98
C ASN C 199 2.52 -8.49 -59.62
N VAL C 200 3.05 -9.02 -58.51
CA VAL C 200 2.61 -8.58 -57.18
C VAL C 200 2.94 -7.10 -57.03
N VAL C 201 4.22 -6.76 -57.12
CA VAL C 201 4.68 -5.36 -57.10
C VAL C 201 3.77 -4.49 -58.00
N LYS C 202 3.65 -4.88 -59.26
CA LYS C 202 2.77 -4.23 -60.21
C LYS C 202 1.35 -4.07 -59.66
N TYR C 203 0.81 -5.12 -59.04
CA TYR C 203 -0.55 -5.04 -58.53
C TYR C 203 -0.67 -4.00 -57.42
N PHE C 204 0.34 -3.95 -56.54
CA PHE C 204 0.27 -3.07 -55.39
C PHE C 204 0.37 -1.61 -55.80
N VAL C 205 1.21 -1.36 -56.80
CA VAL C 205 1.39 0.00 -57.32
C VAL C 205 0.06 0.48 -57.89
N ARG C 206 -0.58 -0.39 -58.66
CA ARG C 206 -1.87 -0.06 -59.29
C ARG C 206 -2.88 0.42 -58.26
N GLN C 207 -3.06 -0.36 -57.19
CA GLN C 207 -4.01 0.01 -56.14
C GLN C 207 -3.57 1.27 -55.36
N ALA C 208 -2.28 1.37 -55.05
CA ALA C 208 -1.74 2.60 -54.45
C ALA C 208 -2.19 3.88 -55.19
N ALA C 209 -2.13 3.87 -56.51
CA ALA C 209 -2.56 5.01 -57.34
C ALA C 209 -4.05 5.28 -57.17
N LYS C 210 -4.86 4.21 -57.30
CA LYS C 210 -6.29 4.26 -57.00
C LYS C 210 -6.52 4.80 -55.58
N GLY C 211 -5.65 4.40 -54.65
CA GLY C 211 -5.78 4.77 -53.25
C GLY C 211 -5.73 6.27 -53.08
N GLY C 212 -4.78 6.88 -53.79
CA GLY C 212 -4.63 8.33 -53.79
C GLY C 212 -3.20 8.81 -53.86
N ILE C 213 -2.26 7.89 -54.09
CA ILE C 213 -0.86 8.30 -54.16
C ILE C 213 -0.54 9.02 -55.48
N ASP C 214 0.20 10.12 -55.37
CA ASP C 214 0.54 10.95 -56.53
C ASP C 214 2.01 10.88 -56.83
N LEU C 215 2.83 10.68 -55.82
CA LEU C 215 4.26 10.85 -55.95
C LEU C 215 4.91 9.71 -55.25
N PHE C 216 5.47 8.80 -56.03
CA PHE C 216 6.14 7.63 -55.49
C PHE C 216 7.62 7.94 -55.40
N ARG C 217 8.17 8.02 -54.18
CA ARG C 217 9.63 8.03 -54.04
C ARG C 217 10.15 6.60 -53.92
N VAL C 218 10.60 6.03 -55.03
CA VAL C 218 11.10 4.65 -55.14
C VAL C 218 12.62 4.58 -54.99
N PHE C 219 13.08 3.71 -54.10
CA PHE C 219 14.50 3.50 -53.87
C PHE C 219 14.96 2.04 -53.97
N ASP C 220 16.27 1.84 -53.97
CA ASP C 220 16.79 0.51 -53.91
C ASP C 220 17.87 0.45 -52.85
N CYS C 221 17.79 -0.54 -51.97
CA CYS C 221 18.71 -0.62 -50.82
C CYS C 221 20.22 -0.68 -51.16
N LEU C 222 20.54 -1.19 -52.36
CA LEU C 222 21.93 -1.18 -52.85
C LEU C 222 22.14 -0.30 -54.12
N ASN C 223 21.27 0.71 -54.28
CA ASN C 223 21.30 1.63 -55.43
C ASN C 223 21.54 0.91 -56.76
N TRP C 224 20.74 -0.14 -56.98
CA TRP C 224 20.84 -1.00 -58.16
C TRP C 224 19.68 -0.77 -59.11
N VAL C 225 19.90 0.09 -60.09
CA VAL C 225 18.86 0.50 -61.02
C VAL C 225 17.97 -0.64 -61.55
N GLU C 226 18.58 -1.79 -61.87
CA GLU C 226 17.85 -2.95 -62.44
C GLU C 226 16.71 -3.42 -61.54
N ASN C 227 16.95 -3.42 -60.24
CA ASN C 227 15.96 -3.79 -59.23
C ASN C 227 14.80 -2.79 -59.16
N MET C 228 15.09 -1.54 -59.50
CA MET C 228 14.09 -0.45 -59.52
C MET C 228 13.24 -0.43 -60.81
N ARG C 229 13.79 -0.95 -61.92
CA ARG C 229 13.19 -0.77 -63.25
C ARG C 229 11.73 -1.15 -63.28
N VAL C 230 11.41 -2.33 -62.73
CA VAL C 230 10.02 -2.82 -62.64
C VAL C 230 9.09 -1.77 -62.02
N SER C 231 9.40 -1.34 -60.79
CA SER C 231 8.55 -0.36 -60.10
C SER C 231 8.44 0.93 -60.89
N MET C 232 9.59 1.45 -61.32
CA MET C 232 9.63 2.68 -62.09
C MET C 232 8.64 2.64 -63.27
N ASP C 233 8.71 1.58 -64.08
CA ASP C 233 7.73 1.34 -65.15
C ASP C 233 6.31 1.41 -64.58
N ALA C 234 6.02 0.60 -63.57
CA ALA C 234 4.69 0.53 -62.96
C ALA C 234 4.12 1.89 -62.54
N ILE C 235 4.95 2.79 -62.01
CA ILE C 235 4.47 4.14 -61.70
C ILE C 235 4.10 4.91 -62.99
N ALA C 236 4.99 4.86 -63.96
CA ALA C 236 4.74 5.44 -65.29
C ALA C 236 3.43 4.94 -65.92
N GLU C 237 3.10 3.66 -65.73
CA GLU C 237 1.84 3.12 -66.25
C GLU C 237 0.57 3.69 -65.60
N GLU C 238 0.67 4.17 -64.36
CA GLU C 238 -0.49 4.77 -63.71
C GLU C 238 -0.55 6.27 -63.95
N ASN C 239 0.39 6.81 -64.71
CA ASN C 239 0.41 8.23 -65.02
C ASN C 239 0.55 8.94 -63.69
N LYS C 240 1.69 8.73 -63.05
CA LYS C 240 1.91 9.15 -61.67
C LYS C 240 3.38 9.55 -61.50
N LEU C 241 3.70 10.39 -60.52
CA LEU C 241 5.09 10.84 -60.41
C LEU C 241 6.02 9.74 -59.95
N CYS C 242 6.95 9.35 -60.84
CA CYS C 242 8.08 8.49 -60.46
C CYS C 242 9.27 9.32 -60.02
N GLU C 243 9.61 9.23 -58.74
CA GLU C 243 10.80 9.90 -58.17
C GLU C 243 11.86 8.85 -57.85
N ALA C 244 12.86 8.76 -58.72
CA ALA C 244 13.88 7.75 -58.58
C ALA C 244 14.96 8.29 -57.66
N ALA C 245 15.14 7.59 -56.53
CA ALA C 245 16.03 8.07 -55.47
C ALA C 245 17.40 7.44 -55.58
N ILE C 246 18.43 8.23 -55.33
CA ILE C 246 19.79 7.72 -55.19
C ILE C 246 20.19 7.84 -53.74
N CYS C 247 20.25 6.73 -53.01
CA CYS C 247 20.68 6.75 -51.62
C CYS C 247 22.11 7.23 -51.45
N TYR C 248 22.31 8.17 -50.53
CA TYR C 248 23.64 8.72 -50.24
C TYR C 248 24.32 7.98 -49.10
N THR C 249 25.65 8.03 -49.09
CA THR C 249 26.48 7.31 -48.13
C THR C 249 27.91 7.84 -48.26
N GLY C 250 28.80 7.49 -47.34
CA GLY C 250 30.16 8.00 -47.37
C GLY C 250 30.31 9.50 -47.35
N ASP C 251 31.33 10.00 -48.03
CA ASP C 251 31.63 11.42 -48.10
C ASP C 251 32.37 11.66 -49.41
N ILE C 252 31.74 12.43 -50.30
CA ILE C 252 32.26 12.60 -51.66
C ILE C 252 33.52 13.45 -51.69
N LEU C 253 33.70 14.28 -50.67
CA LEU C 253 34.87 15.12 -50.58
C LEU C 253 36.01 14.49 -49.76
N ASN C 254 35.93 13.17 -49.56
CA ASN C 254 36.99 12.38 -48.92
C ASN C 254 37.66 11.49 -49.95
N SER C 255 38.81 11.90 -50.49
CA SER C 255 39.44 11.12 -51.56
C SER C 255 39.79 9.66 -51.15
N ALA C 256 39.96 9.43 -49.85
CA ALA C 256 40.34 8.13 -49.33
C ALA C 256 39.17 7.17 -49.06
N ARG C 257 37.93 7.62 -49.25
CA ARG C 257 36.77 6.72 -49.26
C ARG C 257 36.15 6.77 -50.65
N PRO C 258 36.90 6.28 -51.65
CA PRO C 258 36.70 6.71 -53.02
C PRO C 258 35.51 6.06 -53.73
N LYS C 259 35.14 4.85 -53.31
CA LYS C 259 34.08 4.06 -53.98
C LYS C 259 32.85 4.88 -54.32
N TYR C 260 32.57 5.91 -53.51
CA TYR C 260 31.32 6.67 -53.59
C TYR C 260 31.54 8.16 -53.82
N ASP C 261 32.24 8.48 -54.89
CA ASP C 261 32.60 9.85 -55.17
C ASP C 261 31.48 10.50 -55.95
N LEU C 262 31.75 11.65 -56.56
CA LEU C 262 30.74 12.41 -57.30
C LEU C 262 30.24 11.69 -58.58
N LYS C 263 31.15 11.09 -59.35
CA LYS C 263 30.77 10.40 -60.60
C LYS C 263 29.69 9.35 -60.33
N TYR C 264 29.85 8.59 -59.24
CA TYR C 264 28.85 7.60 -58.84
C TYR C 264 27.42 8.20 -58.65
N TYR C 265 27.26 9.37 -58.02
CA TYR C 265 25.90 9.98 -57.97
C TYR C 265 25.40 10.54 -59.32
N THR C 266 26.24 11.30 -60.02
CA THR C 266 25.84 11.84 -61.33
C THR C 266 25.58 10.75 -62.37
N ASN C 267 26.29 9.63 -62.29
CA ASN C 267 26.01 8.55 -63.25
C ASN C 267 24.69 7.86 -62.98
N LEU C 268 24.36 7.70 -61.69
CA LEU C 268 23.12 7.06 -61.29
C LEU C 268 21.95 7.91 -61.78
N ALA C 269 22.11 9.22 -61.61
CA ALA C 269 21.16 10.19 -62.13
C ALA C 269 20.87 9.91 -63.63
N VAL C 270 21.90 10.04 -64.49
CA VAL C 270 21.75 9.78 -65.93
C VAL C 270 21.05 8.44 -66.18
N GLU C 271 21.43 7.44 -65.36
CA GLU C 271 20.83 6.11 -65.46
C GLU C 271 19.33 6.14 -65.22
N LEU C 272 18.93 6.74 -64.07
CA LEU C 272 17.51 6.82 -63.71
C LEU C 272 16.69 7.71 -64.63
N GLU C 273 17.30 8.78 -65.14
CA GLU C 273 16.62 9.53 -66.17
C GLU C 273 16.29 8.56 -67.34
N LYS C 274 17.31 7.93 -67.95
CA LYS C 274 17.07 6.97 -69.04
C LYS C 274 16.14 5.85 -68.59
N ALA C 275 16.01 5.68 -67.27
CA ALA C 275 15.18 4.58 -66.73
C ALA C 275 13.68 4.92 -66.73
N GLY C 276 13.39 6.19 -66.95
CA GLY C 276 12.03 6.70 -66.97
C GLY C 276 11.63 7.68 -65.88
N ALA C 277 12.57 8.14 -65.03
CA ALA C 277 12.21 9.04 -63.88
C ALA C 277 11.66 10.42 -64.20
N HIS C 278 10.48 10.72 -63.70
CA HIS C 278 10.02 12.13 -63.59
C HIS C 278 10.88 12.98 -62.67
N ILE C 279 11.39 12.40 -61.59
CA ILE C 279 12.24 13.15 -60.66
C ILE C 279 13.44 12.32 -60.14
N ILE C 280 14.58 12.96 -59.89
CA ILE C 280 15.63 12.36 -59.10
C ILE C 280 15.56 12.92 -57.66
N ALA C 281 15.65 12.03 -56.67
CA ALA C 281 15.88 12.43 -55.29
C ALA C 281 17.24 11.96 -54.80
N VAL C 282 17.82 12.68 -53.84
CA VAL C 282 18.98 12.18 -53.08
C VAL C 282 18.50 11.73 -51.71
N KCX C 283 18.62 10.43 -51.43
CA KCX C 283 18.10 9.88 -50.17
CB KCX C 283 17.53 8.48 -50.41
CG KCX C 283 16.24 8.20 -49.65
CD KCX C 283 16.09 6.68 -49.60
CE KCX C 283 15.60 6.16 -48.26
NZ KCX C 283 14.47 6.93 -47.80
C KCX C 283 19.21 9.80 -49.15
O KCX C 283 20.01 8.84 -49.15
CX KCX C 283 14.38 7.35 -46.54
OQ1 KCX C 283 15.26 7.09 -45.72
OQ2 KCX C 283 13.33 8.05 -46.16
N ASP C 284 19.28 10.81 -48.27
CA ASP C 284 20.29 10.81 -47.24
C ASP C 284 19.69 10.19 -45.99
N MET C 285 19.53 8.86 -46.05
CA MET C 285 18.79 8.10 -45.04
C MET C 285 19.38 8.13 -43.65
N ALA C 286 20.63 8.59 -43.56
CA ALA C 286 21.37 8.57 -42.32
C ALA C 286 21.99 9.92 -42.03
N GLY C 287 21.53 10.97 -42.71
CA GLY C 287 21.97 12.34 -42.44
C GLY C 287 23.47 12.58 -42.56
N LEU C 288 24.08 11.92 -43.56
CA LEU C 288 25.53 11.98 -43.72
C LEU C 288 26.06 13.12 -44.62
N LEU C 289 25.24 13.66 -45.51
CA LEU C 289 25.72 14.77 -46.36
C LEU C 289 25.97 16.09 -45.58
N LYS C 290 27.25 16.49 -45.53
CA LYS C 290 27.65 17.77 -44.94
C LYS C 290 27.36 18.94 -45.90
N PRO C 291 27.28 20.18 -45.37
CA PRO C 291 27.08 21.35 -46.24
C PRO C 291 27.99 21.50 -47.49
N ALA C 292 29.30 21.36 -47.36
CA ALA C 292 30.20 21.61 -48.48
C ALA C 292 29.89 20.65 -49.60
N ALA C 293 29.59 19.42 -49.21
CA ALA C 293 29.21 18.38 -50.15
C ALA C 293 27.93 18.72 -50.96
N ALA C 294 26.95 19.34 -50.30
CA ALA C 294 25.71 19.71 -50.94
C ALA C 294 26.00 20.71 -52.04
N LYS C 295 26.77 21.76 -51.70
CA LYS C 295 27.18 22.82 -52.62
C LYS C 295 27.72 22.16 -53.92
N VAL C 296 28.64 21.22 -53.76
CA VAL C 296 29.22 20.53 -54.90
C VAL C 296 28.20 19.60 -55.57
N LEU C 297 27.51 18.78 -54.79
CA LEU C 297 26.74 17.67 -55.35
C LEU C 297 25.54 18.14 -56.17
N PHE C 298 24.74 19.00 -55.59
CA PHE C 298 23.54 19.47 -56.28
C PHE C 298 23.79 20.30 -57.56
N LYS C 299 24.85 21.11 -57.57
CA LYS C 299 25.27 21.81 -58.78
C LYS C 299 25.57 20.77 -59.84
N ALA C 300 26.47 19.86 -59.48
CA ALA C 300 26.88 18.81 -60.38
C ALA C 300 25.69 18.05 -60.96
N LEU C 301 24.72 17.68 -60.10
CA LEU C 301 23.59 16.86 -60.53
C LEU C 301 22.71 17.58 -61.56
N ARG C 302 22.31 18.80 -61.22
CA ARG C 302 21.59 19.65 -62.18
C ARG C 302 22.35 19.74 -63.54
N GLU C 303 23.66 19.88 -63.51
CA GLU C 303 24.45 19.78 -64.74
C GLU C 303 24.31 18.40 -65.42
N ALA C 304 24.25 17.34 -64.64
CA ALA C 304 24.22 15.97 -65.17
C ALA C 304 22.92 15.60 -65.87
N THR C 305 21.81 16.16 -65.36
CA THR C 305 20.47 15.82 -65.86
C THR C 305 19.53 17.01 -65.87
N GLY C 306 18.68 17.05 -66.92
CA GLY C 306 17.60 18.02 -66.99
C GLY C 306 16.56 18.02 -65.87
N LEU C 307 16.34 16.86 -65.24
CA LEU C 307 15.25 16.61 -64.29
C LEU C 307 15.39 17.45 -63.03
N PRO C 308 14.28 17.65 -62.30
CA PRO C 308 14.40 18.33 -60.99
C PRO C 308 14.95 17.44 -59.88
N ILE C 309 15.38 18.07 -58.79
CA ILE C 309 16.12 17.36 -57.76
C ILE C 309 15.45 17.52 -56.40
N HIS C 310 15.20 16.40 -55.75
CA HIS C 310 14.49 16.36 -54.50
C HIS C 310 15.46 15.84 -53.46
N PHE C 311 15.48 16.48 -52.29
CA PHE C 311 16.50 16.14 -51.29
C PHE C 311 15.90 15.82 -49.96
N HIS C 312 16.22 14.60 -49.50
CA HIS C 312 15.70 14.10 -48.25
C HIS C 312 16.82 13.74 -47.33
N THR C 313 16.70 14.12 -46.06
CA THR C 313 17.78 13.88 -45.09
C THR C 313 17.28 13.86 -43.61
N HIS C 314 18.17 13.46 -42.69
CA HIS C 314 17.85 13.31 -41.28
C HIS C 314 18.77 14.14 -40.41
N ASP C 315 18.26 14.66 -39.28
CA ASP C 315 19.02 15.63 -38.45
C ASP C 315 19.86 15.07 -37.28
N THR C 316 20.10 13.76 -37.30
CA THR C 316 20.91 13.02 -36.29
C THR C 316 22.24 13.72 -35.95
N SER C 317 22.79 14.41 -36.95
CA SER C 317 24.09 15.07 -36.86
C SER C 317 23.94 16.35 -36.13
N GLY C 318 22.79 16.98 -36.25
CA GLY C 318 22.56 18.25 -35.57
C GLY C 318 22.91 19.42 -36.47
N ILE C 319 23.23 19.08 -37.72
CA ILE C 319 23.51 20.12 -38.70
C ILE C 319 22.74 19.97 -40.03
N ALA C 320 21.85 19.01 -40.15
CA ALA C 320 21.11 18.80 -41.39
C ALA C 320 20.49 20.04 -42.06
N ALA C 321 20.05 20.99 -41.25
CA ALA C 321 19.49 22.24 -41.74
C ALA C 321 20.55 23.03 -42.51
N ALA C 322 21.79 23.00 -42.05
CA ALA C 322 22.87 23.65 -42.77
C ALA C 322 22.91 23.10 -44.17
N THR C 323 22.87 21.78 -44.24
CA THR C 323 22.94 21.08 -45.49
C THR C 323 21.73 21.35 -46.41
N VAL C 324 20.54 21.30 -45.83
CA VAL C 324 19.38 21.65 -46.61
C VAL C 324 19.53 23.07 -47.16
N LEU C 325 20.07 23.98 -46.36
CA LEU C 325 20.17 25.35 -46.82
C LEU C 325 21.20 25.50 -47.93
N ALA C 326 22.28 24.74 -47.81
CA ALA C 326 23.30 24.65 -48.82
C ALA C 326 22.68 24.18 -50.12
N ALA C 327 21.84 23.15 -50.03
CA ALA C 327 21.18 22.58 -51.21
C ALA C 327 20.27 23.60 -51.91
N VAL C 328 19.52 24.34 -51.09
CA VAL C 328 18.67 25.39 -51.59
C VAL C 328 19.52 26.41 -52.32
N GLU C 329 20.63 26.85 -51.71
CA GLU C 329 21.53 27.79 -52.39
C GLU C 329 22.08 27.20 -53.67
N ALA C 330 22.41 25.91 -53.69
CA ALA C 330 22.95 25.31 -54.90
C ALA C 330 21.87 24.98 -55.94
N GLY C 331 20.64 25.42 -55.71
CA GLY C 331 19.59 25.27 -56.74
C GLY C 331 18.66 24.06 -56.64
N VAL C 332 18.77 23.26 -55.59
CA VAL C 332 17.90 22.11 -55.43
C VAL C 332 16.41 22.49 -55.54
N ASP C 333 15.71 21.68 -56.31
CA ASP C 333 14.31 21.90 -56.61
C ASP C 333 13.31 21.76 -55.44
N ALA C 334 13.56 20.78 -54.56
CA ALA C 334 12.65 20.47 -53.49
C ALA C 334 13.37 19.85 -52.33
N VAL C 335 13.00 20.25 -51.11
CA VAL C 335 13.57 19.60 -49.93
C VAL C 335 12.48 19.10 -48.99
N ASP C 336 12.83 18.08 -48.19
CA ASP C 336 11.94 17.50 -47.18
C ASP C 336 12.29 18.13 -45.83
N ALA C 337 11.28 18.31 -45.01
CA ALA C 337 11.48 18.82 -43.66
C ALA C 337 10.27 18.34 -42.84
N ALA C 338 10.37 18.43 -41.52
CA ALA C 338 9.26 18.04 -40.65
C ALA C 338 8.84 19.13 -39.74
N MET C 339 7.57 19.11 -39.43
CA MET C 339 6.99 20.05 -38.51
C MET C 339 7.84 20.13 -37.24
N ASP C 340 7.97 21.35 -36.72
CA ASP C 340 8.90 21.69 -35.63
C ASP C 340 8.85 20.71 -34.49
N ALA C 341 7.63 20.33 -34.14
CA ALA C 341 7.36 19.67 -32.92
C ALA C 341 7.69 18.23 -33.07
N LEU C 342 8.12 17.87 -34.28
CA LEU C 342 8.51 16.51 -34.59
C LEU C 342 9.75 16.51 -35.44
N SER C 343 10.61 17.50 -35.22
CA SER C 343 11.85 17.59 -35.94
C SER C 343 13.10 17.42 -35.08
N GLY C 344 14.25 17.41 -35.73
CA GLY C 344 15.54 17.34 -35.04
C GLY C 344 15.90 15.92 -34.69
N ASN C 345 17.15 15.70 -34.34
CA ASN C 345 17.60 14.34 -34.09
C ASN C 345 17.40 13.36 -35.26
N THR C 346 16.89 12.17 -35.03
CA THR C 346 16.72 11.18 -36.08
C THR C 346 15.60 11.46 -37.07
N SER C 347 14.83 12.51 -36.79
CA SER C 347 13.80 13.00 -37.71
C SER C 347 14.41 13.84 -38.84
N GLN C 348 13.56 14.50 -39.63
CA GLN C 348 14.00 15.56 -40.53
C GLN C 348 14.32 16.84 -39.73
N PRO C 349 15.13 17.73 -40.32
CA PRO C 349 15.40 19.04 -39.72
C PRO C 349 14.13 19.88 -39.67
N CYS C 350 14.18 20.95 -38.88
CA CYS C 350 13.00 21.77 -38.58
C CYS C 350 12.43 22.56 -39.76
N LEU C 351 11.23 22.16 -40.21
CA LEU C 351 10.56 22.82 -41.31
C LEU C 351 10.40 24.29 -41.04
N GLY C 352 9.91 24.63 -39.85
CA GLY C 352 9.62 26.01 -39.53
C GLY C 352 10.82 26.90 -39.62
N SER C 353 11.90 26.46 -38.98
CA SER C 353 13.13 27.22 -39.03
C SER C 353 13.77 27.26 -40.44
N ILE C 354 13.65 26.19 -41.23
CA ILE C 354 14.19 26.26 -42.57
C ILE C 354 13.43 27.33 -43.36
N VAL C 355 12.11 27.31 -43.26
CA VAL C 355 11.33 28.36 -43.93
C VAL C 355 11.66 29.78 -43.38
N GLU C 356 11.91 29.95 -42.07
CA GLU C 356 12.32 31.27 -41.60
C GLU C 356 13.63 31.69 -42.24
N ALA C 357 14.55 30.75 -42.35
CA ALA C 357 15.84 31.01 -42.93
C ALA C 357 15.67 31.56 -44.35
N LEU C 358 14.60 31.13 -45.04
CA LEU C 358 14.47 31.38 -46.46
C LEU C 358 13.66 32.62 -46.74
N SER C 359 12.88 33.03 -45.75
CA SER C 359 11.91 34.09 -45.89
C SER C 359 12.56 35.35 -46.47
N GLY C 360 12.01 35.89 -47.54
CA GLY C 360 12.48 37.18 -48.06
C GLY C 360 13.58 37.07 -49.06
N SER C 361 14.09 35.86 -49.28
CA SER C 361 15.18 35.68 -50.19
C SER C 361 14.60 35.37 -51.55
N GLU C 362 15.44 35.35 -52.59
CA GLU C 362 14.99 34.97 -53.93
C GLU C 362 14.27 33.64 -53.95
N ARG C 363 14.70 32.69 -53.14
CA ARG C 363 14.17 31.31 -53.25
C ARG C 363 13.07 31.00 -52.24
N ASP C 364 12.68 32.02 -51.49
CA ASP C 364 11.61 31.96 -50.49
C ASP C 364 10.44 31.02 -50.87
N PRO C 365 10.16 30.03 -50.02
CA PRO C 365 9.11 29.02 -50.33
C PRO C 365 7.67 29.54 -50.31
N GLY C 366 7.47 30.75 -49.79
CA GLY C 366 6.15 31.36 -49.64
C GLY C 366 5.15 30.58 -48.81
N LEU C 367 5.51 30.27 -47.56
CA LEU C 367 4.67 29.53 -46.62
C LEU C 367 4.56 30.34 -45.34
N ASP C 368 3.33 30.59 -44.90
CA ASP C 368 3.06 31.45 -43.75
C ASP C 368 3.58 30.82 -42.44
N PRO C 369 4.56 31.46 -41.82
CA PRO C 369 5.11 30.88 -40.61
C PRO C 369 4.10 30.83 -39.47
N ALA C 370 3.15 31.77 -39.39
CA ALA C 370 2.21 31.73 -38.27
C ALA C 370 1.37 30.44 -38.36
N TRP C 371 1.07 30.03 -39.59
CA TRP C 371 0.36 28.78 -39.76
C TRP C 371 1.24 27.59 -39.54
N ILE C 372 2.54 27.70 -39.82
CA ILE C 372 3.44 26.58 -39.50
C ILE C 372 3.44 26.33 -37.98
N ARG C 373 3.63 27.41 -37.22
CA ARG C 373 3.51 27.45 -35.76
CA ARG C 373 3.57 27.31 -35.80
C ARG C 373 2.21 26.81 -35.30
N ARG C 374 1.11 27.23 -35.94
CA ARG C 374 -0.22 26.76 -35.54
C ARG C 374 -0.37 25.27 -35.70
N ILE C 375 0.07 24.75 -36.84
CA ILE C 375 0.05 23.31 -37.10
C ILE C 375 1.04 22.53 -36.22
N SER C 376 2.27 23.05 -36.10
CA SER C 376 3.24 22.52 -35.16
C SER C 376 2.74 22.45 -33.68
N PHE C 377 2.10 23.49 -33.15
CA PHE C 377 1.54 23.39 -31.80
C PHE C 377 0.62 22.19 -31.72
N TYR C 378 -0.19 21.98 -32.76
CA TYR C 378 -1.09 20.83 -32.78
C TYR C 378 -0.32 19.51 -32.70
N TRP C 379 0.72 19.33 -33.53
CA TRP C 379 1.58 18.14 -33.44
C TRP C 379 2.22 17.96 -32.07
N GLU C 380 2.54 19.06 -31.41
CA GLU C 380 3.04 19.00 -30.06
C GLU C 380 2.02 18.38 -29.09
N ALA C 381 0.75 18.77 -29.22
CA ALA C 381 -0.29 18.25 -28.35
C ALA C 381 -0.58 16.81 -28.69
N VAL C 382 -0.44 16.50 -29.98
CA VAL C 382 -0.64 15.14 -30.43
C VAL C 382 0.50 14.31 -29.87
N ARG C 383 1.73 14.75 -30.08
CA ARG C 383 2.90 14.03 -29.60
C ARG C 383 2.85 13.69 -28.10
N ASN C 384 2.37 14.58 -27.26
CA ASN C 384 2.26 14.26 -25.83
C ASN C 384 1.48 12.96 -25.57
N GLN C 385 0.54 12.64 -26.46
CA GLN C 385 -0.30 11.44 -26.28
C GLN C 385 0.45 10.14 -26.52
N TYR C 386 1.59 10.25 -27.20
CA TYR C 386 2.43 9.10 -27.50
C TYR C 386 3.65 8.96 -26.57
N ALA C 387 3.52 9.47 -25.35
CA ALA C 387 4.62 9.44 -24.38
C ALA C 387 5.23 8.05 -24.28
N ALA C 388 4.39 7.04 -24.48
CA ALA C 388 4.76 5.64 -24.32
C ALA C 388 5.88 5.23 -25.26
N PHE C 389 6.04 5.98 -26.35
CA PHE C 389 6.86 5.54 -27.47
C PHE C 389 8.11 6.39 -27.69
N GLU C 390 8.33 7.37 -26.81
CA GLU C 390 9.51 8.24 -26.86
C GLU C 390 10.79 7.45 -26.59
N SER C 391 11.81 7.62 -27.42
CA SER C 391 13.14 7.09 -27.10
C SER C 391 13.83 7.95 -26.07
N ASP C 392 15.03 7.56 -25.67
CA ASP C 392 15.76 8.35 -24.69
C ASP C 392 16.86 9.16 -25.37
N LEU C 393 16.82 9.23 -26.70
CA LEU C 393 17.82 10.02 -27.43
C LEU C 393 17.74 11.46 -26.97
N LYS C 394 18.91 12.04 -26.65
CA LYS C 394 18.99 13.34 -25.98
C LYS C 394 19.40 14.54 -26.88
N GLY C 395 19.84 14.29 -28.11
CA GLY C 395 20.29 15.38 -28.96
C GLY C 395 21.20 14.93 -30.07
N PRO C 396 21.97 15.87 -30.66
CA PRO C 396 22.78 15.54 -31.86
C PRO C 396 24.01 14.69 -31.55
N ALA C 397 24.42 13.89 -32.52
CA ALA C 397 25.54 12.98 -32.35
C ALA C 397 26.43 13.00 -33.57
N SER C 398 27.61 13.60 -33.45
CA SER C 398 28.57 13.57 -34.54
C SER C 398 28.99 12.12 -34.88
N GLU C 399 28.64 11.20 -34.00
CA GLU C 399 28.90 9.78 -34.14
C GLU C 399 28.30 9.14 -35.40
N VAL C 400 27.19 9.70 -35.89
CA VAL C 400 26.56 9.20 -37.11
C VAL C 400 27.59 9.12 -38.26
N TYR C 401 28.57 10.03 -38.25
CA TYR C 401 29.61 10.07 -39.25
C TYR C 401 30.48 8.86 -39.15
N LEU C 402 30.46 8.21 -38.00
CA LEU C 402 31.24 6.99 -37.84
C LEU C 402 30.45 5.72 -38.18
N HIS C 403 29.23 5.57 -37.69
CA HIS C 403 28.50 4.34 -37.95
C HIS C 403 27.65 4.32 -39.19
N GLU C 404 26.86 5.37 -39.41
CA GLU C 404 25.99 5.46 -40.60
C GLU C 404 24.68 4.68 -40.47
N MET C 405 24.24 4.46 -39.24
CA MET C 405 22.94 3.85 -39.00
C MET C 405 21.87 4.87 -39.38
N PRO C 406 20.90 4.47 -40.23
CA PRO C 406 19.84 5.39 -40.66
C PRO C 406 19.06 5.98 -39.49
N GLY C 407 18.70 7.25 -39.58
CA GLY C 407 17.87 7.87 -38.55
C GLY C 407 16.78 6.91 -38.12
N GLY C 408 16.14 6.30 -39.11
CA GLY C 408 15.06 5.33 -38.92
C GLY C 408 15.39 3.92 -38.45
N GLN C 409 16.67 3.62 -38.19
CA GLN C 409 17.09 2.31 -37.63
C GLN C 409 17.67 2.53 -36.25
N PHE C 410 18.17 3.75 -36.02
CA PHE C 410 18.99 4.02 -34.85
C PHE C 410 18.40 3.47 -33.55
N THR C 411 17.16 3.85 -33.23
CA THR C 411 16.58 3.54 -31.93
C THR C 411 16.19 2.08 -31.85
N ASN C 412 15.55 1.57 -32.91
CA ASN C 412 15.30 0.12 -33.05
C ASN C 412 16.56 -0.70 -32.73
N LEU C 413 17.71 -0.25 -33.20
CA LEU C 413 18.98 -0.97 -32.97
C LEU C 413 19.55 -0.76 -31.57
N LYS C 414 19.14 0.32 -30.89
CA LYS C 414 19.49 0.51 -29.47
C LYS C 414 18.64 -0.43 -28.62
N GLU C 415 17.34 -0.50 -28.92
CA GLU C 415 16.43 -1.39 -28.22
C GLU C 415 16.84 -2.87 -28.33
N GLN C 416 17.19 -3.33 -29.53
CA GLN C 416 17.66 -4.72 -29.76
C GLN C 416 18.97 -5.00 -29.03
N ALA C 417 19.81 -3.98 -28.92
CA ALA C 417 21.02 -4.05 -28.10
C ALA C 417 20.66 -4.27 -26.62
N ARG C 418 19.65 -3.55 -26.14
CA ARG C 418 19.08 -3.78 -24.80
C ARG C 418 18.44 -5.15 -24.66
N SER C 419 17.68 -5.55 -25.67
CA SER C 419 17.08 -6.88 -25.73
C SER C 419 18.13 -8.01 -25.70
N LEU C 420 19.33 -7.71 -26.19
CA LEU C 420 20.44 -8.66 -26.12
C LEU C 420 21.40 -8.31 -24.98
N GLY C 421 20.91 -7.48 -24.04
CA GLY C 421 21.61 -7.15 -22.79
C GLY C 421 22.89 -6.34 -22.94
N LEU C 422 22.97 -5.54 -23.99
CA LEU C 422 24.23 -4.88 -24.34
C LEU C 422 24.23 -3.34 -24.22
N GLU C 423 23.26 -2.79 -23.46
CA GLU C 423 23.12 -1.35 -23.22
C GLU C 423 24.42 -0.65 -22.83
N THR C 424 25.03 -1.12 -21.75
CA THR C 424 26.31 -0.59 -21.26
C THR C 424 27.46 -0.66 -22.27
N ARG C 425 27.25 -1.31 -23.40
CA ARG C 425 28.34 -1.53 -24.35
C ARG C 425 27.98 -0.99 -25.74
N TRP C 426 27.07 -0.02 -25.74
CA TRP C 426 26.43 0.49 -26.97
C TRP C 426 27.35 1.07 -28.03
N HIS C 427 28.49 1.60 -27.60
CA HIS C 427 29.40 2.25 -28.54
C HIS C 427 30.29 1.26 -29.25
N GLN C 428 30.43 0.07 -28.68
CA GLN C 428 31.20 -1.01 -29.32
C GLN C 428 30.33 -1.71 -30.37
N VAL C 429 29.02 -1.54 -30.23
CA VAL C 429 28.07 -1.95 -31.24
C VAL C 429 28.27 -1.06 -32.47
N ALA C 430 28.14 0.25 -32.27
CA ALA C 430 28.33 1.23 -33.34
C ALA C 430 29.66 1.04 -34.10
N GLN C 431 30.77 1.04 -33.37
CA GLN C 431 32.07 0.88 -33.99
C GLN C 431 32.15 -0.41 -34.82
N ALA C 432 31.52 -1.48 -34.33
CA ALA C 432 31.49 -2.75 -35.06
C ALA C 432 30.62 -2.67 -36.32
N TYR C 433 29.61 -1.81 -36.28
CA TYR C 433 28.71 -1.58 -37.42
C TYR C 433 29.52 -1.01 -38.57
N ALA C 434 30.27 0.05 -38.29
CA ALA C 434 31.23 0.61 -39.23
C ALA C 434 32.17 -0.47 -39.79
N ASP C 435 32.76 -1.25 -38.88
CA ASP C 435 33.68 -2.33 -39.21
C ASP C 435 33.01 -3.41 -40.04
N ALA C 436 31.78 -3.77 -39.67
CA ALA C 436 30.97 -4.71 -40.44
C ALA C 436 30.74 -4.16 -41.83
N ASN C 437 30.31 -2.90 -41.89
CA ASN C 437 30.17 -2.21 -43.16
C ASN C 437 31.36 -2.40 -44.09
N GLN C 438 32.58 -2.15 -43.60
CA GLN C 438 33.75 -2.13 -44.46
C GLN C 438 34.09 -3.54 -44.97
N MET C 439 33.76 -4.51 -44.11
CA MET C 439 33.93 -5.93 -44.34
C MET C 439 33.20 -6.40 -45.60
N PHE C 440 32.00 -5.88 -45.84
CA PHE C 440 31.21 -6.24 -47.03
C PHE C 440 31.61 -5.43 -48.27
N GLY C 441 32.85 -4.93 -48.31
CA GLY C 441 33.19 -3.83 -49.21
C GLY C 441 32.52 -2.64 -48.57
N ASP C 442 32.66 -1.44 -49.09
CA ASP C 442 31.97 -0.31 -48.45
C ASP C 442 30.58 -0.23 -49.09
N ILE C 443 29.52 -0.55 -48.34
CA ILE C 443 28.17 -0.60 -48.96
C ILE C 443 27.08 0.35 -48.42
N VAL C 444 25.99 0.46 -49.19
CA VAL C 444 24.82 1.29 -48.87
C VAL C 444 23.98 0.61 -47.81
N LYS C 445 23.70 1.34 -46.73
CA LYS C 445 22.99 0.78 -45.59
C LYS C 445 21.65 1.46 -45.40
N VAL C 446 20.61 0.77 -45.87
CA VAL C 446 19.23 1.22 -45.78
C VAL C 446 18.37 -0.05 -45.84
N THR C 447 17.12 -0.01 -45.37
CA THR C 447 16.31 -1.25 -45.33
C THR C 447 16.20 -1.90 -46.69
N PRO C 448 16.32 -3.23 -46.75
CA PRO C 448 16.56 -4.12 -45.63
C PRO C 448 18.05 -4.47 -45.41
N SER C 449 18.96 -3.75 -46.08
CA SER C 449 20.39 -4.01 -46.00
C SER C 449 21.02 -3.56 -44.68
N SER C 450 20.60 -2.37 -44.21
CA SER C 450 21.02 -1.87 -42.90
C SER C 450 20.70 -2.85 -41.78
N LYS C 451 19.55 -3.53 -41.91
CA LYS C 451 19.08 -4.53 -40.96
C LYS C 451 20.10 -5.65 -40.87
N VAL C 452 20.60 -6.07 -42.03
CA VAL C 452 21.62 -7.11 -42.12
C VAL C 452 22.87 -6.66 -41.36
N VAL C 453 23.38 -5.49 -41.69
CA VAL C 453 24.53 -4.94 -40.97
C VAL C 453 24.29 -4.97 -39.46
N GLY C 454 23.17 -4.38 -39.02
CA GLY C 454 22.75 -4.44 -37.61
C GLY C 454 22.92 -5.83 -37.02
N ASP C 455 22.23 -6.80 -37.61
CA ASP C 455 22.30 -8.21 -37.22
C ASP C 455 23.72 -8.72 -37.09
N MET C 456 24.60 -8.28 -37.99
CA MET C 456 25.99 -8.75 -37.96
C MET C 456 26.75 -8.07 -36.83
N ALA C 457 26.57 -6.75 -36.75
CA ALA C 457 27.20 -5.94 -35.72
C ALA C 457 26.89 -6.52 -34.33
N LEU C 458 25.59 -6.65 -34.04
CA LEU C 458 25.13 -7.18 -32.75
C LEU C 458 25.86 -8.47 -32.37
N MET C 459 25.89 -9.44 -33.28
CA MET C 459 26.51 -10.72 -33.01
C MET C 459 28.02 -10.61 -32.78
N MET C 460 28.69 -9.71 -33.52
CA MET C 460 30.12 -9.45 -33.31
C MET C 460 30.43 -9.01 -31.88
N VAL C 461 29.55 -8.18 -31.32
CA VAL C 461 29.63 -7.79 -29.90
C VAL C 461 29.35 -9.01 -29.02
N SER C 462 28.13 -9.54 -29.07
CA SER C 462 27.73 -10.69 -28.26
C SER C 462 28.75 -11.82 -28.32
N GLN C 463 28.87 -12.46 -29.49
CA GLN C 463 29.77 -13.59 -29.69
C GLN C 463 31.25 -13.14 -29.71
N ASP C 464 31.49 -11.85 -29.44
CA ASP C 464 32.83 -11.30 -29.16
C ASP C 464 33.90 -11.63 -30.23
N LEU C 465 33.63 -11.23 -31.48
CA LEU C 465 34.52 -11.55 -32.61
C LEU C 465 34.91 -10.33 -33.44
N THR C 466 36.18 -10.28 -33.83
CA THR C 466 36.75 -9.15 -34.58
C THR C 466 36.63 -9.38 -36.07
N VAL C 467 36.90 -8.32 -36.84
CA VAL C 467 36.77 -8.37 -38.31
C VAL C 467 37.54 -9.56 -38.87
N ALA C 468 38.82 -9.68 -38.51
CA ALA C 468 39.67 -10.79 -38.95
C ALA C 468 39.24 -12.14 -38.35
N ASP C 469 38.51 -12.06 -37.23
CA ASP C 469 37.81 -13.22 -36.68
C ASP C 469 36.74 -13.64 -37.67
N VAL C 470 35.98 -12.67 -38.17
CA VAL C 470 34.97 -12.93 -39.20
C VAL C 470 35.63 -13.39 -40.53
N VAL C 471 36.60 -12.62 -41.02
CA VAL C 471 37.31 -12.95 -42.25
C VAL C 471 38.56 -13.79 -41.95
N PRO C 480 23.55 -16.23 -39.17
CA PRO C 480 22.35 -15.37 -39.04
C PRO C 480 21.54 -15.25 -40.34
N GLU C 481 20.34 -15.81 -40.35
CA GLU C 481 19.48 -15.95 -41.54
C GLU C 481 19.35 -14.72 -42.44
N SER C 482 19.61 -13.53 -41.90
CA SER C 482 19.57 -12.31 -42.71
C SER C 482 20.86 -12.10 -43.51
N VAL C 483 21.98 -12.52 -42.92
CA VAL C 483 23.29 -12.33 -43.52
C VAL C 483 23.53 -13.39 -44.59
N VAL C 484 23.07 -14.61 -44.31
CA VAL C 484 23.06 -15.67 -45.32
C VAL C 484 22.22 -15.20 -46.52
N SER C 485 21.01 -14.74 -46.23
CA SER C 485 20.11 -14.23 -47.25
C SER C 485 20.80 -13.27 -48.22
N MET C 486 21.29 -12.15 -47.69
CA MET C 486 21.93 -11.11 -48.49
C MET C 486 23.13 -11.64 -49.28
N LEU C 487 23.98 -12.40 -48.61
CA LEU C 487 25.20 -12.92 -49.23
C LEU C 487 24.97 -13.79 -50.49
N LYS C 488 24.00 -14.71 -50.43
CA LYS C 488 23.59 -15.51 -51.61
C LYS C 488 23.05 -14.64 -52.76
N GLY C 489 22.58 -13.45 -52.44
CA GLY C 489 22.08 -12.53 -53.45
C GLY C 489 20.59 -12.27 -53.39
N ASP C 490 19.98 -12.68 -52.28
CA ASP C 490 18.57 -12.40 -52.02
C ASP C 490 18.24 -10.92 -52.12
N LEU C 491 19.25 -10.07 -51.93
CA LEU C 491 18.99 -8.65 -51.76
C LEU C 491 19.61 -7.71 -52.80
N GLY C 492 20.28 -8.31 -53.78
CA GLY C 492 20.86 -7.57 -54.90
C GLY C 492 22.36 -7.75 -55.10
N GLN C 493 22.90 -6.98 -56.05
CA GLN C 493 24.34 -6.90 -56.29
C GLN C 493 24.81 -5.47 -56.03
N PRO C 494 25.91 -5.30 -55.26
CA PRO C 494 26.56 -3.99 -55.13
C PRO C 494 27.43 -3.71 -56.36
N PRO C 495 27.87 -2.44 -56.54
CA PRO C 495 28.76 -2.05 -57.63
C PRO C 495 29.79 -3.12 -58.02
N SER C 496 30.51 -3.67 -57.04
CA SER C 496 31.58 -4.64 -57.31
C SER C 496 31.35 -6.01 -56.67
N GLY C 497 30.12 -6.51 -56.76
CA GLY C 497 29.76 -7.83 -56.23
C GLY C 497 29.95 -7.96 -54.73
N TRP C 498 29.98 -9.20 -54.24
CA TRP C 498 30.16 -9.46 -52.82
C TRP C 498 31.50 -10.11 -52.55
N PRO C 499 32.18 -9.75 -51.42
CA PRO C 499 33.50 -10.34 -51.09
C PRO C 499 33.56 -11.87 -51.15
N GLU C 500 34.59 -12.38 -51.82
CA GLU C 500 34.74 -13.82 -52.05
C GLU C 500 34.83 -14.63 -50.75
N ALA C 501 35.88 -14.36 -49.97
CA ALA C 501 36.16 -15.12 -48.75
C ALA C 501 35.06 -15.01 -47.69
N LEU C 502 34.40 -13.86 -47.63
CA LEU C 502 33.17 -13.74 -46.83
C LEU C 502 32.10 -14.72 -47.34
N GLN C 503 31.83 -14.61 -48.66
CA GLN C 503 30.76 -15.39 -49.35
C GLN C 503 30.89 -16.91 -49.27
N LYS C 504 32.11 -17.44 -49.33
CA LYS C 504 32.29 -18.89 -49.17
C LYS C 504 31.92 -19.28 -47.74
N LYS C 505 32.74 -18.86 -46.77
CA LYS C 505 32.61 -19.27 -45.36
C LYS C 505 31.31 -18.86 -44.65
N ALA C 506 30.41 -18.09 -45.37
CA ALA C 506 29.07 -17.77 -44.89
C ALA C 506 28.01 -18.68 -45.52
N LEU C 507 27.84 -18.56 -46.84
CA LEU C 507 26.90 -19.43 -47.59
C LEU C 507 27.23 -20.89 -47.37
N LYS C 508 28.53 -21.16 -47.17
CA LYS C 508 29.06 -22.49 -46.85
C LYS C 508 28.21 -23.61 -47.45
N GLY C 509 28.56 -24.02 -48.67
CA GLY C 509 27.78 -24.99 -49.43
C GLY C 509 26.83 -24.32 -50.43
N GLU C 510 26.06 -23.34 -49.96
CA GLU C 510 25.04 -22.68 -50.78
C GLU C 510 25.63 -21.86 -51.91
N LYS C 511 25.09 -22.16 -53.17
CA LYS C 511 25.59 -21.56 -54.40
C LYS C 511 24.73 -20.34 -54.74
N PRO C 512 25.37 -19.16 -54.82
CA PRO C 512 24.66 -17.88 -54.93
C PRO C 512 24.21 -17.55 -56.36
N TYR C 513 23.40 -16.48 -56.47
CA TYR C 513 22.96 -15.96 -57.76
C TYR C 513 23.16 -14.44 -57.86
N THR C 514 23.52 -13.98 -59.06
CA THR C 514 23.79 -12.54 -59.27
C THR C 514 22.67 -11.83 -60.06
N VAL C 515 21.54 -12.52 -60.27
CA VAL C 515 20.46 -12.03 -61.13
C VAL C 515 19.33 -11.51 -60.27
N ARG C 516 18.74 -10.38 -60.66
CA ARG C 516 17.72 -9.70 -59.84
C ARG C 516 16.63 -10.67 -59.33
N PRO C 517 16.51 -10.79 -58.00
CA PRO C 517 15.78 -11.83 -57.25
C PRO C 517 14.36 -12.17 -57.74
N GLY C 518 13.59 -11.14 -58.10
CA GLY C 518 12.24 -11.33 -58.61
C GLY C 518 12.19 -11.98 -59.99
N SER C 519 13.32 -12.04 -60.69
CA SER C 519 13.41 -12.77 -61.96
C SER C 519 13.41 -14.26 -61.68
N LEU C 520 13.84 -14.63 -60.48
CA LEU C 520 13.76 -16.02 -60.02
C LEU C 520 12.42 -16.32 -59.37
N LEU C 521 11.66 -15.29 -59.03
CA LEU C 521 10.32 -15.46 -58.47
C LEU C 521 9.29 -15.62 -59.60
N LYS C 522 8.75 -16.83 -59.75
CA LYS C 522 7.71 -17.11 -60.76
C LYS C 522 6.48 -16.23 -60.49
N GLU C 523 5.71 -15.98 -61.56
CA GLU C 523 4.56 -15.08 -61.50
C GLU C 523 3.44 -15.65 -60.62
N ALA C 524 2.97 -14.84 -59.68
CA ALA C 524 1.92 -15.23 -58.76
C ALA C 524 0.58 -15.39 -59.49
N ASP C 525 -0.13 -16.48 -59.20
CA ASP C 525 -1.45 -16.68 -59.77
C ASP C 525 -2.47 -15.93 -58.92
N LEU C 526 -2.63 -14.64 -59.21
CA LEU C 526 -3.38 -13.73 -58.31
C LEU C 526 -4.84 -14.15 -58.18
N ASP C 527 -5.42 -14.58 -59.30
CA ASP C 527 -6.81 -15.04 -59.32
C ASP C 527 -7.10 -16.15 -58.29
N ALA C 528 -6.20 -17.14 -58.20
CA ALA C 528 -6.34 -18.21 -57.20
C ALA C 528 -5.84 -17.79 -55.82
N GLU C 529 -4.96 -16.78 -55.78
CA GLU C 529 -4.40 -16.31 -54.52
C GLU C 529 -5.36 -15.45 -53.71
N ARG C 530 -6.39 -14.93 -54.37
CA ARG C 530 -7.45 -14.20 -53.68
C ARG C 530 -8.46 -15.16 -53.05
N LYS C 531 -8.65 -16.32 -53.69
CA LYS C 531 -9.55 -17.35 -53.20
C LYS C 531 -9.12 -17.89 -51.82
N VAL C 532 -7.81 -17.94 -51.59
CA VAL C 532 -7.25 -18.36 -50.30
C VAL C 532 -7.51 -17.29 -49.25
N ILE C 533 -7.57 -16.04 -49.69
CA ILE C 533 -7.90 -14.93 -48.80
C ILE C 533 -9.39 -14.91 -48.46
N GLU C 534 -10.22 -15.27 -49.43
CA GLU C 534 -11.67 -15.17 -49.25
C GLU C 534 -12.27 -16.41 -48.58
N LYS C 535 -11.53 -17.53 -48.61
CA LYS C 535 -11.94 -18.75 -47.92
C LYS C 535 -11.61 -18.67 -46.43
N LYS C 536 -10.41 -18.19 -46.10
CA LYS C 536 -9.98 -18.03 -44.71
C LYS C 536 -10.59 -16.81 -44.03
N LEU C 537 -11.45 -16.08 -44.73
CA LEU C 537 -12.16 -14.94 -44.14
C LEU C 537 -13.67 -15.07 -44.37
N GLU C 538 -14.07 -16.12 -45.07
CA GLU C 538 -15.48 -16.40 -45.44
C GLU C 538 -16.22 -15.12 -45.82
N ARG C 539 -15.74 -14.47 -46.89
CA ARG C 539 -16.24 -13.17 -47.34
C ARG C 539 -15.43 -12.72 -48.54
N GLU C 540 -16.12 -12.12 -49.51
CA GLU C 540 -15.45 -11.39 -50.57
C GLU C 540 -14.76 -10.18 -49.95
N VAL C 541 -13.55 -9.85 -50.44
CA VAL C 541 -12.80 -8.66 -50.00
C VAL C 541 -12.74 -7.59 -51.09
N SER C 542 -12.06 -6.48 -50.80
CA SER C 542 -11.84 -5.43 -51.79
C SER C 542 -10.46 -5.50 -52.41
N ASP C 543 -10.32 -4.86 -53.56
CA ASP C 543 -9.04 -4.72 -54.25
C ASP C 543 -7.92 -4.26 -53.33
N PHE C 544 -8.19 -3.26 -52.49
CA PHE C 544 -7.19 -2.76 -51.56
C PHE C 544 -6.82 -3.81 -50.51
N GLU C 545 -7.81 -4.48 -49.94
CA GLU C 545 -7.56 -5.52 -48.93
C GLU C 545 -6.68 -6.63 -49.47
N PHE C 546 -6.99 -7.07 -50.69
CA PHE C 546 -6.21 -8.09 -51.36
C PHE C 546 -4.76 -7.65 -51.51
N ALA C 547 -4.56 -6.34 -51.69
CA ALA C 547 -3.21 -5.82 -51.83
C ALA C 547 -2.45 -5.98 -50.51
N SER C 548 -3.10 -5.65 -49.40
CA SER C 548 -2.53 -5.84 -48.06
C SER C 548 -2.15 -7.31 -47.86
N TYR C 549 -3.07 -8.18 -48.26
CA TYR C 549 -2.92 -9.62 -48.10
C TYR C 549 -1.69 -10.15 -48.83
N LEU C 550 -1.36 -9.55 -49.96
CA LEU C 550 -0.22 -9.96 -50.76
C LEU C 550 1.10 -9.59 -50.10
N MET C 551 1.08 -8.48 -49.36
CA MET C 551 2.30 -7.88 -48.80
C MET C 551 2.55 -8.38 -47.40
N TYR C 552 1.45 -8.67 -46.70
CA TYR C 552 1.50 -9.06 -45.31
C TYR C 552 0.38 -10.05 -45.02
N PRO C 553 0.46 -11.25 -45.63
CA PRO C 553 -0.61 -12.21 -45.44
C PRO C 553 -0.92 -12.51 -43.96
N LYS C 554 0.10 -12.65 -43.12
CA LYS C 554 -0.14 -13.00 -41.71
C LYS C 554 -0.67 -11.79 -40.95
N VAL C 555 -0.12 -10.61 -41.25
CA VAL C 555 -0.52 -9.42 -40.53
C VAL C 555 -1.95 -8.99 -40.91
N PHE C 556 -2.29 -9.09 -42.19
CA PHE C 556 -3.63 -8.69 -42.65
C PHE C 556 -4.72 -9.62 -42.12
N THR C 557 -4.46 -10.92 -42.16
CA THR C 557 -5.37 -11.90 -41.58
C THR C 557 -5.71 -11.48 -40.15
N ASP C 558 -4.65 -11.32 -39.33
CA ASP C 558 -4.79 -11.07 -37.91
C ASP C 558 -5.53 -9.76 -37.69
N PHE C 559 -5.31 -8.82 -38.61
CA PHE C 559 -6.01 -7.54 -38.59
C PHE C 559 -7.50 -7.67 -38.91
N ALA C 560 -7.84 -8.50 -39.89
CA ALA C 560 -9.23 -8.58 -40.35
C ALA C 560 -10.14 -9.14 -39.26
N LEU C 561 -9.63 -10.11 -38.50
CA LEU C 561 -10.38 -10.71 -37.39
C LEU C 561 -10.53 -9.74 -36.22
N ALA C 562 -9.48 -8.95 -35.99
CA ALA C 562 -9.53 -7.88 -35.01
C ALA C 562 -10.72 -6.94 -35.26
N SER C 563 -10.91 -6.56 -36.52
CA SER C 563 -11.95 -5.60 -36.94
C SER C 563 -13.37 -6.17 -36.89
N ASP C 564 -13.52 -7.47 -37.15
CA ASP C 564 -14.86 -8.06 -37.05
C ASP C 564 -15.24 -8.20 -35.57
N THR C 565 -14.23 -8.22 -34.72
CA THR C 565 -14.44 -8.31 -33.28
C THR C 565 -14.72 -6.92 -32.73
N TYR C 566 -13.76 -6.02 -32.91
CA TYR C 566 -13.70 -4.75 -32.18
C TYR C 566 -14.25 -3.54 -32.92
N GLY C 567 -14.38 -3.66 -34.23
CA GLY C 567 -15.00 -2.61 -35.04
C GLY C 567 -14.07 -1.48 -35.43
N PRO C 568 -14.65 -0.32 -35.77
CA PRO C 568 -13.94 0.85 -36.29
C PRO C 568 -13.15 1.64 -35.23
N VAL C 569 -12.25 0.98 -34.54
CA VAL C 569 -11.50 1.58 -33.44
C VAL C 569 -10.75 2.87 -33.80
N SER C 570 -10.54 3.11 -35.10
CA SER C 570 -9.84 4.30 -35.57
C SER C 570 -10.61 5.57 -35.23
N VAL C 571 -11.93 5.49 -35.12
CA VAL C 571 -12.78 6.66 -34.83
C VAL C 571 -12.59 7.15 -33.39
N LEU C 572 -11.90 6.33 -32.59
CA LEU C 572 -11.63 6.59 -31.18
C LEU C 572 -10.40 7.47 -31.02
N PRO C 573 -10.50 8.49 -30.14
CA PRO C 573 -9.38 9.38 -29.84
C PRO C 573 -8.19 8.60 -29.27
N THR C 574 -6.98 9.13 -29.38
CA THR C 574 -5.78 8.39 -29.01
C THR C 574 -5.55 8.08 -27.52
N PRO C 575 -5.96 8.98 -26.61
CA PRO C 575 -5.89 8.51 -25.22
C PRO C 575 -6.84 7.34 -24.98
N ALA C 576 -8.02 7.40 -25.61
CA ALA C 576 -9.03 6.37 -25.37
C ALA C 576 -8.63 5.04 -25.98
N TYR C 577 -8.01 5.08 -27.16
CA TYR C 577 -7.53 3.87 -27.82
C TYR C 577 -6.51 3.16 -26.96
N PHE C 578 -5.59 3.92 -26.38
CA PHE C 578 -4.49 3.32 -25.65
C PHE C 578 -4.78 3.02 -24.19
N TYR C 579 -5.78 3.67 -23.60
CA TYR C 579 -5.95 3.57 -22.16
C TYR C 579 -7.38 3.46 -21.65
N GLY C 580 -8.36 3.42 -22.55
CA GLY C 580 -9.74 3.24 -22.11
C GLY C 580 -10.34 4.51 -21.58
N LEU C 581 -11.27 4.39 -20.64
CA LEU C 581 -11.96 5.55 -20.07
C LEU C 581 -11.99 5.44 -18.57
N ALA C 582 -11.53 6.48 -17.89
CA ALA C 582 -11.59 6.61 -16.44
C ALA C 582 -13.02 6.79 -15.92
N ASP C 583 -13.29 6.27 -14.74
CA ASP C 583 -14.68 6.27 -14.23
C ASP C 583 -15.31 7.67 -14.22
N GLY C 584 -16.37 7.84 -14.99
CA GLY C 584 -17.03 9.13 -15.10
C GLY C 584 -16.71 9.81 -16.42
N GLU C 585 -15.59 9.44 -17.02
CA GLU C 585 -15.11 10.03 -18.27
C GLU C 585 -16.14 9.94 -19.42
N GLU C 586 -16.36 11.08 -20.08
CA GLU C 586 -17.33 11.20 -21.16
C GLU C 586 -16.60 11.29 -22.50
N LEU C 587 -17.07 10.56 -23.51
CA LEU C 587 -16.37 10.48 -24.80
C LEU C 587 -17.28 10.76 -26.02
N PHE C 588 -16.82 11.62 -26.92
CA PHE C 588 -17.52 11.85 -28.19
C PHE C 588 -16.75 11.12 -29.29
N ALA C 589 -17.43 10.20 -29.96
CA ALA C 589 -16.84 9.49 -31.09
C ALA C 589 -17.83 9.46 -32.24
N ASP C 590 -17.33 9.69 -33.45
CA ASP C 590 -18.19 9.68 -34.60
C ASP C 590 -18.14 8.33 -35.30
N ILE C 591 -19.27 7.62 -35.22
CA ILE C 591 -19.37 6.28 -35.81
C ILE C 591 -19.39 6.41 -37.33
N GLU C 592 -20.11 7.42 -37.81
CA GLU C 592 -20.01 7.92 -39.17
C GLU C 592 -19.97 9.44 -39.09
N LYS C 593 -19.51 10.09 -40.16
CA LYS C 593 -19.72 11.54 -40.27
C LYS C 593 -21.23 11.74 -40.35
N GLY C 594 -21.75 12.54 -39.42
CA GLY C 594 -23.20 12.68 -39.21
C GLY C 594 -23.48 12.32 -37.77
N LYS C 595 -23.59 11.02 -37.51
CA LYS C 595 -23.85 10.51 -36.16
C LYS C 595 -22.65 10.63 -35.23
N THR C 596 -22.91 11.16 -34.04
CA THR C 596 -21.90 11.17 -32.99
C THR C 596 -22.42 10.37 -31.78
N LEU C 597 -21.63 9.40 -31.32
CA LEU C 597 -21.96 8.61 -30.13
C LEU C 597 -21.34 9.27 -28.91
N VAL C 598 -22.13 9.38 -27.84
CA VAL C 598 -21.68 9.88 -26.54
C VAL C 598 -21.55 8.73 -25.53
N ILE C 599 -20.32 8.30 -25.31
CA ILE C 599 -20.01 7.15 -24.45
C ILE C 599 -19.40 7.56 -23.11
N VAL C 600 -20.12 7.29 -22.03
CA VAL C 600 -19.68 7.55 -20.66
C VAL C 600 -19.41 6.22 -19.94
N ASN C 601 -18.19 6.06 -19.43
CA ASN C 601 -17.88 4.97 -18.50
C ASN C 601 -18.37 5.30 -17.09
N GLN C 602 -19.30 4.49 -16.59
CA GLN C 602 -19.99 4.79 -15.33
C GLN C 602 -19.47 4.02 -14.10
N ALA C 603 -18.94 2.81 -14.32
CA ALA C 603 -18.58 1.86 -13.25
C ALA C 603 -17.94 0.58 -13.79
N VAL C 604 -17.11 -0.06 -12.99
CA VAL C 604 -16.31 -1.20 -13.45
C VAL C 604 -16.27 -2.21 -12.32
N SER C 605 -17.03 -3.28 -12.44
CA SER C 605 -17.20 -4.28 -11.37
C SER C 605 -15.93 -5.04 -11.01
N ALA C 606 -15.95 -5.71 -9.85
CA ALA C 606 -14.94 -6.71 -9.51
C ALA C 606 -15.01 -7.87 -10.51
N THR C 607 -14.31 -8.97 -10.22
CA THR C 607 -14.24 -10.07 -11.19
C THR C 607 -15.21 -11.21 -10.87
N ASP C 608 -16.16 -11.43 -11.77
CA ASP C 608 -17.18 -12.47 -11.65
C ASP C 608 -16.55 -13.82 -11.41
N SER C 609 -17.29 -14.68 -10.71
CA SER C 609 -16.93 -16.07 -10.47
C SER C 609 -16.39 -16.77 -11.73
N GLN C 610 -17.03 -16.52 -12.87
CA GLN C 610 -16.54 -17.03 -14.15
C GLN C 610 -15.62 -16.02 -14.83
N GLY C 611 -14.69 -15.47 -14.07
CA GLY C 611 -13.57 -14.67 -14.59
C GLY C 611 -13.86 -13.38 -15.34
N MET C 612 -15.14 -13.08 -15.54
CA MET C 612 -15.57 -11.92 -16.32
C MET C 612 -15.59 -10.63 -15.50
N VAL C 613 -15.39 -9.51 -16.21
CA VAL C 613 -15.47 -8.16 -15.63
C VAL C 613 -16.50 -7.35 -16.41
N THR C 614 -17.41 -6.69 -15.67
CA THR C 614 -18.52 -5.95 -16.28
C THR C 614 -18.31 -4.44 -16.19
N VAL C 615 -18.22 -3.81 -17.35
CA VAL C 615 -18.18 -2.35 -17.42
C VAL C 615 -19.58 -1.80 -17.72
N PHE C 616 -19.93 -0.72 -17.03
CA PHE C 616 -21.21 -0.05 -17.20
C PHE C 616 -20.96 1.22 -18.02
N PHE C 617 -21.59 1.26 -19.19
CA PHE C 617 -21.55 2.41 -20.08
C PHE C 617 -22.91 3.10 -20.17
N GLU C 618 -22.91 4.36 -20.59
CA GLU C 618 -24.14 5.03 -21.03
C GLU C 618 -23.94 5.55 -22.44
N LEU C 619 -24.63 4.92 -23.39
CA LEU C 619 -24.50 5.25 -24.81
C LEU C 619 -25.61 6.18 -25.26
N ASN C 620 -25.21 7.38 -25.68
CA ASN C 620 -26.12 8.47 -26.05
C ASN C 620 -27.41 8.55 -25.22
N GLY C 621 -27.32 8.22 -23.93
CA GLY C 621 -28.42 8.39 -22.99
C GLY C 621 -29.09 7.12 -22.51
N GLN C 622 -28.58 5.97 -22.92
CA GLN C 622 -29.18 4.68 -22.47
C GLN C 622 -28.11 3.74 -21.89
N PRO C 623 -28.45 3.05 -20.79
CA PRO C 623 -27.56 2.10 -20.13
C PRO C 623 -27.15 0.90 -20.98
N ARG C 624 -25.86 0.54 -20.93
CA ARG C 624 -25.35 -0.71 -21.52
C ARG C 624 -24.26 -1.36 -20.63
N ARG C 625 -24.30 -2.70 -20.55
CA ARG C 625 -23.30 -3.48 -19.79
C ARG C 625 -22.54 -4.44 -20.70
N ILE C 626 -21.22 -4.43 -20.61
CA ILE C 626 -20.37 -5.21 -21.50
C ILE C 626 -19.37 -6.01 -20.70
N LYS C 627 -19.50 -7.34 -20.74
CA LYS C 627 -18.60 -8.23 -19.99
C LYS C 627 -17.31 -8.51 -20.77
N VAL C 628 -16.18 -8.51 -20.06
CA VAL C 628 -14.86 -8.82 -20.66
C VAL C 628 -13.97 -9.61 -19.68
N PRO C 629 -12.99 -10.37 -20.22
CA PRO C 629 -12.20 -11.26 -19.36
C PRO C 629 -11.11 -10.50 -18.59
N ASP C 630 -10.69 -11.06 -17.46
CA ASP C 630 -9.62 -10.44 -16.70
C ASP C 630 -8.28 -11.08 -17.06
N ARG C 631 -7.68 -10.61 -18.14
CA ARG C 631 -6.50 -11.26 -18.74
C ARG C 631 -5.21 -11.13 -17.94
N ALA C 632 -5.28 -10.49 -16.77
CA ALA C 632 -4.09 -10.20 -15.95
C ALA C 632 -3.66 -11.40 -15.13
N ASP D 36 -40.86 2.86 -4.07
CA ASP D 36 -41.19 3.58 -2.81
C ASP D 36 -40.44 2.97 -1.65
N ARG D 37 -40.99 1.88 -1.09
CA ARG D 37 -40.33 1.15 -0.02
C ARG D 37 -39.05 0.43 -0.50
N ALA D 38 -39.13 -0.19 -1.68
CA ALA D 38 -37.96 -0.87 -2.27
C ALA D 38 -36.82 0.09 -2.60
N THR D 39 -37.18 1.23 -3.19
CA THR D 39 -36.25 2.31 -3.49
C THR D 39 -35.53 2.77 -2.23
N LYS D 40 -36.29 3.06 -1.18
CA LYS D 40 -35.72 3.46 0.12
C LYS D 40 -34.71 2.45 0.65
N LEU D 41 -35.05 1.16 0.57
CA LEU D 41 -34.16 0.08 1.04
C LEU D 41 -32.84 0.02 0.22
N LEU D 42 -32.94 0.15 -1.10
CA LEU D 42 -31.76 0.25 -1.96
C LEU D 42 -30.83 1.40 -1.56
N THR D 43 -31.42 2.50 -1.07
CA THR D 43 -30.65 3.66 -0.65
C THR D 43 -29.87 3.37 0.62
N TYR D 44 -30.48 2.71 1.60
CA TYR D 44 -29.76 2.34 2.82
C TYR D 44 -28.61 1.42 2.46
N LEU D 45 -28.96 0.31 1.82
CA LEU D 45 -27.99 -0.67 1.35
C LEU D 45 -26.79 -0.03 0.67
N ALA D 46 -27.05 0.93 -0.22
CA ALA D 46 -25.97 1.71 -0.86
C ALA D 46 -25.16 2.59 0.13
N ASP D 47 -25.86 3.26 1.04
CA ASP D 47 -25.25 4.15 2.00
C ASP D 47 -24.29 3.38 2.91
N VAL D 48 -24.72 2.20 3.32
CA VAL D 48 -23.92 1.36 4.21
C VAL D 48 -22.86 0.56 3.44
N THR D 49 -23.12 0.26 2.15
CA THR D 49 -22.12 -0.42 1.33
C THR D 49 -20.87 0.43 1.19
N VAL D 50 -21.04 1.74 0.98
CA VAL D 50 -19.91 2.63 0.76
C VAL D 50 -19.37 3.34 2.01
N ASN D 51 -20.26 3.71 2.93
CA ASN D 51 -19.85 4.42 4.15
C ASN D 51 -19.81 3.53 5.40
N GLY D 52 -20.29 2.30 5.29
CA GLY D 52 -20.39 1.43 6.46
C GLY D 52 -21.43 1.88 7.47
N HIS D 53 -21.59 1.08 8.53
CA HIS D 53 -22.40 1.45 9.67
C HIS D 53 -21.51 2.15 10.68
N PRO D 54 -22.00 3.24 11.30
CA PRO D 54 -21.21 3.90 12.36
C PRO D 54 -20.79 2.92 13.46
N GLU D 55 -21.76 2.21 14.03
CA GLU D 55 -21.51 1.25 15.10
C GLU D 55 -20.54 0.13 14.75
N ALA D 56 -20.47 -0.26 13.48
CA ALA D 56 -19.68 -1.44 13.11
C ALA D 56 -18.34 -1.14 12.46
N LYS D 57 -18.26 -0.03 11.72
CA LYS D 57 -17.11 0.23 10.83
C LYS D 57 -15.74 0.25 11.56
N ASP D 58 -15.73 0.55 12.85
CA ASP D 58 -14.46 0.67 13.56
C ASP D 58 -14.16 -0.46 14.55
N ARG D 59 -15.13 -1.34 14.77
CA ARG D 59 -14.99 -2.47 15.68
C ARG D 59 -14.55 -3.71 14.88
N PRO D 60 -14.31 -4.86 15.53
CA PRO D 60 -13.94 -6.07 14.74
C PRO D 60 -15.06 -6.63 13.84
N LYS D 61 -14.69 -7.48 12.88
CA LYS D 61 -15.63 -7.97 11.86
C LYS D 61 -15.80 -9.51 11.93
N PRO D 62 -17.03 -10.02 11.67
CA PRO D 62 -17.30 -11.47 11.70
C PRO D 62 -16.31 -12.25 10.85
N LEU D 63 -15.94 -13.45 11.29
CA LEU D 63 -14.95 -14.30 10.60
C LEU D 63 -15.28 -14.44 9.11
N GLU D 64 -14.24 -14.43 8.26
CA GLU D 64 -14.38 -14.41 6.80
C GLU D 64 -15.14 -15.63 6.28
N ALA D 67 -20.74 -18.53 7.74
CA ALA D 67 -21.89 -19.43 7.69
C ALA D 67 -23.20 -18.78 8.18
N ARG D 68 -24.18 -18.64 7.28
CA ARG D 68 -25.49 -18.08 7.67
C ARG D 68 -26.17 -18.99 8.71
N PRO D 69 -26.70 -18.42 9.81
CA PRO D 69 -27.50 -19.23 10.72
C PRO D 69 -28.63 -19.94 9.96
N VAL D 70 -29.01 -21.13 10.42
CA VAL D 70 -30.05 -21.92 9.77
C VAL D 70 -31.13 -22.26 10.77
N VAL D 71 -32.35 -21.82 10.50
CA VAL D 71 -33.50 -22.11 11.36
C VAL D 71 -33.79 -23.61 11.30
N PRO D 72 -33.79 -24.29 12.46
CA PRO D 72 -34.02 -25.74 12.54
C PRO D 72 -35.45 -26.12 12.11
N TYR D 73 -35.54 -26.96 11.07
CA TYR D 73 -36.81 -27.54 10.61
C TYR D 73 -37.55 -28.17 11.80
N ALA D 74 -38.52 -27.41 12.33
CA ALA D 74 -39.24 -27.77 13.56
C ALA D 74 -40.24 -28.95 13.39
N GLY D 78 -49.17 -27.99 14.01
CA GLY D 78 -49.97 -27.33 15.04
C GLY D 78 -49.07 -26.93 16.18
N VAL D 79 -49.60 -26.17 17.14
CA VAL D 79 -48.82 -25.73 18.32
C VAL D 79 -49.49 -26.20 19.62
N LYS D 80 -48.72 -26.88 20.46
CA LYS D 80 -49.25 -27.43 21.71
C LYS D 80 -49.61 -26.27 22.61
N ASP D 81 -50.87 -26.24 23.07
CA ASP D 81 -51.29 -25.21 24.01
C ASP D 81 -50.26 -25.19 25.13
N GLY D 82 -49.90 -23.99 25.54
CA GLY D 82 -49.01 -23.81 26.66
C GLY D 82 -49.45 -22.69 27.58
N THR D 83 -48.47 -22.01 28.15
CA THR D 83 -48.69 -21.00 29.18
C THR D 83 -49.55 -19.81 28.74
N LYS D 84 -49.39 -19.36 27.49
CA LYS D 84 -50.24 -18.29 26.96
C LYS D 84 -51.72 -18.70 27.03
N GLN D 85 -52.01 -19.95 26.68
CA GLN D 85 -53.36 -20.47 26.75
C GLN D 85 -53.84 -20.61 28.18
N LEU D 86 -52.98 -21.16 29.05
CA LEU D 86 -53.31 -21.29 30.47
C LEU D 86 -53.70 -19.95 31.11
N LEU D 87 -52.93 -18.90 30.80
CA LEU D 87 -53.18 -17.56 31.36
C LEU D 87 -54.45 -16.91 30.82
N ASP D 88 -54.72 -17.08 29.52
CA ASP D 88 -55.95 -16.55 28.95
C ASP D 88 -57.21 -17.09 29.62
N THR D 89 -57.23 -18.38 29.94
CA THR D 89 -58.41 -18.99 30.57
C THR D 89 -58.53 -18.65 32.07
N LEU D 90 -57.42 -18.78 32.80
CA LEU D 90 -57.39 -18.65 34.26
C LEU D 90 -57.25 -17.21 34.80
N GLY D 91 -56.77 -16.31 33.96
CA GLY D 91 -56.41 -14.98 34.43
C GLY D 91 -55.13 -15.01 35.25
N PRO D 92 -54.58 -13.82 35.58
CA PRO D 92 -53.30 -13.66 36.28
C PRO D 92 -53.18 -14.22 37.72
N LYS D 93 -54.17 -13.94 38.59
CA LYS D 93 -54.10 -14.41 39.98
C LYS D 93 -54.05 -15.93 40.05
N LYS D 94 -55.07 -16.56 39.45
CA LYS D 94 -55.19 -18.02 39.40
C LYS D 94 -53.96 -18.68 38.74
N PHE D 95 -53.53 -18.14 37.61
CA PHE D 95 -52.29 -18.61 36.97
C PHE D 95 -51.11 -18.67 37.96
N GLY D 96 -51.04 -17.68 38.86
CA GLY D 96 -50.03 -17.64 39.92
C GLY D 96 -50.17 -18.83 40.86
N GLU D 97 -51.40 -19.10 41.27
CA GLU D 97 -51.69 -20.29 42.06
C GLU D 97 -51.24 -21.54 41.29
N TRP D 98 -51.41 -21.52 39.96
CA TRP D 98 -51.10 -22.67 39.12
C TRP D 98 -49.63 -22.99 39.13
N MET D 99 -48.82 -21.95 39.03
CA MET D 99 -47.38 -22.07 39.11
C MET D 99 -47.00 -22.57 40.50
N ARG D 100 -47.63 -21.98 41.51
CA ARG D 100 -47.36 -22.29 42.90
C ARG D 100 -47.40 -23.80 43.09
N ASN D 101 -48.43 -24.45 42.55
CA ASN D 101 -48.71 -25.86 42.80
C ASN D 101 -47.98 -26.87 41.91
N GLU D 102 -47.37 -26.40 40.84
CA GLU D 102 -46.71 -27.26 39.86
C GLU D 102 -45.45 -27.92 40.43
N LYS D 103 -45.29 -29.22 40.19
CA LYS D 103 -44.14 -29.96 40.73
C LYS D 103 -42.86 -29.67 39.93
N ARG D 104 -42.97 -29.70 38.60
CA ARG D 104 -41.85 -29.41 37.71
C ARG D 104 -41.40 -27.96 37.84
N VAL D 105 -40.11 -27.71 37.62
CA VAL D 105 -39.59 -26.35 37.62
C VAL D 105 -39.95 -25.67 36.29
N LEU D 106 -40.27 -24.38 36.34
CA LEU D 106 -40.65 -23.63 35.16
C LEU D 106 -39.51 -22.75 34.64
N LEU D 107 -39.22 -22.84 33.34
CA LEU D 107 -38.10 -22.11 32.75
C LEU D 107 -38.48 -20.89 31.93
N THR D 108 -37.84 -19.76 32.26
CA THR D 108 -37.88 -18.54 31.46
C THR D 108 -36.58 -18.49 30.65
N ASP D 109 -36.71 -18.25 29.33
CA ASP D 109 -35.56 -18.10 28.44
C ASP D 109 -35.27 -16.61 28.25
N THR D 110 -34.04 -16.22 28.57
CA THR D 110 -33.63 -14.81 28.62
C THR D 110 -32.88 -14.39 27.38
N THR D 111 -32.55 -15.38 26.55
CA THR D 111 -31.73 -15.20 25.35
C THR D 111 -32.12 -13.99 24.52
N MET D 112 -33.42 -13.82 24.28
CA MET D 112 -33.93 -12.71 23.45
C MET D 112 -33.83 -11.30 24.07
N ARG D 113 -33.49 -11.20 25.34
CA ARG D 113 -33.36 -9.88 25.94
C ARG D 113 -32.07 -9.78 26.75
N ASP D 114 -31.98 -10.54 27.84
CA ASP D 114 -30.88 -10.33 28.76
C ASP D 114 -29.54 -10.87 28.28
N GLY D 115 -29.56 -12.08 27.72
CA GLY D 115 -28.38 -12.71 27.09
C GLY D 115 -27.65 -11.80 26.09
N HIS D 116 -28.38 -11.17 25.17
CA HIS D 116 -27.70 -10.24 24.27
C HIS D 116 -27.47 -8.86 24.84
N GLN D 117 -28.21 -8.48 25.86
CA GLN D 117 -27.95 -7.20 26.49
C GLN D 117 -26.67 -7.31 27.32
N SER D 118 -26.51 -8.44 28.02
CA SER D 118 -25.29 -8.69 28.77
C SER D 118 -24.08 -8.84 27.86
N LEU D 119 -24.16 -9.71 26.88
CA LEU D 119 -22.97 -10.11 26.14
C LEU D 119 -22.66 -9.36 24.87
N LEU D 120 -23.68 -8.76 24.26
CA LEU D 120 -23.55 -8.13 22.95
C LEU D 120 -24.06 -6.69 22.87
N ALA D 121 -24.12 -5.96 23.98
CA ALA D 121 -24.54 -4.54 23.95
C ALA D 121 -25.94 -4.29 23.36
N THR D 122 -26.80 -5.29 23.44
CA THR D 122 -28.21 -5.19 23.03
C THR D 122 -28.39 -4.96 21.52
N ARG D 123 -27.45 -5.49 20.73
CA ARG D 123 -27.47 -5.27 19.28
C ARG D 123 -28.13 -6.41 18.51
N MET D 124 -28.71 -7.36 19.24
CA MET D 124 -29.43 -8.45 18.61
C MET D 124 -30.60 -7.88 17.83
N ARG D 125 -30.72 -8.30 16.57
CA ARG D 125 -31.69 -7.75 15.64
C ARG D 125 -33.01 -8.50 15.60
N THR D 126 -34.10 -7.79 15.31
CA THR D 126 -35.40 -8.38 15.10
C THR D 126 -35.27 -9.53 14.12
N TYR D 127 -34.65 -9.29 12.96
CA TYR D 127 -34.44 -10.35 11.95
C TYR D 127 -34.01 -11.69 12.57
N ASP D 128 -33.04 -11.65 13.47
CA ASP D 128 -32.50 -12.88 14.07
C ASP D 128 -33.40 -13.44 15.17
N ILE D 129 -33.95 -12.54 15.99
CA ILE D 129 -34.86 -12.90 17.06
C ILE D 129 -36.13 -13.57 16.51
N ALA D 130 -36.85 -12.84 15.64
CA ALA D 130 -38.13 -13.29 15.10
C ALA D 130 -38.09 -14.71 14.53
N ARG D 131 -37.10 -14.99 13.69
CA ARG D 131 -36.96 -16.26 12.94
C ARG D 131 -36.96 -17.54 13.77
N ILE D 132 -36.59 -17.45 15.05
CA ILE D 132 -36.54 -18.63 15.93
C ILE D 132 -37.76 -18.79 16.82
N ALA D 133 -38.59 -17.76 16.93
CA ALA D 133 -39.80 -17.84 17.73
C ALA D 133 -40.59 -19.14 17.46
N GLY D 134 -40.98 -19.38 16.21
CA GLY D 134 -41.68 -20.60 15.81
C GLY D 134 -40.98 -21.90 16.17
N THR D 135 -39.65 -21.87 16.23
CA THR D 135 -38.89 -23.05 16.59
C THR D 135 -38.98 -23.26 18.10
N TYR D 136 -38.99 -22.15 18.85
CA TYR D 136 -39.30 -22.23 20.29
C TYR D 136 -40.70 -22.80 20.47
N SER D 137 -41.65 -22.27 19.69
CA SER D 137 -43.07 -22.57 19.81
C SER D 137 -43.40 -24.05 19.59
N HIS D 138 -42.87 -24.64 18.52
CA HIS D 138 -43.01 -26.08 18.26
C HIS D 138 -42.16 -26.94 19.18
N ALA D 139 -40.88 -26.59 19.32
CA ALA D 139 -39.89 -27.47 19.99
C ALA D 139 -39.91 -27.42 21.51
N LEU D 140 -40.14 -26.25 22.11
CA LEU D 140 -40.20 -26.15 23.58
C LEU D 140 -41.49 -25.52 24.15
N PRO D 141 -42.65 -26.16 23.87
CA PRO D 141 -43.97 -25.59 24.23
C PRO D 141 -44.21 -25.57 25.75
N ASN D 142 -43.43 -26.38 26.45
CA ASN D 142 -43.44 -26.51 27.90
C ASN D 142 -42.88 -25.31 28.70
N LEU D 143 -42.20 -24.39 28.00
CA LEU D 143 -41.56 -23.19 28.59
C LEU D 143 -42.54 -22.28 29.32
N LEU D 144 -42.09 -21.63 30.40
CA LEU D 144 -42.96 -20.69 31.10
C LEU D 144 -43.15 -19.45 30.28
N SER D 145 -42.04 -18.91 29.78
CA SER D 145 -42.03 -17.61 29.10
C SER D 145 -40.79 -17.38 28.25
N LEU D 146 -40.86 -16.34 27.42
CA LEU D 146 -39.72 -15.82 26.69
C LEU D 146 -39.46 -14.36 27.08
N GLU D 147 -38.34 -14.12 27.77
CA GLU D 147 -37.88 -12.76 28.04
C GLU D 147 -37.30 -12.22 26.74
N CYS D 148 -37.97 -11.20 26.21
CA CYS D 148 -37.69 -10.68 24.87
C CYS D 148 -37.93 -9.16 24.74
N TRP D 149 -38.64 -8.56 25.68
CA TRP D 149 -38.86 -7.11 25.65
C TRP D 149 -38.34 -6.46 26.90
N GLY D 150 -38.38 -5.12 26.94
CA GLY D 150 -37.95 -4.35 28.11
C GLY D 150 -36.45 -4.04 28.17
N GLY D 151 -36.05 -3.30 29.20
CA GLY D 151 -34.63 -2.97 29.42
C GLY D 151 -34.03 -2.12 28.32
N ALA D 152 -32.82 -2.47 27.89
CA ALA D 152 -32.08 -1.69 26.91
C ALA D 152 -32.61 -1.85 25.50
N THR D 153 -33.50 -2.82 25.29
CA THR D 153 -33.98 -3.15 23.93
C THR D 153 -34.79 -2.04 23.27
N PHE D 154 -35.62 -1.37 24.06
CA PHE D 154 -36.53 -0.36 23.53
C PHE D 154 -35.74 0.81 22.97
N ASP D 155 -34.92 1.38 23.85
CA ASP D 155 -33.94 2.42 23.56
C ASP D 155 -33.07 2.07 22.32
N VAL D 156 -32.29 0.99 22.42
CA VAL D 156 -31.28 0.57 21.44
C VAL D 156 -31.80 0.13 20.06
N SER D 157 -32.93 -0.57 20.03
CA SER D 157 -33.58 -0.95 18.78
C SER D 157 -33.72 0.25 17.82
N MET D 158 -34.23 1.36 18.33
CA MET D 158 -34.45 2.55 17.50
C MET D 158 -33.17 3.30 17.24
N ARG D 159 -32.48 3.63 18.33
CA ARG D 159 -31.26 4.43 18.32
C ARG D 159 -30.11 3.79 17.56
N PHE D 160 -29.87 2.51 17.78
CA PHE D 160 -28.66 1.88 17.26
C PHE D 160 -28.92 0.85 16.17
N LEU D 161 -30.15 0.32 16.11
CA LEU D 161 -30.50 -0.70 15.11
C LEU D 161 -31.51 -0.23 14.07
N THR D 162 -32.05 0.97 14.26
CA THR D 162 -32.94 1.60 13.28
C THR D 162 -34.17 0.71 13.09
N GLU D 163 -34.65 0.14 14.20
CA GLU D 163 -35.83 -0.70 14.12
C GLU D 163 -36.83 -0.53 15.27
N ASP D 164 -38.10 -0.70 14.89
CA ASP D 164 -39.22 -0.52 15.78
C ASP D 164 -39.29 -1.68 16.75
N PRO D 165 -39.24 -1.39 18.07
CA PRO D 165 -39.30 -2.48 19.04
C PRO D 165 -40.73 -3.01 19.14
N TRP D 166 -41.69 -2.27 18.60
CA TRP D 166 -43.08 -2.68 18.62
C TRP D 166 -43.34 -3.73 17.59
N GLU D 167 -42.71 -3.58 16.43
CA GLU D 167 -42.78 -4.57 15.35
C GLU D 167 -42.19 -5.90 15.82
N ARG D 168 -41.01 -5.81 16.46
CA ARG D 168 -40.29 -6.97 16.98
C ARG D 168 -41.16 -7.83 17.89
N LEU D 169 -41.92 -7.16 18.75
CA LEU D 169 -42.76 -7.83 19.73
C LEU D 169 -43.89 -8.53 18.99
N ALA D 170 -44.47 -7.81 18.04
CA ALA D 170 -45.57 -8.34 17.26
C ALA D 170 -45.15 -9.63 16.56
N LEU D 171 -43.92 -9.65 16.04
CA LEU D 171 -43.39 -10.81 15.31
C LEU D 171 -43.14 -12.04 16.19
N ILE D 172 -42.64 -11.86 17.41
CA ILE D 172 -42.54 -12.99 18.36
C ILE D 172 -43.92 -13.48 18.76
N ARG D 173 -44.87 -12.55 18.95
CA ARG D 173 -46.25 -12.90 19.28
C ARG D 173 -46.86 -13.85 18.23
N GLU D 174 -46.74 -13.49 16.95
CA GLU D 174 -47.21 -14.30 15.82
C GLU D 174 -46.45 -15.64 15.68
N GLY D 175 -45.21 -15.69 16.13
CA GLY D 175 -44.40 -16.93 16.10
C GLY D 175 -44.50 -17.83 17.33
N ALA D 176 -45.03 -17.30 18.43
CA ALA D 176 -45.18 -18.08 19.64
C ALA D 176 -46.50 -17.70 20.31
N PRO D 177 -47.62 -18.23 19.78
CA PRO D 177 -48.93 -17.84 20.30
C PRO D 177 -49.30 -18.68 21.49
N ASN D 178 -48.34 -19.50 21.95
CA ASN D 178 -48.53 -20.47 23.03
C ASN D 178 -47.68 -20.20 24.27
N LEU D 179 -46.68 -19.35 24.13
CA LEU D 179 -45.77 -19.04 25.21
C LEU D 179 -46.02 -17.65 25.75
N LEU D 180 -45.77 -17.46 27.04
CA LEU D 180 -45.93 -16.14 27.61
C LEU D 180 -44.80 -15.28 27.09
N LEU D 181 -45.09 -13.99 26.95
CA LEU D 181 -44.07 -13.05 26.51
C LEU D 181 -43.76 -12.08 27.64
N GLN D 182 -42.47 -11.99 27.96
CA GLN D 182 -41.99 -11.33 29.17
C GLN D 182 -41.16 -10.08 28.92
N MET D 183 -41.59 -8.98 29.53
CA MET D 183 -40.81 -7.75 29.51
C MET D 183 -40.32 -7.42 30.90
N LEU D 184 -39.23 -6.65 30.95
CA LEU D 184 -38.69 -6.06 32.17
C LEU D 184 -39.11 -4.58 32.18
N LEU D 185 -40.02 -4.26 33.09
CA LEU D 185 -40.51 -2.90 33.24
C LEU D 185 -39.76 -2.28 34.41
N ARG D 186 -39.48 -0.98 34.34
CA ARG D 186 -38.88 -0.27 35.47
C ARG D 186 -39.90 0.65 36.16
N GLY D 187 -40.51 0.16 37.24
CA GLY D 187 -41.46 0.93 38.07
C GLY D 187 -41.67 2.40 37.75
N ALA D 188 -40.74 3.25 38.20
CA ALA D 188 -40.81 4.69 37.96
C ALA D 188 -40.42 5.12 36.54
N ASN D 189 -39.45 4.42 35.95
CA ASN D 189 -38.89 4.84 34.66
C ASN D 189 -39.73 4.47 33.44
N GLY D 190 -40.51 3.38 33.56
CA GLY D 190 -41.13 2.75 32.39
C GLY D 190 -40.08 1.92 31.69
N VAL D 191 -39.70 2.34 30.48
CA VAL D 191 -38.46 1.87 29.86
C VAL D 191 -37.54 3.05 29.65
N GLY D 192 -38.03 4.22 30.03
CA GLY D 192 -37.35 5.49 29.76
C GLY D 192 -36.10 5.70 30.57
N ALA D 193 -35.41 6.80 30.28
CA ALA D 193 -34.20 7.17 31.00
C ALA D 193 -34.55 7.93 32.30
N THR D 194 -35.59 8.75 32.23
CA THR D 194 -36.01 9.61 33.35
C THR D 194 -37.30 9.09 34.02
N ASN D 195 -37.69 9.75 35.11
CA ASN D 195 -39.02 9.55 35.68
C ASN D 195 -40.06 10.19 34.76
N TYR D 196 -41.31 9.73 34.82
CA TYR D 196 -42.43 10.26 34.01
C TYR D 196 -43.72 10.36 34.83
N PRO D 197 -44.59 11.35 34.53
CA PRO D 197 -45.80 11.51 35.33
C PRO D 197 -46.68 10.26 35.29
N ASP D 198 -47.35 9.98 36.41
CA ASP D 198 -48.09 8.73 36.62
C ASP D 198 -48.93 8.25 35.42
N ASN D 199 -49.52 9.19 34.69
CA ASN D 199 -50.35 8.87 33.51
C ASN D 199 -49.57 8.33 32.31
N VAL D 200 -48.37 8.85 32.07
CA VAL D 200 -47.50 8.32 31.00
C VAL D 200 -47.09 6.86 31.27
N VAL D 201 -46.80 6.53 32.52
CA VAL D 201 -46.48 5.16 32.91
C VAL D 201 -47.72 4.28 32.78
N LYS D 202 -48.87 4.81 33.19
CA LYS D 202 -50.16 4.12 33.03
C LYS D 202 -50.44 3.84 31.55
N TYR D 203 -50.13 4.84 30.72
CA TYR D 203 -50.35 4.72 29.28
C TYR D 203 -49.48 3.64 28.67
N PHE D 204 -48.18 3.72 28.95
CA PHE D 204 -47.23 2.76 28.40
C PHE D 204 -47.65 1.32 28.66
N VAL D 205 -48.01 1.00 29.90
CA VAL D 205 -48.34 -0.38 30.26
C VAL D 205 -49.61 -0.84 29.54
N ARG D 206 -50.56 0.07 29.34
CA ARG D 206 -51.73 -0.22 28.51
C ARG D 206 -51.28 -0.65 27.11
N GLN D 207 -50.35 0.12 26.53
CA GLN D 207 -49.82 -0.16 25.19
C GLN D 207 -49.02 -1.46 25.10
N ALA D 208 -48.13 -1.66 26.07
CA ALA D 208 -47.32 -2.88 26.18
C ALA D 208 -48.18 -4.12 26.28
N ALA D 209 -49.33 -3.98 26.92
CA ALA D 209 -50.34 -5.04 26.96
C ALA D 209 -50.88 -5.33 25.55
N LYS D 210 -51.43 -4.30 24.90
CA LYS D 210 -52.03 -4.46 23.56
C LYS D 210 -51.01 -4.94 22.53
N GLY D 211 -49.74 -4.59 22.75
CA GLY D 211 -48.66 -5.03 21.87
C GLY D 211 -48.25 -6.49 22.02
N GLY D 212 -48.68 -7.11 23.13
CA GLY D 212 -48.48 -8.56 23.34
C GLY D 212 -47.68 -9.08 24.54
N ILE D 213 -47.32 -8.22 25.49
CA ILE D 213 -46.63 -8.67 26.71
C ILE D 213 -47.60 -9.39 27.65
N ASP D 214 -47.25 -10.61 28.01
CA ASP D 214 -48.07 -11.37 28.92
C ASP D 214 -47.62 -11.13 30.35
N LEU D 215 -46.30 -11.12 30.54
CA LEU D 215 -45.69 -11.12 31.86
C LEU D 215 -44.79 -9.90 32.05
N PHE D 216 -45.07 -9.13 33.10
CA PHE D 216 -44.30 -7.96 33.43
C PHE D 216 -43.48 -8.24 34.68
N ARG D 217 -42.16 -8.27 34.55
CA ARG D 217 -41.30 -8.19 35.72
C ARG D 217 -40.95 -6.73 35.97
N VAL D 218 -41.58 -6.16 37.00
CA VAL D 218 -41.35 -4.76 37.41
C VAL D 218 -40.43 -4.72 38.62
N PHE D 219 -39.43 -3.85 38.56
CA PHE D 219 -38.52 -3.65 39.69
C PHE D 219 -38.41 -2.17 40.06
N ASP D 220 -37.92 -1.91 41.27
CA ASP D 220 -37.51 -0.56 41.66
C ASP D 220 -36.06 -0.64 42.08
N CYS D 221 -35.27 0.36 41.68
CA CYS D 221 -33.82 0.33 41.91
C CYS D 221 -33.38 0.47 43.37
N LEU D 222 -34.28 0.92 44.24
CA LEU D 222 -33.99 1.01 45.67
C LEU D 222 -34.85 0.04 46.47
N ASN D 223 -35.47 -0.90 45.75
CA ASN D 223 -36.51 -1.76 46.29
C ASN D 223 -37.57 -0.94 47.02
N TRP D 224 -38.00 0.16 46.42
CA TRP D 224 -38.98 1.03 47.06
C TRP D 224 -40.38 0.78 46.58
N VAL D 225 -41.10 0.00 47.39
CA VAL D 225 -42.44 -0.46 47.05
C VAL D 225 -43.37 0.70 46.72
N GLU D 226 -43.33 1.79 47.51
CA GLU D 226 -44.20 2.95 47.30
C GLU D 226 -44.06 3.52 45.87
N ASN D 227 -42.87 3.39 45.30
CA ASN D 227 -42.63 3.77 43.90
C ASN D 227 -43.29 2.79 42.94
N MET D 228 -43.14 1.49 43.22
CA MET D 228 -43.71 0.40 42.43
C MET D 228 -45.24 0.40 42.30
N ARG D 229 -45.93 0.81 43.37
CA ARG D 229 -47.38 0.79 43.42
C ARG D 229 -48.04 1.10 42.07
N VAL D 230 -47.75 2.29 41.53
CA VAL D 230 -48.43 2.80 40.33
C VAL D 230 -48.34 1.86 39.13
N SER D 231 -47.13 1.37 38.88
CA SER D 231 -46.89 0.38 37.82
C SER D 231 -47.74 -0.88 38.01
N MET D 232 -47.62 -1.49 39.20
CA MET D 232 -48.33 -2.71 39.55
C MET D 232 -49.85 -2.62 39.31
N ASP D 233 -50.47 -1.56 39.82
CA ASP D 233 -51.91 -1.33 39.63
C ASP D 233 -52.29 -1.29 38.15
N ALA D 234 -51.45 -0.62 37.36
CA ALA D 234 -51.69 -0.49 35.92
C ALA D 234 -51.63 -1.85 35.21
N ILE D 235 -50.71 -2.71 35.67
CA ILE D 235 -50.58 -4.07 35.14
C ILE D 235 -51.83 -4.91 35.45
N ALA D 236 -52.22 -4.94 36.73
CA ALA D 236 -53.44 -5.63 37.12
C ALA D 236 -54.66 -5.01 36.43
N GLU D 237 -54.68 -3.67 36.31
CA GLU D 237 -55.76 -2.95 35.63
C GLU D 237 -55.87 -3.39 34.16
N GLU D 238 -54.81 -4.00 33.64
CA GLU D 238 -54.80 -4.53 32.28
C GLU D 238 -54.96 -6.05 32.27
N ASN D 239 -55.35 -6.62 33.41
CA ASN D 239 -55.55 -8.07 33.54
C ASN D 239 -54.40 -8.90 32.93
N LYS D 240 -53.17 -8.46 33.15
CA LYS D 240 -51.93 -9.18 32.76
C LYS D 240 -51.06 -9.38 34.00
N LEU D 241 -50.11 -10.33 33.92
CA LEU D 241 -49.32 -10.77 35.09
C LEU D 241 -48.36 -9.70 35.65
N CYS D 242 -48.51 -9.42 36.94
CA CYS D 242 -47.63 -8.53 37.68
C CYS D 242 -46.59 -9.33 38.50
N GLU D 243 -45.38 -9.50 37.96
CA GLU D 243 -44.28 -10.10 38.71
C GLU D 243 -43.43 -9.04 39.42
N ALA D 244 -43.80 -8.77 40.67
CA ALA D 244 -43.06 -7.80 41.48
C ALA D 244 -41.70 -8.37 41.89
N ALA D 245 -40.64 -7.69 41.47
CA ALA D 245 -39.29 -8.16 41.73
C ALA D 245 -38.64 -7.55 42.99
N ILE D 246 -38.04 -8.41 43.80
CA ILE D 246 -37.17 -7.96 44.87
C ILE D 246 -35.72 -8.12 44.43
N CYS D 247 -35.00 -7.01 44.30
CA CYS D 247 -33.58 -7.02 43.95
C CYS D 247 -32.76 -7.49 45.12
N TYR D 248 -31.91 -8.48 44.88
CA TYR D 248 -31.06 -9.06 45.92
C TYR D 248 -29.78 -8.25 46.01
N THR D 249 -29.37 -7.92 47.22
CA THR D 249 -28.04 -7.36 47.46
C THR D 249 -27.47 -7.83 48.81
N GLY D 250 -26.23 -7.46 49.10
CA GLY D 250 -25.51 -7.92 50.28
C GLY D 250 -25.23 -9.43 50.29
N ASP D 251 -25.52 -10.05 51.42
CA ASP D 251 -25.27 -11.46 51.69
C ASP D 251 -26.00 -11.70 53.02
N ILE D 252 -27.10 -12.46 52.94
CA ILE D 252 -27.97 -12.74 54.10
C ILE D 252 -27.26 -13.50 55.22
N LEU D 253 -26.36 -14.41 54.88
CA LEU D 253 -25.71 -15.27 55.86
C LEU D 253 -24.46 -14.63 56.47
N ASN D 254 -24.16 -13.39 56.07
CA ASN D 254 -23.08 -12.63 56.69
C ASN D 254 -23.61 -11.69 57.77
N SER D 255 -23.19 -11.94 59.01
CA SER D 255 -23.72 -11.20 60.16
C SER D 255 -23.27 -9.74 60.10
N ALA D 256 -22.04 -9.53 59.67
CA ALA D 256 -21.43 -8.19 59.63
C ALA D 256 -22.08 -7.22 58.63
N ARG D 257 -23.00 -7.73 57.81
CA ARG D 257 -23.74 -6.86 56.89
C ARG D 257 -25.26 -6.98 57.09
N PRO D 258 -25.78 -6.38 58.18
CA PRO D 258 -27.14 -6.65 58.65
C PRO D 258 -28.28 -6.02 57.83
N LYS D 259 -27.98 -4.93 57.13
CA LYS D 259 -28.99 -4.15 56.39
C LYS D 259 -29.80 -5.01 55.42
N TYR D 260 -29.22 -6.12 54.98
CA TYR D 260 -29.90 -7.05 54.07
C TYR D 260 -29.92 -8.47 54.62
N ASP D 261 -30.56 -8.63 55.78
CA ASP D 261 -30.79 -9.94 56.39
C ASP D 261 -31.95 -10.68 55.71
N LEU D 262 -32.27 -11.89 56.19
CA LEU D 262 -33.39 -12.65 55.66
C LEU D 262 -34.75 -11.95 55.86
N LYS D 263 -34.97 -11.37 57.05
CA LYS D 263 -36.28 -10.75 57.38
C LYS D 263 -36.62 -9.55 56.48
N TYR D 264 -35.59 -8.88 55.98
CA TYR D 264 -35.72 -7.78 55.04
C TYR D 264 -36.46 -8.19 53.78
N TYR D 265 -36.08 -9.34 53.23
CA TYR D 265 -36.66 -9.88 51.99
C TYR D 265 -38.09 -10.45 52.18
N THR D 266 -38.33 -11.21 53.24
CA THR D 266 -39.66 -11.80 53.48
C THR D 266 -40.72 -10.74 53.83
N ASN D 267 -40.26 -9.62 54.40
CA ASN D 267 -41.14 -8.48 54.66
C ASN D 267 -41.52 -7.79 53.35
N LEU D 268 -40.52 -7.52 52.50
CA LEU D 268 -40.77 -7.06 51.13
C LEU D 268 -41.58 -8.06 50.31
N ALA D 269 -41.46 -9.34 50.63
CA ALA D 269 -42.28 -10.37 50.01
C ALA D 269 -43.75 -10.24 50.45
N VAL D 270 -43.99 -10.15 51.76
CA VAL D 270 -45.35 -9.95 52.27
C VAL D 270 -45.92 -8.62 51.74
N GLU D 271 -45.11 -7.56 51.78
CA GLU D 271 -45.57 -6.23 51.35
C GLU D 271 -46.05 -6.21 49.88
N LEU D 272 -45.22 -6.74 48.97
CA LEU D 272 -45.54 -6.83 47.55
C LEU D 272 -46.78 -7.68 47.24
N GLU D 273 -46.97 -8.77 47.99
CA GLU D 273 -48.23 -9.52 47.95
C GLU D 273 -49.43 -8.67 48.42
N LYS D 274 -49.20 -7.84 49.44
CA LYS D 274 -50.22 -6.89 49.90
C LYS D 274 -50.43 -5.78 48.85
N ALA D 275 -49.40 -5.56 48.03
CA ALA D 275 -49.43 -4.53 46.99
C ALA D 275 -50.10 -5.01 45.70
N GLY D 276 -50.33 -6.32 45.61
CA GLY D 276 -51.10 -6.89 44.51
C GLY D 276 -50.31 -7.72 43.52
N ALA D 277 -49.21 -8.31 43.95
CA ALA D 277 -48.41 -9.12 43.03
C ALA D 277 -49.06 -10.49 42.77
N HIS D 278 -48.94 -10.96 41.53
CA HIS D 278 -49.31 -12.32 41.18
C HIS D 278 -48.13 -13.22 41.40
N ILE D 279 -46.92 -12.70 41.13
CA ILE D 279 -45.68 -13.48 41.25
C ILE D 279 -44.56 -12.62 41.88
N ILE D 280 -43.77 -13.25 42.76
CA ILE D 280 -42.60 -12.60 43.39
C ILE D 280 -41.29 -13.13 42.80
N ALA D 281 -40.52 -12.24 42.16
CA ALA D 281 -39.23 -12.60 41.59
C ALA D 281 -38.09 -12.21 42.49
N VAL D 282 -36.98 -12.94 42.39
CA VAL D 282 -35.72 -12.49 42.97
C VAL D 282 -34.86 -12.02 41.81
N KCX D 283 -34.55 -10.73 41.79
CA KCX D 283 -33.71 -10.18 40.75
CB KCX D 283 -34.25 -8.84 40.27
CG KCX D 283 -33.79 -8.58 38.86
CD KCX D 283 -34.02 -7.14 38.41
CE KCX D 283 -34.35 -7.16 36.92
NZ KCX D 283 -33.27 -6.85 35.98
C KCX D 283 -32.34 -10.08 41.34
O KCX D 283 -32.01 -9.16 42.09
CX KCX D 283 -32.05 -7.39 35.93
OQ1 KCX D 283 -31.24 -7.06 35.10
OQ2 KCX D 283 -31.68 -8.33 36.80
N ASP D 284 -31.51 -11.07 41.02
CA ASP D 284 -30.13 -11.03 41.41
C ASP D 284 -29.32 -10.46 40.25
N MET D 285 -29.39 -9.13 40.11
CA MET D 285 -28.81 -8.43 38.94
C MET D 285 -27.28 -8.50 38.84
N ALA D 286 -26.62 -8.50 40.00
CA ALA D 286 -25.17 -8.51 40.11
C ALA D 286 -24.50 -9.89 40.04
N GLY D 287 -25.23 -10.95 40.42
CA GLY D 287 -24.68 -12.32 40.47
C GLY D 287 -24.21 -12.77 41.85
N LEU D 288 -24.87 -12.25 42.89
CA LEU D 288 -24.37 -12.27 44.28
C LEU D 288 -24.87 -13.39 45.19
N LEU D 289 -26.03 -13.95 44.86
CA LEU D 289 -26.67 -14.91 45.76
C LEU D 289 -25.94 -16.24 45.67
N LYS D 290 -25.47 -16.71 46.82
CA LYS D 290 -24.63 -17.90 46.94
C LYS D 290 -25.46 -19.10 47.37
N PRO D 291 -25.14 -20.30 46.83
CA PRO D 291 -25.93 -21.51 47.07
C PRO D 291 -26.45 -21.69 48.50
N ALA D 292 -25.59 -21.55 49.51
CA ALA D 292 -26.06 -21.64 50.90
C ALA D 292 -27.18 -20.63 51.18
N ALA D 293 -27.02 -19.39 50.71
CA ALA D 293 -28.02 -18.34 50.90
C ALA D 293 -29.32 -18.63 50.19
N ALA D 294 -29.24 -19.31 49.04
CA ALA D 294 -30.43 -19.74 48.25
C ALA D 294 -31.31 -20.74 49.01
N LYS D 295 -30.71 -21.84 49.49
CA LYS D 295 -31.44 -22.88 50.18
C LYS D 295 -32.27 -22.24 51.30
N VAL D 296 -31.66 -21.30 52.02
CA VAL D 296 -32.35 -20.57 53.09
C VAL D 296 -33.36 -19.56 52.55
N LEU D 297 -32.98 -18.82 51.51
CA LEU D 297 -33.85 -17.77 50.98
C LEU D 297 -35.17 -18.28 50.36
N PHE D 298 -35.13 -19.42 49.69
CA PHE D 298 -36.32 -19.96 49.03
C PHE D 298 -37.21 -20.86 49.90
N LYS D 299 -36.65 -21.46 50.95
CA LYS D 299 -37.49 -22.11 51.96
C LYS D 299 -38.29 -21.03 52.69
N ALA D 300 -37.57 -20.01 53.18
CA ALA D 300 -38.15 -18.88 53.92
C ALA D 300 -39.20 -18.10 53.13
N LEU D 301 -38.90 -17.76 51.87
CA LEU D 301 -39.84 -16.98 51.03
C LEU D 301 -41.20 -17.65 50.85
N ARG D 302 -41.22 -18.85 50.27
CA ARG D 302 -42.47 -19.58 50.02
C ARG D 302 -43.27 -19.77 51.32
N GLU D 303 -42.58 -19.81 52.46
CA GLU D 303 -43.21 -19.85 53.79
C GLU D 303 -43.92 -18.54 54.18
N ALA D 304 -43.39 -17.41 53.73
CA ALA D 304 -43.95 -16.09 54.05
C ALA D 304 -45.11 -15.65 53.13
N THR D 305 -45.26 -16.32 51.99
CA THR D 305 -46.22 -15.90 50.96
C THR D 305 -46.77 -17.07 50.13
N GLY D 306 -48.05 -17.00 49.79
CA GLY D 306 -48.67 -18.03 48.94
C GLY D 306 -48.31 -17.89 47.46
N LEU D 307 -47.65 -16.80 47.11
CA LEU D 307 -47.32 -16.51 45.72
C LEU D 307 -46.14 -17.34 45.27
N PRO D 308 -46.11 -17.74 43.98
CA PRO D 308 -44.99 -18.47 43.43
C PRO D 308 -43.75 -17.57 43.35
N ILE D 309 -42.57 -18.19 43.26
CA ILE D 309 -41.29 -17.46 43.24
C ILE D 309 -40.57 -17.71 41.91
N HIS D 310 -39.98 -16.64 41.37
CA HIS D 310 -39.28 -16.65 40.10
C HIS D 310 -37.89 -16.10 40.27
N PHE D 311 -36.87 -16.90 39.97
CA PHE D 311 -35.50 -16.51 40.31
C PHE D 311 -34.68 -16.06 39.10
N HIS D 312 -34.12 -14.87 39.18
CA HIS D 312 -33.32 -14.34 38.08
C HIS D 312 -31.96 -13.95 38.58
N THR D 313 -30.93 -14.38 37.86
CA THR D 313 -29.54 -14.16 38.24
C THR D 313 -28.55 -14.09 37.07
N HIS D 314 -27.33 -13.63 37.39
CA HIS D 314 -26.21 -13.52 36.47
C HIS D 314 -25.03 -14.33 36.90
N ASP D 315 -24.26 -14.81 35.94
CA ASP D 315 -23.30 -15.85 36.17
C ASP D 315 -21.87 -15.31 36.23
N THR D 316 -21.74 -14.04 36.65
CA THR D 316 -20.46 -13.33 36.73
C THR D 316 -19.48 -14.10 37.62
N SER D 317 -20.02 -14.61 38.73
CA SER D 317 -19.31 -15.40 39.71
C SER D 317 -18.72 -16.66 39.09
N GLY D 318 -19.42 -17.19 38.08
CA GLY D 318 -19.07 -18.48 37.50
C GLY D 318 -19.66 -19.63 38.30
N ILE D 319 -20.37 -19.31 39.38
CA ILE D 319 -21.05 -20.34 40.15
C ILE D 319 -22.59 -20.31 40.11
N ALA D 320 -23.16 -19.31 39.44
CA ALA D 320 -24.64 -19.08 39.42
C ALA D 320 -25.58 -20.28 39.19
N ALA D 321 -25.22 -21.15 38.25
CA ALA D 321 -25.92 -22.43 38.04
C ALA D 321 -26.15 -23.15 39.36
N ALA D 322 -25.13 -23.18 40.23
CA ALA D 322 -25.24 -23.79 41.55
C ALA D 322 -26.32 -23.12 42.39
N THR D 323 -26.41 -21.80 42.35
CA THR D 323 -27.45 -21.11 43.10
C THR D 323 -28.82 -21.40 42.47
N VAL D 324 -28.87 -21.44 41.14
CA VAL D 324 -30.09 -21.88 40.44
C VAL D 324 -30.55 -23.23 40.98
N LEU D 325 -29.67 -24.23 40.93
CA LEU D 325 -30.01 -25.57 41.38
C LEU D 325 -30.36 -25.62 42.88
N ALA D 326 -29.70 -24.77 43.68
CA ALA D 326 -30.02 -24.66 45.09
C ALA D 326 -31.44 -24.13 45.23
N ALA D 327 -31.78 -23.15 44.40
CA ALA D 327 -33.13 -22.58 44.38
C ALA D 327 -34.21 -23.61 44.01
N VAL D 328 -33.96 -24.40 42.96
CA VAL D 328 -34.87 -25.46 42.48
C VAL D 328 -35.16 -26.42 43.61
N GLU D 329 -34.09 -27.04 44.16
CA GLU D 329 -34.21 -28.01 45.24
C GLU D 329 -34.93 -27.41 46.45
N ALA D 330 -34.80 -26.09 46.65
CA ALA D 330 -35.46 -25.42 47.77
C ALA D 330 -36.92 -25.07 47.51
N GLY D 331 -37.41 -25.45 46.32
CA GLY D 331 -38.85 -25.39 45.98
C GLY D 331 -39.30 -24.29 45.03
N VAL D 332 -38.36 -23.47 44.58
CA VAL D 332 -38.68 -22.31 43.76
C VAL D 332 -39.52 -22.71 42.53
N ASP D 333 -40.52 -21.90 42.21
CA ASP D 333 -41.46 -22.27 41.14
C ASP D 333 -40.93 -22.04 39.74
N ALA D 334 -40.17 -20.97 39.54
CA ALA D 334 -39.67 -20.60 38.21
C ALA D 334 -38.27 -19.95 38.23
N VAL D 335 -37.52 -20.14 37.14
CA VAL D 335 -36.16 -19.59 37.01
C VAL D 335 -35.85 -19.16 35.57
N ASP D 336 -34.93 -18.19 35.46
CA ASP D 336 -34.37 -17.71 34.19
C ASP D 336 -33.01 -18.36 33.83
N ALA D 337 -32.89 -18.81 32.59
CA ALA D 337 -31.61 -19.25 32.02
C ALA D 337 -31.47 -18.70 30.58
N ALA D 338 -30.24 -18.65 30.05
CA ALA D 338 -30.04 -18.34 28.62
C ALA D 338 -29.47 -19.52 27.81
N MET D 339 -29.86 -19.63 26.54
CA MET D 339 -29.29 -20.64 25.66
C MET D 339 -27.77 -20.67 25.80
N ASP D 340 -27.19 -21.86 25.69
CA ASP D 340 -25.77 -22.07 25.97
C ASP D 340 -24.89 -21.06 25.25
N ALA D 341 -25.16 -20.87 23.96
CA ALA D 341 -24.43 -19.92 23.11
C ALA D 341 -24.50 -18.43 23.50
N LEU D 342 -25.41 -18.07 24.39
CA LEU D 342 -25.40 -16.72 24.98
C LEU D 342 -25.48 -16.74 26.50
N SER D 343 -24.91 -17.79 27.08
CA SER D 343 -24.99 -18.05 28.51
C SER D 343 -23.66 -17.83 29.19
N GLY D 344 -23.69 -17.71 30.51
CA GLY D 344 -22.46 -17.63 31.26
C GLY D 344 -21.92 -16.23 31.34
N ASN D 345 -20.89 -16.06 32.17
CA ASN D 345 -20.30 -14.78 32.49
C ASN D 345 -21.35 -13.76 32.96
N THR D 346 -21.37 -12.57 32.39
CA THR D 346 -22.37 -11.56 32.75
C THR D 346 -23.78 -11.91 32.27
N SER D 347 -23.94 -13.07 31.63
CA SER D 347 -25.26 -13.54 31.20
C SER D 347 -25.85 -14.42 32.28
N GLN D 348 -27.04 -14.95 32.00
CA GLN D 348 -27.65 -16.00 32.83
C GLN D 348 -26.82 -17.28 32.69
N PRO D 349 -26.95 -18.18 33.67
CA PRO D 349 -26.28 -19.47 33.60
C PRO D 349 -26.88 -20.39 32.53
N CYS D 350 -26.10 -21.37 32.09
CA CYS D 350 -26.41 -22.18 30.94
C CYS D 350 -27.67 -22.99 31.11
N LEU D 351 -28.69 -22.61 30.31
CA LEU D 351 -30.00 -23.32 30.25
C LEU D 351 -29.83 -24.82 30.03
N GLY D 352 -29.27 -25.18 28.87
CA GLY D 352 -28.99 -26.56 28.51
C GLY D 352 -28.40 -27.36 29.65
N SER D 353 -27.38 -26.82 30.33
CA SER D 353 -26.78 -27.58 31.44
C SER D 353 -27.61 -27.62 32.73
N ILE D 354 -28.33 -26.54 33.08
CA ILE D 354 -29.25 -26.59 34.24
C ILE D 354 -30.31 -27.68 34.01
N VAL D 355 -31.02 -27.60 32.90
CA VAL D 355 -32.00 -28.63 32.51
C VAL D 355 -31.39 -30.04 32.58
N GLU D 356 -30.25 -30.21 31.93
CA GLU D 356 -29.62 -31.52 31.84
C GLU D 356 -29.35 -32.09 33.22
N ALA D 357 -29.14 -31.21 34.20
CA ALA D 357 -28.87 -31.66 35.57
C ALA D 357 -30.14 -32.08 36.26
N LEU D 358 -31.26 -31.46 35.88
CA LEU D 358 -32.54 -31.74 36.55
C LEU D 358 -33.27 -32.93 35.97
N SER D 359 -32.89 -33.30 34.75
CA SER D 359 -33.40 -34.46 34.02
C SER D 359 -33.44 -35.70 34.90
N GLY D 360 -34.62 -36.34 34.98
CA GLY D 360 -34.81 -37.47 35.88
C GLY D 360 -35.15 -37.10 37.32
N SER D 361 -34.90 -35.83 37.68
CA SER D 361 -35.21 -35.33 39.01
C SER D 361 -36.71 -35.33 39.19
N GLU D 362 -37.13 -35.39 40.45
CA GLU D 362 -38.53 -35.19 40.84
C GLU D 362 -39.07 -33.90 40.23
N ARG D 363 -38.18 -32.99 39.88
CA ARG D 363 -38.58 -31.67 39.45
C ARG D 363 -38.24 -31.35 37.97
N ASP D 364 -37.82 -32.38 37.23
CA ASP D 364 -37.59 -32.32 35.78
C ASP D 364 -38.47 -31.30 35.05
N PRO D 365 -37.87 -30.32 34.36
CA PRO D 365 -38.62 -29.24 33.68
C PRO D 365 -39.44 -29.69 32.47
N GLY D 366 -39.10 -30.87 31.96
CA GLY D 366 -39.76 -31.49 30.80
C GLY D 366 -39.38 -30.87 29.46
N LEU D 367 -38.09 -30.67 29.23
CA LEU D 367 -37.63 -29.93 28.06
C LEU D 367 -36.52 -30.64 27.31
N ASP D 368 -36.83 -31.01 26.06
CA ASP D 368 -35.97 -31.86 25.22
C ASP D 368 -34.53 -31.33 25.06
N PRO D 369 -33.55 -32.12 25.53
CA PRO D 369 -32.16 -31.65 25.48
C PRO D 369 -31.67 -31.49 24.05
N ALA D 370 -32.20 -32.29 23.13
CA ALA D 370 -31.78 -32.26 21.73
C ALA D 370 -32.24 -30.97 21.06
N TRP D 371 -33.33 -30.41 21.57
CA TRP D 371 -33.94 -29.24 20.97
C TRP D 371 -33.44 -27.94 21.48
N ILE D 372 -33.18 -27.88 22.78
CA ILE D 372 -32.40 -26.77 23.38
C ILE D 372 -31.05 -26.68 22.65
N ARG D 373 -30.38 -27.83 22.56
CA ARG D 373 -29.11 -27.92 21.83
C ARG D 373 -29.17 -27.40 20.41
N ARG D 374 -30.17 -27.87 19.64
CA ARG D 374 -30.38 -27.41 18.26
C ARG D 374 -30.65 -25.90 18.18
N ILE D 375 -31.39 -25.38 19.16
CA ILE D 375 -31.61 -23.94 19.25
C ILE D 375 -30.29 -23.25 19.63
N SER D 376 -29.59 -23.78 20.63
CA SER D 376 -28.26 -23.27 20.93
C SER D 376 -27.46 -23.11 19.65
N PHE D 377 -27.40 -24.17 18.83
CA PHE D 377 -26.57 -24.10 17.63
C PHE D 377 -26.96 -22.91 16.77
N TYR D 378 -28.27 -22.65 16.66
CA TYR D 378 -28.74 -21.47 15.92
C TYR D 378 -28.14 -20.18 16.51
N TRP D 379 -28.36 -19.92 17.80
CA TRP D 379 -27.78 -18.73 18.43
C TRP D 379 -26.27 -18.61 18.26
N GLU D 380 -25.59 -19.74 18.24
CA GLU D 380 -24.16 -19.77 17.95
C GLU D 380 -23.79 -19.31 16.53
N ALA D 381 -24.59 -19.63 15.52
CA ALA D 381 -24.35 -19.04 14.22
C ALA D 381 -24.84 -17.58 14.16
N VAL D 382 -25.83 -17.25 15.00
CA VAL D 382 -26.38 -15.90 15.05
C VAL D 382 -25.38 -15.01 15.76
N ARG D 383 -24.78 -15.55 16.82
CA ARG D 383 -23.83 -14.78 17.61
C ARG D 383 -22.65 -14.29 16.79
N ASN D 384 -22.11 -15.16 15.93
CA ASN D 384 -20.87 -14.90 15.19
C ASN D 384 -20.91 -13.70 14.25
N GLN D 385 -22.13 -13.29 13.92
CA GLN D 385 -22.41 -12.12 13.10
C GLN D 385 -22.20 -10.85 13.91
N TYR D 386 -22.22 -10.96 15.24
CA TYR D 386 -22.12 -9.77 16.08
C TYR D 386 -20.73 -9.60 16.68
N ALA D 387 -19.73 -10.11 15.97
CA ALA D 387 -18.29 -9.94 16.31
C ALA D 387 -17.90 -8.56 16.85
N ALA D 388 -18.55 -7.53 16.34
CA ALA D 388 -18.22 -6.14 16.62
C ALA D 388 -18.60 -5.72 18.04
N PHE D 389 -19.42 -6.53 18.68
CA PHE D 389 -19.94 -6.14 19.97
C PHE D 389 -19.50 -7.06 21.13
N GLU D 390 -18.70 -8.08 20.83
CA GLU D 390 -18.14 -8.97 21.86
C GLU D 390 -17.19 -8.17 22.75
N SER D 391 -17.28 -8.36 24.06
CA SER D 391 -16.37 -7.71 24.99
C SER D 391 -15.10 -8.53 25.13
N ASP D 392 -14.16 -8.05 25.92
CA ASP D 392 -12.92 -8.78 26.11
C ASP D 392 -12.93 -9.57 27.41
N LEU D 393 -14.13 -9.76 27.96
CA LEU D 393 -14.30 -10.46 29.24
C LEU D 393 -13.93 -11.94 29.12
N LYS D 394 -12.89 -12.33 29.85
CA LYS D 394 -12.30 -13.64 29.70
C LYS D 394 -13.07 -14.78 30.43
N GLY D 395 -13.52 -14.58 31.66
CA GLY D 395 -14.27 -15.61 32.38
C GLY D 395 -14.85 -15.18 33.73
N PRO D 396 -14.95 -16.12 34.68
CA PRO D 396 -15.65 -15.84 35.94
C PRO D 396 -14.83 -14.92 36.84
N ALA D 397 -15.51 -14.15 37.70
CA ALA D 397 -14.82 -13.24 38.61
C ALA D 397 -15.46 -13.14 39.99
N SER D 398 -14.80 -13.71 41.00
CA SER D 398 -15.25 -13.52 42.39
C SER D 398 -15.18 -12.05 42.77
N GLU D 399 -14.45 -11.25 42.00
CA GLU D 399 -14.37 -9.81 42.28
C GLU D 399 -15.76 -9.18 42.45
N VAL D 400 -16.79 -9.80 41.86
CA VAL D 400 -18.12 -9.25 41.93
C VAL D 400 -18.67 -9.16 43.36
N TYR D 401 -18.17 -10.02 44.26
CA TYR D 401 -18.61 -10.04 45.66
C TYR D 401 -18.10 -8.81 46.37
N LEU D 402 -17.03 -8.23 45.83
CA LEU D 402 -16.50 -6.99 46.31
C LEU D 402 -17.29 -5.81 45.72
N HIS D 403 -17.23 -5.60 44.41
CA HIS D 403 -17.78 -4.36 43.86
C HIS D 403 -19.27 -4.36 43.71
N GLU D 404 -19.85 -5.53 43.45
CA GLU D 404 -21.30 -5.70 43.30
C GLU D 404 -21.90 -4.96 42.10
N MET D 405 -21.14 -4.90 41.01
CA MET D 405 -21.62 -4.25 39.81
C MET D 405 -22.60 -5.17 39.17
N PRO D 406 -23.74 -4.63 38.72
CA PRO D 406 -24.68 -5.45 37.94
C PRO D 406 -24.06 -5.98 36.65
N GLY D 407 -24.34 -7.24 36.32
CA GLY D 407 -23.80 -7.93 35.13
C GLY D 407 -24.07 -7.20 33.83
N GLY D 408 -25.24 -6.58 33.75
CA GLY D 408 -25.62 -5.73 32.62
C GLY D 408 -24.86 -4.41 32.55
N GLN D 409 -24.15 -4.06 33.62
CA GLN D 409 -23.46 -2.78 33.71
C GLN D 409 -21.95 -2.90 33.75
N PHE D 410 -21.44 -4.13 33.87
CA PHE D 410 -20.00 -4.31 34.02
C PHE D 410 -19.25 -3.75 32.81
N THR D 411 -19.54 -4.32 31.64
CA THR D 411 -18.83 -4.02 30.41
C THR D 411 -18.91 -2.53 30.02
N ASN D 412 -20.10 -1.93 30.17
CA ASN D 412 -20.27 -0.48 29.93
C ASN D 412 -19.35 0.44 30.77
N LEU D 413 -18.96 -0.03 31.94
CA LEU D 413 -18.21 0.81 32.86
C LEU D 413 -16.71 0.62 32.64
N LYS D 414 -16.34 -0.55 32.11
CA LYS D 414 -14.93 -0.79 31.79
C LYS D 414 -14.56 -0.13 30.47
N GLU D 415 -15.52 -0.08 29.55
CA GLU D 415 -15.40 0.69 28.31
C GLU D 415 -15.35 2.20 28.61
N GLN D 416 -16.15 2.65 29.58
CA GLN D 416 -16.17 4.06 30.02
C GLN D 416 -14.97 4.44 30.85
N ALA D 417 -14.42 3.47 31.59
CA ALA D 417 -13.18 3.69 32.32
C ALA D 417 -12.03 3.90 31.32
N ARG D 418 -11.98 3.02 30.31
CA ARG D 418 -10.99 3.10 29.22
C ARG D 418 -11.04 4.44 28.47
N SER D 419 -12.27 4.84 28.10
CA SER D 419 -12.61 6.16 27.51
C SER D 419 -11.96 7.34 28.19
N LEU D 420 -11.94 7.32 29.52
CA LEU D 420 -11.38 8.41 30.31
C LEU D 420 -9.91 8.15 30.67
N GLY D 421 -9.32 7.16 30.00
CA GLY D 421 -7.90 6.80 30.16
C GLY D 421 -7.54 6.01 31.40
N LEU D 422 -8.54 5.45 32.07
CA LEU D 422 -8.33 4.76 33.32
C LEU D 422 -8.13 3.24 33.14
N GLU D 423 -8.11 2.77 31.89
CA GLU D 423 -8.15 1.33 31.54
C GLU D 423 -7.27 0.43 32.39
N THR D 424 -6.13 0.99 32.83
CA THR D 424 -5.09 0.28 33.57
C THR D 424 -5.30 0.37 35.10
N ARG D 425 -6.17 1.28 35.51
CA ARG D 425 -6.56 1.40 36.91
C ARG D 425 -7.88 0.67 37.21
N TRP D 426 -8.26 -0.30 36.37
CA TRP D 426 -9.58 -0.95 36.48
C TRP D 426 -9.97 -1.56 37.80
N HIS D 427 -8.97 -1.99 38.58
CA HIS D 427 -9.27 -2.64 39.84
C HIS D 427 -9.37 -1.64 40.96
N GLN D 428 -8.76 -0.48 40.77
CA GLN D 428 -8.94 0.62 41.72
C GLN D 428 -10.31 1.28 41.45
N VAL D 429 -10.75 1.27 40.20
CA VAL D 429 -12.13 1.64 39.89
C VAL D 429 -13.08 0.75 40.68
N ALA D 430 -12.94 -0.57 40.49
CA ALA D 430 -13.74 -1.57 41.21
C ALA D 430 -13.66 -1.42 42.73
N GLN D 431 -12.51 -1.00 43.24
CA GLN D 431 -12.42 -0.74 44.67
C GLN D 431 -13.24 0.52 45.01
N ALA D 432 -13.16 1.54 44.15
CA ALA D 432 -13.87 2.80 44.38
C ALA D 432 -15.39 2.59 44.45
N TYR D 433 -15.91 1.77 43.53
CA TYR D 433 -17.33 1.44 43.44
C TYR D 433 -17.85 0.79 44.72
N ALA D 434 -17.09 -0.18 45.23
CA ALA D 434 -17.41 -0.86 46.49
C ALA D 434 -17.31 0.08 47.68
N ASP D 435 -16.31 0.98 47.63
CA ASP D 435 -16.10 2.01 48.64
C ASP D 435 -17.23 3.02 48.68
N ALA D 436 -17.63 3.50 47.50
CA ALA D 436 -18.71 4.48 47.36
C ALA D 436 -20.04 3.94 47.90
N ASN D 437 -20.37 2.71 47.53
CA ASN D 437 -21.62 2.08 47.99
C ASN D 437 -21.86 2.22 49.49
N GLN D 438 -20.83 1.93 50.30
CA GLN D 438 -20.93 2.05 51.76
C GLN D 438 -21.09 3.51 52.20
N MET D 439 -20.45 4.42 51.45
CA MET D 439 -20.54 5.86 51.69
C MET D 439 -21.96 6.37 51.39
N PHE D 440 -22.60 5.75 50.41
CA PHE D 440 -24.01 6.00 50.12
C PHE D 440 -24.94 5.30 51.12
N GLY D 441 -24.34 4.71 52.16
CA GLY D 441 -25.09 4.01 53.22
C GLY D 441 -25.46 2.57 52.88
N ASP D 442 -24.63 1.93 52.04
CA ASP D 442 -24.83 0.54 51.58
C ASP D 442 -26.20 0.37 50.90
N ILE D 443 -26.24 0.74 49.62
CA ILE D 443 -27.47 0.75 48.83
C ILE D 443 -27.60 -0.46 47.90
N VAL D 444 -28.81 -0.57 47.32
CA VAL D 444 -29.13 -1.51 46.27
C VAL D 444 -28.68 -0.85 44.97
N LYS D 445 -27.87 -1.57 44.19
CA LYS D 445 -27.28 -1.03 42.96
C LYS D 445 -27.79 -1.72 41.69
N VAL D 446 -28.50 -0.94 40.89
CA VAL D 446 -29.18 -1.38 39.67
C VAL D 446 -29.79 -0.12 39.03
N THR D 447 -29.88 -0.09 37.70
CA THR D 447 -30.36 1.10 36.97
C THR D 447 -31.65 1.73 37.53
N PRO D 448 -31.60 3.06 37.77
CA PRO D 448 -30.45 3.91 37.46
C PRO D 448 -29.57 4.21 38.67
N SER D 449 -29.68 3.43 39.72
CA SER D 449 -28.89 3.68 40.94
C SER D 449 -27.43 3.33 40.70
N SER D 450 -27.23 2.29 39.90
CA SER D 450 -25.91 1.84 39.46
C SER D 450 -25.06 2.91 38.77
N LYS D 451 -25.61 3.55 37.73
CA LYS D 451 -24.93 4.64 37.02
C LYS D 451 -24.39 5.73 37.98
N VAL D 452 -25.14 6.03 39.03
CA VAL D 452 -24.72 7.00 40.05
C VAL D 452 -23.44 6.55 40.74
N VAL D 453 -23.43 5.32 41.28
CA VAL D 453 -22.25 4.81 41.98
C VAL D 453 -21.07 4.75 41.01
N GLY D 454 -21.35 4.29 39.78
CA GLY D 454 -20.40 4.34 38.67
C GLY D 454 -19.84 5.74 38.48
N ASP D 455 -20.65 6.65 37.95
CA ASP D 455 -20.25 8.06 37.77
C ASP D 455 -19.38 8.57 38.92
N MET D 456 -19.81 8.29 40.14
CA MET D 456 -19.08 8.67 41.33
C MET D 456 -17.71 7.99 41.37
N ALA D 457 -17.71 6.67 41.20
CA ALA D 457 -16.50 5.85 41.23
C ALA D 457 -15.41 6.38 40.30
N LEU D 458 -15.77 6.63 39.04
CA LEU D 458 -14.83 7.13 38.05
C LEU D 458 -14.14 8.40 38.54
N MET D 459 -14.93 9.44 38.81
CA MET D 459 -14.43 10.70 39.37
C MET D 459 -13.48 10.49 40.55
N MET D 460 -13.84 9.59 41.45
CA MET D 460 -13.01 9.30 42.62
C MET D 460 -11.60 8.89 42.19
N VAL D 461 -11.52 7.99 41.20
CA VAL D 461 -10.26 7.52 40.63
C VAL D 461 -9.55 8.63 39.82
N SER D 462 -10.27 9.21 38.84
CA SER D 462 -9.77 10.33 38.02
C SER D 462 -9.22 11.45 38.87
N GLN D 463 -10.11 12.12 39.60
CA GLN D 463 -9.74 13.23 40.47
C GLN D 463 -8.76 12.78 41.58
N ASP D 464 -8.59 11.46 41.69
CA ASP D 464 -7.69 10.84 42.67
C ASP D 464 -8.12 11.26 44.08
N LEU D 465 -9.40 11.05 44.35
CA LEU D 465 -10.04 11.47 45.60
C LEU D 465 -10.55 10.26 46.38
N THR D 466 -10.47 10.34 47.71
CA THR D 466 -10.94 9.28 48.62
C THR D 466 -12.29 9.62 49.27
N VAL D 467 -12.90 8.64 49.94
CA VAL D 467 -14.15 8.85 50.70
C VAL D 467 -13.99 9.94 51.77
N ALA D 468 -12.80 10.02 52.36
CA ALA D 468 -12.44 11.11 53.29
C ALA D 468 -12.35 12.45 52.57
N ASP D 469 -11.95 12.44 51.30
CA ASP D 469 -11.86 13.67 50.51
C ASP D 469 -13.25 14.22 50.20
N SER D 478 -16.91 18.98 43.78
CA SER D 478 -17.26 19.22 42.40
C SER D 478 -17.90 17.97 41.81
N PHE D 479 -19.02 17.59 42.41
CA PHE D 479 -19.77 16.34 42.12
C PHE D 479 -20.32 16.23 40.70
N PRO D 480 -20.69 15.00 40.28
CA PRO D 480 -21.32 14.81 38.96
C PRO D 480 -22.81 15.14 39.00
N GLU D 481 -23.39 15.32 37.81
CA GLU D 481 -24.81 15.63 37.67
C GLU D 481 -25.67 14.61 38.43
N SER D 482 -25.49 13.33 38.11
CA SER D 482 -26.34 12.25 38.60
C SER D 482 -26.28 12.06 40.12
N VAL D 483 -25.18 12.47 40.72
CA VAL D 483 -24.98 12.28 42.17
C VAL D 483 -25.82 13.25 43.00
N VAL D 484 -25.85 14.52 42.60
CA VAL D 484 -26.71 15.52 43.25
C VAL D 484 -28.16 15.10 43.09
N SER D 485 -28.59 14.92 41.85
CA SER D 485 -29.91 14.39 41.52
C SER D 485 -30.35 13.27 42.48
N MET D 486 -29.62 12.15 42.50
CA MET D 486 -29.98 11.00 43.35
C MET D 486 -30.08 11.40 44.82
N LEU D 487 -29.06 12.11 45.31
CA LEU D 487 -28.97 12.49 46.71
C LEU D 487 -30.11 13.45 47.08
N LYS D 488 -30.62 14.19 46.10
CA LYS D 488 -31.75 15.11 46.33
C LYS D 488 -33.04 14.37 46.64
N GLY D 489 -33.24 13.26 45.92
CA GLY D 489 -34.40 12.38 46.11
C GLY D 489 -34.96 11.80 44.83
N ASP D 490 -34.27 12.10 43.72
CA ASP D 490 -34.77 11.82 42.36
C ASP D 490 -34.88 10.35 41.95
N LEU D 491 -33.91 9.53 42.31
CA LEU D 491 -33.95 8.09 41.97
C LEU D 491 -34.92 7.34 42.89
N GLY D 492 -35.22 7.93 44.05
CA GLY D 492 -36.11 7.34 45.05
C GLY D 492 -35.63 7.55 46.47
N GLN D 493 -36.14 6.74 47.40
CA GLN D 493 -35.77 6.80 48.82
C GLN D 493 -35.40 5.42 49.38
N PRO D 494 -34.19 5.29 49.94
CA PRO D 494 -33.70 4.05 50.55
C PRO D 494 -34.12 3.89 52.01
N PRO D 495 -34.04 2.64 52.53
CA PRO D 495 -34.28 2.30 53.92
C PRO D 495 -34.02 3.42 54.95
N SER D 496 -32.77 3.82 55.15
CA SER D 496 -32.49 4.85 56.18
C SER D 496 -32.38 6.25 55.59
N GLY D 497 -32.56 6.34 54.27
CA GLY D 497 -32.43 7.58 53.54
C GLY D 497 -30.98 7.81 53.16
N TRP D 498 -30.69 9.04 52.74
CA TRP D 498 -29.34 9.44 52.39
C TRP D 498 -28.64 10.02 53.57
N PRO D 499 -27.34 9.67 53.75
CA PRO D 499 -26.53 10.22 54.86
C PRO D 499 -26.63 11.76 54.97
N GLU D 500 -26.85 12.27 56.18
CA GLU D 500 -26.92 13.71 56.41
C GLU D 500 -25.70 14.41 55.80
N ALA D 501 -24.51 14.00 56.26
CA ALA D 501 -23.23 14.59 55.83
C ALA D 501 -23.08 14.66 54.33
N LEU D 502 -23.22 13.50 53.68
CA LEU D 502 -23.06 13.37 52.22
C LEU D 502 -24.07 14.22 51.45
N GLN D 503 -25.25 14.41 52.03
CA GLN D 503 -26.27 15.26 51.45
C GLN D 503 -25.90 16.74 51.54
N LYS D 504 -25.53 17.17 52.74
CA LYS D 504 -25.23 18.60 53.01
C LYS D 504 -24.19 19.19 52.06
N LYS D 505 -23.11 18.45 51.81
CA LYS D 505 -22.04 18.93 50.95
C LYS D 505 -22.44 18.85 49.49
N ALA D 506 -23.20 17.81 49.16
CA ALA D 506 -23.58 17.48 47.78
C ALA D 506 -24.41 18.56 47.09
N LEU D 507 -25.48 18.96 47.75
CA LEU D 507 -26.43 19.90 47.18
C LEU D 507 -26.04 21.35 47.47
N LYS D 508 -25.15 21.52 48.45
CA LYS D 508 -24.52 22.83 48.78
C LYS D 508 -25.47 23.96 49.25
N GLY D 509 -26.72 23.92 48.77
CA GLY D 509 -27.73 24.92 49.12
C GLY D 509 -29.14 24.40 48.98
N GLU D 510 -29.39 23.62 47.92
CA GLU D 510 -30.71 23.07 47.57
C GLU D 510 -31.35 22.18 48.66
N LYS D 511 -32.67 22.11 48.64
CA LYS D 511 -33.45 21.32 49.62
C LYS D 511 -33.91 19.98 49.05
N PRO D 512 -33.64 18.87 49.78
CA PRO D 512 -34.07 17.53 49.40
C PRO D 512 -35.56 17.30 49.54
N TYR D 513 -36.07 16.30 48.83
CA TYR D 513 -37.44 15.84 49.03
C TYR D 513 -37.50 14.35 49.27
N THR D 514 -38.46 13.94 50.10
CA THR D 514 -38.58 12.55 50.50
C THR D 514 -39.82 11.85 49.94
N VAL D 515 -40.70 12.61 49.28
CA VAL D 515 -41.92 12.06 48.67
C VAL D 515 -41.60 11.38 47.33
N ARG D 516 -42.54 10.56 46.87
CA ARG D 516 -42.43 9.85 45.59
C ARG D 516 -42.25 10.86 44.46
N PRO D 517 -41.16 10.71 43.67
CA PRO D 517 -40.83 11.66 42.60
C PRO D 517 -41.96 11.92 41.60
N GLY D 518 -42.63 10.84 41.17
CA GLY D 518 -43.72 10.92 40.21
C GLY D 518 -44.99 11.58 40.71
N SER D 519 -45.02 11.90 42.00
CA SER D 519 -46.13 12.64 42.59
C SER D 519 -45.88 14.15 42.50
N LEU D 520 -44.65 14.52 42.14
CA LEU D 520 -44.28 15.94 41.99
C LEU D 520 -44.39 16.44 40.54
N LEU D 521 -44.18 15.54 39.58
CA LEU D 521 -44.38 15.84 38.16
C LEU D 521 -45.88 15.75 37.82
N LYS D 522 -46.46 16.87 37.42
CA LYS D 522 -47.90 16.98 37.14
C LYS D 522 -48.34 16.10 35.97
N GLU D 523 -49.59 15.64 36.02
CA GLU D 523 -50.18 14.83 34.95
C GLU D 523 -50.08 15.55 33.61
N ALA D 524 -49.35 14.95 32.67
CA ALA D 524 -49.12 15.55 31.35
C ALA D 524 -50.36 15.54 30.48
N ASP D 525 -50.54 16.61 29.70
CA ASP D 525 -51.69 16.73 28.81
C ASP D 525 -51.47 15.88 27.56
N LEU D 526 -51.73 14.57 27.69
CA LEU D 526 -51.46 13.60 26.63
C LEU D 526 -52.27 13.83 25.33
N ASP D 527 -53.20 14.78 25.36
CA ASP D 527 -53.95 15.14 24.15
C ASP D 527 -53.25 16.24 23.35
N ALA D 528 -52.67 17.20 24.06
CA ALA D 528 -51.92 18.27 23.43
C ALA D 528 -50.44 17.88 23.23
N GLU D 529 -49.98 16.90 24.01
CA GLU D 529 -48.64 16.34 23.84
C GLU D 529 -48.55 15.57 22.53
N ARG D 530 -49.66 14.93 22.17
CA ARG D 530 -49.74 14.20 20.91
C ARG D 530 -49.67 15.17 19.72
N LYS D 531 -50.25 16.36 19.90
CA LYS D 531 -50.31 17.37 18.85
C LYS D 531 -48.92 17.81 18.38
N VAL D 532 -48.00 17.97 19.31
CA VAL D 532 -46.66 18.48 18.98
C VAL D 532 -45.81 17.42 18.24
N ILE D 533 -45.94 16.16 18.64
CA ILE D 533 -45.26 15.06 17.95
C ILE D 533 -45.79 14.87 16.53
N GLU D 534 -47.08 15.14 16.34
CA GLU D 534 -47.72 15.05 15.04
C GLU D 534 -47.45 16.28 14.18
N LYS D 535 -47.10 17.41 14.82
CA LYS D 535 -46.79 18.67 14.12
C LYS D 535 -45.38 18.65 13.51
N LYS D 536 -44.38 18.28 14.32
CA LYS D 536 -43.02 18.06 13.83
C LYS D 536 -43.00 17.01 12.72
N LEU D 537 -43.53 15.82 13.02
CA LEU D 537 -43.53 14.69 12.08
C LEU D 537 -44.55 14.83 10.93
N GLU D 538 -45.29 15.94 10.90
CA GLU D 538 -46.24 16.24 9.81
C GLU D 538 -47.02 15.02 9.32
N ARG D 539 -47.67 14.33 10.26
CA ARG D 539 -48.37 13.06 10.02
C ARG D 539 -49.01 12.59 11.31
N GLU D 540 -50.20 12.00 11.22
CA GLU D 540 -50.85 11.35 12.36
C GLU D 540 -50.00 10.13 12.77
N VAL D 541 -49.85 9.91 14.08
CA VAL D 541 -49.05 8.78 14.58
C VAL D 541 -49.90 7.72 15.30
N SER D 542 -49.37 6.50 15.45
CA SER D 542 -50.06 5.41 16.19
C SER D 542 -49.80 5.45 17.70
N ASP D 543 -50.63 4.74 18.45
CA ASP D 543 -50.55 4.71 19.92
C ASP D 543 -49.24 4.10 20.45
N PHE D 544 -48.74 3.08 19.74
CA PHE D 544 -47.45 2.48 20.05
C PHE D 544 -46.32 3.48 19.78
N GLU D 545 -46.51 4.30 18.75
CA GLU D 545 -45.57 5.38 18.41
C GLU D 545 -45.61 6.55 19.41
N PHE D 546 -46.82 6.94 19.82
CA PHE D 546 -46.99 7.93 20.88
C PHE D 546 -46.37 7.39 22.16
N ALA D 547 -46.45 6.08 22.36
CA ALA D 547 -45.79 5.40 23.49
C ALA D 547 -44.26 5.46 23.36
N SER D 548 -43.76 5.15 22.18
CA SER D 548 -42.34 5.30 21.89
C SER D 548 -41.88 6.73 22.19
N TYR D 549 -42.74 7.69 21.84
CA TYR D 549 -42.38 9.10 21.90
C TYR D 549 -42.37 9.64 23.32
N LEU D 550 -43.27 9.13 24.16
CA LEU D 550 -43.34 9.57 25.54
C LEU D 550 -42.15 9.06 26.34
N MET D 551 -41.62 7.91 25.92
CA MET D 551 -40.46 7.25 26.55
C MET D 551 -39.12 7.84 26.13
N TYR D 552 -39.04 8.25 24.87
CA TYR D 552 -37.80 8.73 24.29
C TYR D 552 -38.14 9.72 23.19
N PRO D 553 -38.46 10.98 23.57
CA PRO D 553 -38.87 11.94 22.55
C PRO D 553 -37.83 12.08 21.44
N LYS D 554 -36.59 12.36 21.82
CA LYS D 554 -35.51 12.56 20.86
C LYS D 554 -35.28 11.30 20.04
N VAL D 555 -35.04 10.18 20.72
CA VAL D 555 -34.71 8.92 20.01
C VAL D 555 -35.78 8.52 18.99
N PHE D 556 -37.03 8.53 19.43
CA PHE D 556 -38.13 8.22 18.52
C PHE D 556 -38.17 9.18 17.33
N THR D 557 -38.22 10.47 17.62
CA THR D 557 -38.26 11.52 16.61
C THR D 557 -37.24 11.26 15.50
N ASP D 558 -36.00 11.02 15.91
CA ASP D 558 -34.93 10.74 14.97
C ASP D 558 -35.21 9.45 14.20
N PHE D 559 -35.73 8.44 14.90
CA PHE D 559 -36.09 7.16 14.28
C PHE D 559 -37.14 7.32 13.17
N ALA D 560 -38.21 8.09 13.47
CA ALA D 560 -39.25 8.37 12.50
C ALA D 560 -38.64 8.91 11.22
N LEU D 561 -37.70 9.84 11.39
CA LEU D 561 -37.00 10.46 10.26
C LEU D 561 -36.19 9.44 9.49
N ALA D 562 -35.44 8.59 10.20
CA ALA D 562 -34.61 7.60 9.55
C ALA D 562 -35.45 6.55 8.83
N SER D 563 -36.53 6.13 9.51
CA SER D 563 -37.55 5.25 8.94
C SER D 563 -38.11 5.81 7.62
N ASP D 564 -38.34 7.12 7.57
CA ASP D 564 -38.76 7.78 6.33
C ASP D 564 -37.69 7.77 5.23
N THR D 565 -36.42 7.89 5.61
CA THR D 565 -35.35 7.96 4.61
C THR D 565 -35.01 6.59 4.05
N TYR D 566 -34.92 5.59 4.91
CA TYR D 566 -34.45 4.28 4.49
C TYR D 566 -35.49 3.15 4.44
N GLY D 567 -36.69 3.40 4.94
CA GLY D 567 -37.79 2.42 4.89
C GLY D 567 -37.80 1.41 6.03
N PRO D 568 -38.12 0.14 5.72
CA PRO D 568 -38.18 -0.88 6.75
C PRO D 568 -36.90 -1.74 6.76
N VAL D 569 -35.77 -1.12 7.10
CA VAL D 569 -34.48 -1.81 7.16
C VAL D 569 -34.52 -3.03 8.08
N SER D 570 -35.46 -3.02 9.02
CA SER D 570 -35.73 -4.17 9.88
C SER D 570 -35.61 -5.50 9.14
N VAL D 571 -36.15 -5.54 7.92
CA VAL D 571 -36.26 -6.80 7.19
C VAL D 571 -34.95 -7.29 6.57
N LEU D 572 -33.90 -6.51 6.64
CA LEU D 572 -32.63 -6.97 6.10
C LEU D 572 -32.01 -8.04 7.00
N PRO D 573 -31.27 -9.00 6.40
CA PRO D 573 -30.44 -9.87 7.22
C PRO D 573 -29.26 -9.09 7.79
N THR D 574 -28.81 -9.48 8.98
CA THR D 574 -27.75 -8.78 9.73
C THR D 574 -26.46 -8.45 8.96
N PRO D 575 -25.78 -9.48 8.39
CA PRO D 575 -24.52 -9.18 7.69
C PRO D 575 -24.70 -8.03 6.73
N ALA D 576 -25.87 -8.00 6.08
CA ALA D 576 -26.21 -7.01 5.06
C ALA D 576 -26.50 -5.63 5.67
N TYR D 577 -27.15 -5.61 6.84
CA TYR D 577 -27.45 -4.36 7.53
C TYR D 577 -26.21 -3.64 8.06
N PHE D 578 -25.19 -4.39 8.49
CA PHE D 578 -24.01 -3.76 9.11
C PHE D 578 -22.88 -3.47 8.15
N TYR D 579 -22.90 -4.13 6.98
CA TYR D 579 -21.78 -4.14 6.05
C TYR D 579 -22.15 -3.97 4.57
N GLY D 580 -23.44 -3.77 4.30
CA GLY D 580 -23.92 -3.63 2.92
C GLY D 580 -23.72 -4.92 2.15
N LEU D 581 -23.53 -4.82 0.84
CA LEU D 581 -23.33 -6.00 0.04
C LEU D 581 -21.97 -5.97 -0.62
N ALA D 582 -21.29 -7.11 -0.59
CA ALA D 582 -20.03 -7.28 -1.30
C ALA D 582 -20.24 -7.17 -2.80
N ASP D 583 -19.17 -6.82 -3.52
CA ASP D 583 -19.24 -6.63 -4.98
C ASP D 583 -19.65 -7.93 -5.68
N GLY D 584 -20.83 -7.93 -6.31
CA GLY D 584 -21.38 -9.12 -6.98
C GLY D 584 -22.29 -10.00 -6.12
N GLU D 585 -22.36 -9.71 -4.82
CA GLU D 585 -23.19 -10.47 -3.89
C GLU D 585 -24.68 -10.38 -4.23
N GLU D 586 -25.37 -11.51 -4.07
CA GLU D 586 -26.82 -11.59 -4.25
C GLU D 586 -27.52 -11.59 -2.90
N LEU D 587 -28.68 -10.93 -2.82
CA LEU D 587 -29.46 -10.85 -1.59
C LEU D 587 -30.95 -11.16 -1.81
N PHE D 588 -31.57 -11.81 -0.84
CA PHE D 588 -33.01 -12.12 -0.88
C PHE D 588 -33.65 -11.49 0.34
N ALA D 589 -34.51 -10.50 0.13
CA ALA D 589 -35.14 -9.83 1.26
C ALA D 589 -36.65 -9.66 1.07
N ASP D 590 -37.39 -9.80 2.17
CA ASP D 590 -38.85 -9.76 2.15
C ASP D 590 -39.46 -8.47 2.73
N ILE D 591 -39.90 -7.56 1.86
CA ILE D 591 -40.69 -6.42 2.34
C ILE D 591 -42.06 -6.95 2.69
N GLU D 592 -42.93 -7.12 1.69
CA GLU D 592 -44.25 -7.72 1.91
C GLU D 592 -44.11 -9.15 2.43
N LYS D 593 -45.22 -9.71 2.90
CA LYS D 593 -45.21 -11.05 3.48
C LYS D 593 -44.93 -12.07 2.39
N GLY D 594 -45.67 -11.97 1.29
CA GLY D 594 -45.54 -12.90 0.19
C GLY D 594 -44.57 -12.48 -0.89
N LYS D 595 -43.95 -11.31 -0.72
CA LYS D 595 -43.05 -10.77 -1.73
C LYS D 595 -41.56 -10.80 -1.31
N THR D 596 -40.76 -11.46 -2.14
CA THR D 596 -39.31 -11.47 -2.01
C THR D 596 -38.69 -10.64 -3.12
N LEU D 597 -37.73 -9.79 -2.72
CA LEU D 597 -36.91 -9.02 -3.64
C LEU D 597 -35.57 -9.71 -3.80
N VAL D 598 -35.01 -9.58 -4.99
CA VAL D 598 -33.68 -10.10 -5.30
C VAL D 598 -32.82 -8.92 -5.71
N ILE D 599 -32.00 -8.47 -4.76
CA ILE D 599 -31.09 -7.34 -4.93
C ILE D 599 -29.67 -7.87 -5.17
N VAL D 600 -29.03 -7.36 -6.22
CA VAL D 600 -27.63 -7.70 -6.54
C VAL D 600 -26.83 -6.41 -6.67
N ASN D 601 -25.74 -6.34 -5.92
CA ASN D 601 -24.79 -5.26 -6.03
C ASN D 601 -23.83 -5.56 -7.19
N GLN D 602 -24.08 -4.93 -8.34
CA GLN D 602 -23.36 -5.24 -9.58
C GLN D 602 -22.03 -4.52 -9.69
N ALA D 603 -21.98 -3.30 -9.14
CA ALA D 603 -20.79 -2.43 -9.25
C ALA D 603 -20.98 -1.11 -8.49
N VAL D 604 -19.84 -0.49 -8.13
CA VAL D 604 -19.86 0.77 -7.41
C VAL D 604 -18.94 1.75 -8.10
N SER D 605 -19.44 2.94 -8.43
CA SER D 605 -18.67 3.96 -9.15
C SER D 605 -17.60 4.64 -8.30
N ALA D 606 -16.83 5.52 -8.94
CA ALA D 606 -15.94 6.46 -8.25
C ALA D 606 -16.77 7.60 -7.63
N THR D 607 -16.11 8.53 -6.93
CA THR D 607 -16.82 9.67 -6.35
C THR D 607 -16.96 10.84 -7.34
N ASP D 608 -18.20 11.23 -7.61
CA ASP D 608 -18.51 12.17 -8.69
C ASP D 608 -18.39 13.65 -8.31
N SER D 609 -18.71 14.52 -9.29
CA SER D 609 -18.64 15.99 -9.19
C SER D 609 -19.22 16.59 -7.91
N GLN D 610 -20.43 16.17 -7.58
CA GLN D 610 -21.14 16.67 -6.42
C GLN D 610 -20.53 16.12 -5.13
N GLY D 611 -19.84 14.99 -5.24
CA GLY D 611 -19.35 14.25 -4.08
C GLY D 611 -20.24 13.05 -3.80
N MET D 612 -21.07 12.70 -4.78
CA MET D 612 -21.97 11.56 -4.70
C MET D 612 -21.30 10.30 -5.21
N VAL D 613 -21.83 9.15 -4.83
CA VAL D 613 -21.36 7.86 -5.36
C VAL D 613 -22.56 7.04 -5.87
N THR D 614 -22.46 6.55 -7.10
CA THR D 614 -23.53 5.77 -7.72
C THR D 614 -23.30 4.26 -7.50
N VAL D 615 -24.26 3.61 -6.85
CA VAL D 615 -24.24 2.16 -6.70
C VAL D 615 -25.12 1.51 -7.78
N PHE D 616 -24.57 0.51 -8.45
CA PHE D 616 -25.22 -0.14 -9.58
C PHE D 616 -25.88 -1.48 -9.21
N PHE D 617 -27.19 -1.43 -8.98
CA PHE D 617 -27.94 -2.60 -8.59
C PHE D 617 -28.55 -3.36 -9.76
N GLU D 618 -28.99 -4.58 -9.46
CA GLU D 618 -30.00 -5.26 -10.25
C GLU D 618 -31.11 -5.73 -9.29
N LEU D 619 -32.32 -5.23 -9.50
CA LEU D 619 -33.46 -5.55 -8.64
C LEU D 619 -34.50 -6.29 -9.46
N ASN D 620 -34.84 -7.50 -9.03
CA ASN D 620 -35.66 -8.42 -9.85
C ASN D 620 -35.39 -8.22 -11.34
N GLY D 621 -34.17 -8.49 -11.78
CA GLY D 621 -33.82 -8.41 -13.20
C GLY D 621 -34.04 -7.06 -13.88
N GLN D 622 -34.14 -6.00 -13.08
CA GLN D 622 -34.16 -4.64 -13.62
C GLN D 622 -33.06 -3.78 -12.98
N PRO D 623 -32.22 -3.15 -13.82
CA PRO D 623 -31.15 -2.27 -13.35
C PRO D 623 -31.67 -1.03 -12.63
N ARG D 624 -30.99 -0.62 -11.56
CA ARG D 624 -31.33 0.58 -10.81
C ARG D 624 -30.06 1.35 -10.50
N ARG D 625 -30.16 2.66 -10.35
CA ARG D 625 -29.00 3.51 -10.05
C ARG D 625 -29.25 4.34 -8.80
N ILE D 626 -28.47 4.06 -7.75
CA ILE D 626 -28.66 4.75 -6.46
C ILE D 626 -27.45 5.60 -6.07
N LYS D 627 -27.69 6.89 -5.84
CA LYS D 627 -26.66 7.85 -5.44
C LYS D 627 -26.69 8.15 -3.94
N VAL D 628 -25.53 8.16 -3.33
CA VAL D 628 -25.37 8.48 -1.90
C VAL D 628 -24.08 9.26 -1.72
N PRO D 629 -24.05 10.16 -0.71
CA PRO D 629 -22.86 11.00 -0.54
C PRO D 629 -21.67 10.21 -0.01
N ASP D 630 -20.47 10.54 -0.47
CA ASP D 630 -19.25 10.00 0.10
C ASP D 630 -18.97 10.78 1.37
N ARG D 631 -19.11 10.10 2.50
CA ARG D 631 -18.96 10.73 3.80
C ARG D 631 -17.53 10.59 4.32
N ALA D 632 -16.74 9.77 3.63
CA ALA D 632 -15.37 9.46 4.07
C ALA D 632 -14.42 10.66 3.98
C PYR E . 23.67 34.65 -17.83
O PYR E . 23.16 33.86 -16.98
OXT PYR E . 24.39 35.61 -17.46
CA PYR E . 23.46 34.45 -19.27
O3 PYR E . 23.72 33.37 -19.76
CB PYR E . 22.94 35.58 -20.13
ZN ZN F . 24.60 31.82 -24.14
MG MG G . 41.16 35.09 -37.55
C PYR H . -3.16 -35.25 29.95
O PYR H . -2.79 -36.44 30.12
OXT PYR H . -2.46 -34.46 29.26
CA PYR H . -4.43 -34.79 30.58
O3 PYR H . -4.41 -33.79 31.27
CB PYR H . -5.71 -35.54 30.37
ZN ZN I . -8.17 -32.07 34.10
MG MG J . -11.14 -34.71 55.45
C1 GOL K . 18.73 20.91 -32.36
O1 GOL K . 19.96 21.39 -32.88
C2 GOL K . 18.85 19.43 -32.59
O2 GOL K . 17.82 18.76 -31.85
C3 GOL K . 18.78 19.29 -34.11
O3 GOL K . 18.99 17.93 -34.53
ZN ZN L . 14.22 8.90 -44.23
MG MG M . 13.22 24.49 -59.42
ZN ZN N . -30.57 -9.45 34.37
MG MG O . -44.57 -25.02 41.79
#